data_5AE1
#
_entry.id   5AE1
#
_cell.length_a   60.790
_cell.length_b   99.020
_cell.length_c   107.020
_cell.angle_alpha   90.64
_cell.angle_beta   89.96
_cell.angle_gamma   95.49
#
_symmetry.space_group_name_H-M   'P 1'
#
loop_
_entity.id
_entity.type
_entity.pdbx_description
1 polymer 'ALKYLDIHYDROXYACETONEPHOSPHATE SYNTHASE, PEROXISOMAL'
2 non-polymer (3-(2-FLUOROPHENYL)-N-(1-(2-OXO-2,3-DIHYDRO-1H-BENZO[D]IMIDAZOL-5-YL)ETHYL)BUTANAMIDE)
3 non-polymer 'FLAVIN-ADENINE DINUCLEOTIDE'
4 non-polymer 'SULFATE ION'
5 water water
#
_entity_poly.entity_id   1
_entity_poly.type   'polypeptide(L)'
_entity_poly.pdbx_seq_one_letter_code
;MAEAAAAAAAAAAAGETSASSGSAAERDPDQDRAGRRLRVLSGHLLGRPQEALSTNECKARRAASAATAAPTATPAAPES
GIIPKKRQELMKWNGWGYNDSKFFLNKKGQLELTGKRYPLSGVALPTFKDWIQNTFGINLDHKTTSKASLNPSDTPPSIV
NEDFLHELKKTNISYSQEADDRVFRAHGHCLHEIFLLREGMFERIPDIVLWPTCHDDVVKIVNLACKYNLCIIPIGGGTS
VSYGLMCPADETRTIISLDTSQMNRILWVDENNLTAHVEAGITGQELERQLKESGYCTGHEPDSLEFSTVGGWISTRASG
MKKNIYGNIEDLVVHMKVVTPRGVIEKSCQGPRMSTGPDIHHFIMGSEGTLGVITEATIKIRPTPEYQKYGSVAFPNFEQ
GVACLREIAKQRCAPASIRLMDNQQFQFGHALKPQVSSIFTSFLDGLKKFYITKFKGFDPNQLSVATLLFEGDREKVLQH
EKQVYDIAAKFGGLAAGEDNGQRGYLLTYVIAYMRDLGLEYYIIGESFETSAPWDRVVDLCRNVKERIRRECKEKGVQFP
PLSTCRVTQTYDAGACIYFYFAFNYRGISDPLAVFEQTEAAAREEILANGGSLSHHHGVGKLRKQWLKESISDVGFGMLK
SVKDYVDPTNIFGNRNLL
;
_entity_poly.pdbx_strand_id   A,B,C,D
#
# COMPACT_ATOMS: atom_id res chain seq x y z
N GLY A 81 19.73 5.21 19.25
CA GLY A 81 19.30 6.59 18.82
C GLY A 81 20.25 7.32 17.86
N ILE A 82 21.56 7.10 18.05
CA ILE A 82 22.63 7.44 17.08
C ILE A 82 22.59 6.57 15.80
N ILE A 83 22.53 7.22 14.65
CA ILE A 83 22.63 6.54 13.37
C ILE A 83 24.06 5.95 13.23
N PRO A 84 24.22 4.62 13.00
CA PRO A 84 25.60 4.07 12.89
C PRO A 84 26.14 4.43 11.53
N LYS A 85 27.44 4.38 11.35
CA LYS A 85 28.07 4.76 10.07
C LYS A 85 27.67 3.90 8.89
N LYS A 86 27.66 2.56 9.08
CA LYS A 86 27.18 1.67 8.06
C LYS A 86 25.69 1.51 8.33
N ARG A 87 24.86 2.32 7.64
CA ARG A 87 23.46 2.48 8.06
C ARG A 87 22.62 1.21 7.84
N GLN A 88 22.97 0.51 6.77
CA GLN A 88 22.24 -0.70 6.32
C GLN A 88 22.23 -1.89 7.31
N GLU A 89 23.21 -1.93 8.21
CA GLU A 89 23.18 -2.74 9.43
C GLU A 89 21.90 -2.58 10.25
N LEU A 90 21.30 -1.40 10.26
CA LEU A 90 20.14 -1.11 11.10
C LEU A 90 18.89 -0.76 10.27
N MET A 91 19.12 -0.05 9.18
CA MET A 91 18.09 0.53 8.37
C MET A 91 18.03 -0.17 7.05
N LYS A 92 16.87 -0.13 6.40
CA LYS A 92 16.66 -0.83 5.15
C LYS A 92 17.38 -0.06 4.07
N TRP A 93 18.12 -0.76 3.22
CA TRP A 93 18.84 -0.12 2.14
C TRP A 93 17.90 0.32 1.02
N ASN A 94 16.71 -0.26 0.93
CA ASN A 94 15.84 -0.03 -0.22
C ASN A 94 14.49 0.55 0.14
N GLY A 95 14.33 0.99 1.38
CA GLY A 95 13.10 1.65 1.76
C GLY A 95 13.15 2.31 3.11
N TRP A 96 11.97 2.74 3.60
CA TRP A 96 11.87 3.45 4.88
C TRP A 96 12.19 2.55 6.07
N GLY A 97 12.92 3.09 7.03
CA GLY A 97 12.84 2.60 8.40
C GLY A 97 13.81 1.52 8.76
N TYR A 98 13.53 0.86 9.86
CA TYR A 98 14.39 -0.22 10.39
C TYR A 98 14.24 -1.59 9.69
N ASN A 99 15.35 -2.30 9.54
CA ASN A 99 15.37 -3.65 8.96
C ASN A 99 14.42 -4.60 9.66
N ASP A 100 14.19 -4.39 10.94
CA ASP A 100 13.37 -5.32 11.75
C ASP A 100 11.87 -5.06 11.70
N SER A 101 11.42 -4.20 10.77
CA SER A 101 10.08 -3.66 10.80
C SER A 101 9.53 -3.62 9.38
N LYS A 102 8.64 -4.58 9.09
CA LYS A 102 7.96 -4.68 7.80
C LYS A 102 6.63 -5.39 7.97
N PHE A 103 5.71 -5.09 7.06
CA PHE A 103 4.44 -5.73 7.04
C PHE A 103 4.61 -7.08 6.35
N PHE A 104 4.00 -8.11 6.92
CA PHE A 104 3.95 -9.51 6.37
C PHE A 104 2.57 -10.10 6.74
N LEU A 105 2.19 -11.19 6.05
CA LEU A 105 0.98 -11.94 6.35
C LEU A 105 1.34 -12.89 7.39
N ASN A 106 0.58 -12.96 8.46
CA ASN A 106 0.90 -13.89 9.52
C ASN A 106 0.34 -15.26 9.16
N LYS A 107 0.48 -16.21 10.09
CA LYS A 107 0.02 -17.57 9.86
C LYS A 107 -1.46 -17.70 9.76
N LYS A 108 -2.22 -16.65 10.11
CA LYS A 108 -3.65 -16.65 9.78
C LYS A 108 -4.00 -15.85 8.56
N GLY A 109 -3.01 -15.44 7.75
CA GLY A 109 -3.27 -14.59 6.59
C GLY A 109 -3.69 -13.15 6.90
N GLN A 110 -3.28 -12.66 8.08
CA GLN A 110 -3.57 -11.26 8.48
C GLN A 110 -2.34 -10.40 8.44
N LEU A 111 -2.47 -9.19 7.93
CA LEU A 111 -1.33 -8.28 7.96
C LEU A 111 -0.90 -7.98 9.39
N GLU A 112 0.43 -7.88 9.54
CA GLU A 112 1.06 -7.64 10.82
C GLU A 112 2.49 -7.10 10.57
N LEU A 113 2.96 -6.28 11.51
CA LEU A 113 4.26 -5.71 11.46
C LEU A 113 5.20 -6.56 12.27
N THR A 114 6.36 -6.85 11.71
CA THR A 114 7.36 -7.65 12.41
C THR A 114 7.99 -6.82 13.47
N GLY A 115 8.79 -7.46 14.29
CA GLY A 115 9.61 -6.82 15.31
C GLY A 115 8.81 -6.38 16.51
N LYS A 116 9.46 -5.64 17.40
CA LYS A 116 8.87 -5.18 18.64
C LYS A 116 9.14 -3.67 18.89
N ARG A 117 9.44 -2.95 17.83
CA ARG A 117 9.85 -1.55 17.91
C ARG A 117 8.71 -0.56 18.22
N TYR A 118 7.53 -0.74 17.65
CA TYR A 118 6.44 0.22 17.80
C TYR A 118 5.33 -0.48 18.58
N PRO A 119 4.41 0.27 19.18
CA PRO A 119 3.32 -0.46 19.90
C PRO A 119 2.33 -1.26 19.04
N LEU A 120 2.29 -0.97 17.75
CA LEU A 120 1.55 -1.77 16.81
C LEU A 120 2.39 -2.97 16.29
N SER A 121 3.69 -3.05 16.63
CA SER A 121 4.51 -4.16 16.20
C SER A 121 3.95 -5.46 16.80
N GLY A 122 3.82 -6.46 15.95
CA GLY A 122 3.32 -7.78 16.35
C GLY A 122 1.85 -7.83 16.70
N VAL A 123 1.06 -6.95 16.11
CA VAL A 123 -0.39 -6.91 16.35
C VAL A 123 -1.11 -7.19 15.03
N ALA A 124 -1.94 -8.21 15.03
CA ALA A 124 -2.63 -8.61 13.81
C ALA A 124 -3.62 -7.53 13.49
N LEU A 125 -3.70 -7.19 12.21
CA LEU A 125 -4.62 -6.23 11.69
C LEU A 125 -5.55 -7.05 10.76
N PRO A 126 -6.57 -7.72 11.32
CA PRO A 126 -7.42 -8.64 10.59
C PRO A 126 -8.26 -8.04 9.48
N THR A 127 -8.68 -6.79 9.61
CA THR A 127 -9.42 -6.16 8.50
C THR A 127 -8.58 -5.42 7.45
N PHE A 128 -7.27 -5.31 7.67
CA PHE A 128 -6.45 -4.45 6.81
C PHE A 128 -6.36 -4.94 5.33
N LYS A 129 -6.15 -6.24 5.15
CA LYS A 129 -6.13 -6.87 3.81
C LYS A 129 -7.36 -6.59 2.98
N ASP A 130 -8.50 -6.75 3.61
CA ASP A 130 -9.79 -6.44 2.98
C ASP A 130 -9.89 -4.99 2.51
N TRP A 131 -9.46 -4.05 3.37
CA TRP A 131 -9.52 -2.66 3.04
C TRP A 131 -8.55 -2.44 1.87
N ILE A 132 -7.38 -3.05 1.92
CA ILE A 132 -6.47 -2.93 0.74
C ILE A 132 -7.13 -3.41 -0.55
N GLN A 133 -7.73 -4.60 -0.46
CA GLN A 133 -8.38 -5.24 -1.62
C GLN A 133 -9.53 -4.40 -2.18
N ASN A 134 -10.45 -4.02 -1.30
CA ASN A 134 -11.52 -3.09 -1.64
C ASN A 134 -11.05 -1.76 -2.21
N THR A 135 -9.96 -1.21 -1.69
CA THR A 135 -9.51 0.09 -2.13
C THR A 135 -8.74 0.04 -3.46
N PHE A 136 -7.91 -0.96 -3.68
CA PHE A 136 -6.99 -0.95 -4.86
C PHE A 136 -7.23 -2.04 -5.93
N GLY A 137 -8.16 -2.94 -5.62
CA GLY A 137 -8.52 -4.06 -6.50
C GLY A 137 -7.42 -5.02 -6.88
N ILE A 138 -6.75 -5.54 -5.86
CA ILE A 138 -5.65 -6.50 -6.02
C ILE A 138 -5.90 -7.59 -4.99
N ASN A 139 -5.33 -8.76 -5.23
CA ASN A 139 -5.41 -9.88 -4.33
C ASN A 139 -4.08 -9.98 -3.63
N LEU A 140 -4.08 -9.91 -2.31
CA LEU A 140 -2.90 -10.23 -1.54
C LEU A 140 -2.70 -11.73 -1.49
N PRO A 156 29.83 1.90 -10.43
CA PRO A 156 30.09 3.29 -10.89
C PRO A 156 31.25 3.87 -10.09
N PRO A 157 32.46 4.00 -10.70
CA PRO A 157 33.70 4.01 -9.86
C PRO A 157 33.83 5.25 -8.97
N SER A 158 34.60 5.13 -7.88
CA SER A 158 34.90 6.28 -7.02
C SER A 158 36.06 7.14 -7.60
N ILE A 159 35.65 8.24 -8.28
CA ILE A 159 36.55 9.24 -8.91
C ILE A 159 37.03 10.26 -7.87
N VAL A 160 38.26 10.09 -7.30
CA VAL A 160 38.83 10.96 -6.20
C VAL A 160 40.36 11.27 -6.19
N ASN A 161 40.71 12.55 -6.11
CA ASN A 161 42.10 13.04 -6.07
C ASN A 161 42.94 12.50 -4.92
N GLU A 162 44.10 11.98 -5.29
CA GLU A 162 45.01 11.34 -4.33
C GLU A 162 45.62 12.37 -3.37
N ASP A 163 45.94 13.57 -3.84
CA ASP A 163 46.38 14.62 -2.91
C ASP A 163 45.33 14.91 -1.85
N PHE A 164 44.09 15.09 -2.29
CA PHE A 164 43.00 15.29 -1.31
C PHE A 164 42.91 14.10 -0.31
N LEU A 165 42.98 12.89 -0.85
CA LEU A 165 42.99 11.68 -0.05
C LEU A 165 44.06 11.73 1.01
N HIS A 166 45.27 12.03 0.57
CA HIS A 166 46.40 12.08 1.45
C HIS A 166 46.12 13.07 2.56
N GLU A 167 45.69 14.30 2.21
CA GLU A 167 45.36 15.31 3.24
C GLU A 167 44.22 14.90 4.15
N LEU A 168 43.26 14.20 3.58
CA LEU A 168 42.14 13.74 4.34
C LEU A 168 42.63 12.80 5.45
N LYS A 169 43.52 11.87 5.11
CA LYS A 169 44.07 10.93 6.14
C LYS A 169 44.72 11.59 7.37
N LYS A 170 45.39 12.72 7.17
CA LYS A 170 45.98 13.44 8.28
C LYS A 170 44.95 13.92 9.30
N THR A 171 43.73 14.23 8.85
CA THR A 171 42.68 14.75 9.76
C THR A 171 42.13 13.71 10.70
N ASN A 172 42.33 12.42 10.39
CA ASN A 172 41.67 11.32 11.13
C ASN A 172 40.13 11.34 10.97
N ILE A 173 39.62 12.10 10.00
CA ILE A 173 38.20 12.10 9.74
C ILE A 173 37.93 10.82 8.97
N SER A 174 37.02 10.06 9.52
CA SER A 174 36.61 8.82 8.96
C SER A 174 35.93 9.00 7.60
N TYR A 175 36.18 8.10 6.67
CA TYR A 175 35.58 8.20 5.33
C TYR A 175 35.38 6.85 4.68
N SER A 176 34.60 6.83 3.61
CA SER A 176 34.41 5.63 2.78
C SER A 176 34.15 5.95 1.31
N GLN A 177 34.76 5.16 0.44
CA GLN A 177 34.47 5.10 -1.00
C GLN A 177 33.70 3.86 -1.36
N GLU A 178 33.18 3.14 -0.37
CA GLU A 178 32.39 1.92 -0.64
C GLU A 178 31.05 2.25 -1.27
N ALA A 179 30.67 1.46 -2.27
CA ALA A 179 29.46 1.65 -3.04
C ALA A 179 28.20 1.64 -2.19
N ASP A 180 28.12 0.72 -1.23
CA ASP A 180 26.93 0.65 -0.41
C ASP A 180 26.78 1.93 0.44
N ASP A 181 27.88 2.48 0.95
CA ASP A 181 27.82 3.75 1.73
C ASP A 181 27.37 4.96 0.91
N ARG A 182 27.89 4.99 -0.34
CA ARG A 182 27.60 6.04 -1.28
C ARG A 182 26.17 5.97 -1.76
N VAL A 183 25.72 4.80 -2.15
CA VAL A 183 24.36 4.61 -2.60
C VAL A 183 23.33 4.94 -1.51
N PHE A 184 23.63 4.60 -0.27
CA PHE A 184 22.67 4.77 0.80
C PHE A 184 22.36 6.29 0.93
N ARG A 185 23.38 7.10 0.63
CA ARG A 185 23.34 8.53 0.82
C ARG A 185 23.03 9.26 -0.46
N ALA A 186 22.54 8.57 -1.48
CA ALA A 186 22.30 9.23 -2.78
C ALA A 186 20.85 9.61 -2.97
N HIS A 187 20.07 9.55 -1.91
CA HIS A 187 18.64 9.70 -2.08
C HIS A 187 17.93 9.97 -0.78
N GLY A 188 16.74 10.49 -0.90
CA GLY A 188 15.80 10.56 0.20
C GLY A 188 14.64 9.62 -0.07
N HIS A 189 13.43 10.07 0.22
CA HIS A 189 12.26 9.21 0.26
C HIS A 189 11.15 9.58 -0.65
N CYS A 190 11.51 10.16 -1.78
CA CYS A 190 10.57 10.31 -2.88
C CYS A 190 10.41 8.98 -3.67
N LEU A 191 9.22 8.81 -4.24
CA LEU A 191 8.83 7.51 -4.82
C LEU A 191 9.79 7.08 -5.92
N HIS A 192 10.05 7.96 -6.87
CA HIS A 192 11.06 7.77 -7.93
C HIS A 192 12.43 7.29 -7.42
N GLU A 193 12.88 7.89 -6.32
CA GLU A 193 14.13 7.47 -5.70
C GLU A 193 14.09 6.02 -5.23
N ILE A 194 13.00 5.64 -4.56
CA ILE A 194 12.82 4.28 -4.06
C ILE A 194 12.78 3.26 -5.19
N PHE A 195 12.13 3.59 -6.31
CA PHE A 195 12.21 2.72 -7.52
C PHE A 195 13.62 2.55 -8.08
N LEU A 196 14.37 3.63 -8.20
CA LEU A 196 15.73 3.52 -8.69
C LEU A 196 16.62 2.73 -7.75
N LEU A 197 16.27 2.68 -6.46
CA LEU A 197 16.97 1.80 -5.53
C LEU A 197 16.62 0.35 -5.80
N ARG A 198 15.32 0.08 -5.89
CA ARG A 198 14.79 -1.25 -6.16
C ARG A 198 15.24 -1.68 -7.56
N GLU A 199 14.47 -1.36 -8.61
CA GLU A 199 14.69 -1.90 -9.95
C GLU A 199 15.55 -1.02 -10.88
N GLY A 200 16.64 -0.42 -10.37
CA GLY A 200 17.53 0.36 -11.26
C GLY A 200 18.82 0.86 -10.64
N MET A 201 19.38 1.92 -11.22
CA MET A 201 20.47 2.62 -10.59
C MET A 201 20.46 4.15 -10.87
N PHE A 202 21.03 4.87 -9.93
CA PHE A 202 21.05 6.30 -9.96
C PHE A 202 22.03 6.69 -11.03
N GLU A 203 21.74 7.78 -11.71
CA GLU A 203 22.69 8.37 -12.62
C GLU A 203 23.96 8.84 -11.91
N ARG A 204 23.84 9.40 -10.70
CA ARG A 204 25.00 9.95 -10.00
C ARG A 204 24.83 9.71 -8.54
N ILE A 205 25.92 9.34 -7.90
CA ILE A 205 25.97 9.10 -6.45
C ILE A 205 27.22 9.78 -5.91
N PRO A 206 27.26 10.01 -4.60
CA PRO A 206 28.46 10.58 -4.04
C PRO A 206 29.70 9.77 -4.33
N ASP A 207 30.85 10.42 -4.51
CA ASP A 207 32.11 9.73 -4.76
C ASP A 207 32.75 9.26 -3.48
N ILE A 208 32.50 10.01 -2.41
CA ILE A 208 33.08 9.71 -1.10
C ILE A 208 32.18 10.18 0.03
N VAL A 209 32.19 9.45 1.15
CA VAL A 209 31.37 9.79 2.31
C VAL A 209 32.34 10.14 3.42
N LEU A 210 32.16 11.30 4.06
CA LEU A 210 32.92 11.74 5.21
C LEU A 210 32.00 11.81 6.44
N TRP A 211 32.56 11.44 7.59
CA TRP A 211 31.90 11.55 8.87
C TRP A 211 32.63 12.48 9.84
N PRO A 212 32.44 13.79 9.68
CA PRO A 212 32.94 14.68 10.74
C PRO A 212 32.24 14.47 12.09
N THR A 213 33.02 14.66 13.15
CA THR A 213 32.52 14.49 14.49
C THR A 213 32.39 15.82 15.24
N CYS A 214 32.75 16.94 14.62
CA CYS A 214 32.62 18.23 15.30
C CYS A 214 32.71 19.38 14.31
N HIS A 215 32.42 20.57 14.83
CA HIS A 215 32.49 21.81 14.03
C HIS A 215 33.83 21.97 13.29
N ASP A 216 34.95 21.75 14.00
CA ASP A 216 36.29 21.92 13.42
C ASP A 216 36.57 20.95 12.30
N ASP A 217 36.10 19.72 12.42
CA ASP A 217 36.18 18.76 11.29
C ASP A 217 35.46 19.34 10.06
N VAL A 218 34.29 19.90 10.27
CA VAL A 218 33.55 20.44 9.10
C VAL A 218 34.33 21.58 8.43
N VAL A 219 34.93 22.47 9.23
CA VAL A 219 35.77 23.57 8.69
C VAL A 219 36.90 23.01 7.85
N LYS A 220 37.59 21.98 8.35
CA LYS A 220 38.62 21.30 7.56
C LYS A 220 38.10 20.77 6.26
N ILE A 221 36.98 20.10 6.31
CA ILE A 221 36.44 19.54 5.07
C ILE A 221 36.11 20.64 4.04
N VAL A 222 35.46 21.71 4.49
CA VAL A 222 35.06 22.77 3.58
C VAL A 222 36.30 23.44 2.94
N ASN A 223 37.35 23.62 3.73
CA ASN A 223 38.64 24.13 3.27
C ASN A 223 39.27 23.25 2.26
N LEU A 224 39.30 21.95 2.53
CA LEU A 224 39.73 21.02 1.46
C LEU A 224 38.88 21.09 0.17
N ALA A 225 37.57 21.29 0.30
CA ALA A 225 36.71 21.39 -0.89
C ALA A 225 37.04 22.62 -1.71
N CYS A 226 37.36 23.72 -1.04
CA CYS A 226 37.84 24.95 -1.73
C CYS A 226 39.16 24.66 -2.44
N LYS A 227 40.06 24.01 -1.74
CA LYS A 227 41.37 23.73 -2.33
C LYS A 227 41.32 22.77 -3.52
N TYR A 228 40.53 21.72 -3.43
CA TYR A 228 40.51 20.73 -4.51
C TYR A 228 39.32 20.77 -5.41
N ASN A 229 38.56 21.86 -5.34
CA ASN A 229 37.37 21.97 -6.18
C ASN A 229 36.38 20.80 -6.08
N LEU A 230 35.98 20.51 -4.86
CA LEU A 230 35.03 19.41 -4.59
C LEU A 230 33.64 19.98 -4.36
N CYS A 231 32.63 19.16 -4.61
CA CYS A 231 31.25 19.51 -4.39
C CYS A 231 30.84 18.78 -3.05
N ILE A 232 30.16 19.49 -2.16
CA ILE A 232 29.61 18.92 -0.92
C ILE A 232 28.06 18.95 -0.90
N ILE A 233 27.48 17.80 -0.59
CA ILE A 233 26.07 17.62 -0.33
C ILE A 233 25.89 17.10 1.11
N PRO A 234 25.36 17.94 1.99
CA PRO A 234 25.24 17.45 3.36
C PRO A 234 24.13 16.46 3.47
N ILE A 235 24.24 15.53 4.41
CA ILE A 235 23.14 14.63 4.72
C ILE A 235 23.06 14.39 6.22
N GLY A 236 21.86 14.41 6.74
CA GLY A 236 21.61 14.06 8.09
C GLY A 236 20.90 12.73 8.07
N GLY A 237 19.59 12.79 8.30
CA GLY A 237 18.81 11.60 8.34
C GLY A 237 18.52 10.94 7.01
N GLY A 238 18.70 11.64 5.92
CA GLY A 238 18.37 11.13 4.57
C GLY A 238 16.85 11.00 4.33
N THR A 239 16.03 11.83 5.02
CA THR A 239 14.57 11.73 5.00
C THR A 239 13.92 12.68 4.04
N SER A 240 14.72 13.38 3.27
CA SER A 240 14.20 14.39 2.32
C SER A 240 13.12 13.83 1.45
N VAL A 241 12.10 14.60 1.22
CA VAL A 241 11.05 14.22 0.26
C VAL A 241 10.94 15.24 -0.91
N SER A 242 12.04 15.86 -1.30
CA SER A 242 12.01 16.93 -2.28
C SER A 242 13.13 16.82 -3.29
N TYR A 243 13.76 15.65 -3.38
CA TYR A 243 14.97 15.42 -4.18
C TYR A 243 16.14 16.29 -3.71
N GLY A 244 16.12 16.68 -2.44
CA GLY A 244 17.11 17.54 -1.88
C GLY A 244 18.47 16.88 -1.74
N LEU A 245 18.54 15.54 -1.84
CA LEU A 245 19.84 14.85 -1.74
C LEU A 245 20.37 14.30 -3.05
N MET A 246 19.53 14.29 -4.06
CA MET A 246 19.93 13.78 -5.34
C MET A 246 21.11 14.56 -5.92
N CYS A 247 22.13 13.81 -6.33
CA CYS A 247 23.33 14.35 -6.97
C CYS A 247 23.02 14.73 -8.43
N PRO A 248 23.20 16.01 -8.81
CA PRO A 248 22.96 16.36 -10.24
C PRO A 248 23.78 15.50 -11.20
N ALA A 249 23.12 14.96 -12.21
CA ALA A 249 23.70 13.98 -13.10
C ALA A 249 24.94 14.53 -13.81
N ASP A 250 24.95 15.81 -14.15
CA ASP A 250 26.09 16.39 -14.90
C ASP A 250 27.14 17.06 -13.98
N GLU A 251 27.02 16.92 -12.67
CA GLU A 251 28.08 17.37 -11.81
C GLU A 251 29.33 16.49 -12.03
N THR A 252 30.37 17.08 -12.60
CA THR A 252 31.58 16.37 -12.92
C THR A 252 32.61 16.42 -11.76
N ARG A 253 32.49 17.33 -10.83
CA ARG A 253 33.45 17.33 -9.72
C ARG A 253 33.20 16.12 -8.81
N THR A 254 34.19 15.82 -8.01
CA THR A 254 34.07 14.85 -6.92
C THR A 254 33.01 15.32 -5.87
N ILE A 255 32.02 14.50 -5.62
CA ILE A 255 30.97 14.82 -4.68
C ILE A 255 31.25 14.17 -3.36
N ILE A 256 31.38 14.98 -2.33
CA ILE A 256 31.42 14.53 -0.94
C ILE A 256 30.01 14.49 -0.34
N SER A 257 29.61 13.34 0.17
CA SER A 257 28.47 13.23 1.09
C SER A 257 28.96 13.51 2.48
N LEU A 258 28.60 14.68 3.00
CA LEU A 258 29.13 15.11 4.26
C LEU A 258 28.01 14.69 5.25
N ASP A 259 28.23 13.54 5.83
CA ASP A 259 27.26 12.88 6.73
C ASP A 259 27.47 13.45 8.10
N THR A 260 26.40 13.99 8.68
CA THR A 260 26.46 14.62 10.02
C THR A 260 26.15 13.70 11.18
N SER A 261 25.86 12.43 10.92
CA SER A 261 25.32 11.55 11.95
C SER A 261 26.22 11.36 13.15
N GLN A 262 27.54 11.52 12.98
CA GLN A 262 28.47 11.35 14.09
C GLN A 262 28.74 12.67 14.84
N MET A 263 28.06 13.77 14.48
CA MET A 263 28.06 15.05 15.24
C MET A 263 26.74 15.17 15.94
N ASN A 264 26.63 14.58 17.10
CA ASN A 264 25.33 14.30 17.67
C ASN A 264 25.22 14.59 19.14
N ARG A 265 26.12 15.38 19.69
CA ARG A 265 26.17 15.65 21.10
C ARG A 265 25.28 16.81 21.48
N ILE A 266 24.69 16.68 22.65
CA ILE A 266 24.19 17.84 23.37
C ILE A 266 25.35 18.50 24.08
N LEU A 267 25.67 19.74 23.71
CA LEU A 267 26.83 20.41 24.23
C LEU A 267 26.63 21.11 25.63
N TRP A 268 25.49 21.72 25.80
CA TRP A 268 25.07 22.21 27.11
C TRP A 268 23.56 22.34 27.16
N VAL A 269 23.02 22.11 28.36
CA VAL A 269 21.64 22.41 28.70
C VAL A 269 21.60 23.57 29.70
N ASP A 270 21.02 24.69 29.28
CA ASP A 270 20.94 25.90 30.08
C ASP A 270 19.55 25.97 30.64
N GLU A 271 19.48 25.61 31.90
CA GLU A 271 18.26 25.44 32.56
C GLU A 271 17.73 26.79 33.00
N ASN A 272 18.60 27.77 33.24
CA ASN A 272 18.16 29.14 33.53
C ASN A 272 17.39 29.79 32.38
N ASN A 273 17.90 29.67 31.15
CA ASN A 273 17.28 30.26 29.98
C ASN A 273 16.37 29.31 29.18
N LEU A 274 16.25 28.05 29.64
CA LEU A 274 15.60 26.94 28.90
C LEU A 274 16.03 26.83 27.46
N THR A 275 17.32 26.63 27.26
CA THR A 275 17.86 26.38 25.91
C THR A 275 18.88 25.26 25.99
N ALA A 276 19.01 24.54 24.87
CA ALA A 276 20.01 23.50 24.75
C ALA A 276 20.77 23.78 23.46
N HIS A 277 22.08 23.78 23.58
CA HIS A 277 22.98 23.91 22.45
C HIS A 277 23.48 22.51 22.02
N VAL A 278 23.23 22.15 20.76
CA VAL A 278 23.45 20.78 20.26
C VAL A 278 24.14 20.78 18.91
N GLU A 279 24.82 19.67 18.63
CA GLU A 279 25.43 19.47 17.34
C GLU A 279 24.31 19.05 16.36
N ALA A 280 24.52 19.38 15.10
CA ALA A 280 23.39 19.38 14.15
C ALA A 280 23.01 18.00 13.68
N GLY A 281 23.86 16.98 13.92
CA GLY A 281 23.58 15.64 13.47
C GLY A 281 22.70 14.82 14.44
N ILE A 282 22.34 15.38 15.58
CA ILE A 282 21.50 14.63 16.53
C ILE A 282 20.11 14.42 15.98
N THR A 283 19.61 13.20 16.12
CA THR A 283 18.29 12.85 15.61
C THR A 283 17.26 13.33 16.62
N GLY A 284 16.04 13.46 16.16
CA GLY A 284 14.97 13.86 17.04
C GLY A 284 14.74 12.90 18.21
N GLN A 285 14.80 11.61 17.97
CA GLN A 285 14.54 10.64 19.05
C GLN A 285 15.68 10.66 20.04
N GLU A 286 16.91 10.78 19.56
CA GLU A 286 18.04 10.84 20.51
C GLU A 286 18.00 12.13 21.32
N LEU A 287 17.72 13.24 20.64
CA LEU A 287 17.60 14.50 21.33
C LEU A 287 16.57 14.44 22.45
N GLU A 288 15.36 13.95 22.17
CA GLU A 288 14.28 13.93 23.20
C GLU A 288 14.68 12.95 24.31
N ARG A 289 15.25 11.82 23.93
CA ARG A 289 15.61 10.80 24.88
C ARG A 289 16.60 11.36 25.92
N GLN A 290 17.67 12.00 25.47
CA GLN A 290 18.67 12.57 26.39
C GLN A 290 18.15 13.74 27.20
N LEU A 291 17.41 14.65 26.57
CA LEU A 291 16.84 15.75 27.35
C LEU A 291 15.91 15.27 28.44
N LYS A 292 15.13 14.23 28.13
CA LYS A 292 14.11 13.69 29.07
C LYS A 292 14.77 13.17 30.37
N GLU A 293 15.99 12.70 30.25
CA GLU A 293 16.73 12.24 31.40
C GLU A 293 17.03 13.39 32.35
N SER A 294 17.07 14.61 31.83
CA SER A 294 17.17 15.78 32.72
C SER A 294 15.82 16.43 33.03
N GLY A 295 14.71 15.85 32.62
CA GLY A 295 13.41 16.46 32.87
C GLY A 295 12.97 17.48 31.82
N TYR A 296 13.61 17.48 30.63
CA TYR A 296 13.24 18.41 29.58
C TYR A 296 12.91 17.73 28.23
N CYS A 297 12.32 18.52 27.35
CA CYS A 297 12.08 18.12 25.94
C CYS A 297 12.12 19.40 25.04
N THR A 298 12.21 19.20 23.74
CA THR A 298 11.92 20.24 22.73
C THR A 298 10.48 20.26 22.29
N GLY A 299 9.88 19.09 22.23
CA GLY A 299 8.47 18.95 21.76
C GLY A 299 8.35 19.02 20.26
N HIS A 300 9.48 19.08 19.54
CA HIS A 300 9.50 19.12 18.12
C HIS A 300 9.46 17.69 17.62
N GLU A 301 8.35 17.30 17.02
CA GLU A 301 8.12 15.89 16.69
C GLU A 301 7.61 15.74 15.26
N PRO A 302 8.49 15.89 14.28
CA PRO A 302 8.13 15.53 12.94
C PRO A 302 7.95 14.02 12.87
N ASP A 303 7.18 13.55 11.91
CA ASP A 303 6.97 12.13 11.76
C ASP A 303 8.25 11.36 11.43
N SER A 304 9.28 12.05 10.91
CA SER A 304 10.56 11.46 10.62
C SER A 304 11.56 11.48 11.77
N LEU A 305 11.12 11.81 12.99
CA LEU A 305 12.03 12.10 14.12
C LEU A 305 13.03 10.99 14.48
N GLU A 306 12.76 9.76 14.05
CA GLU A 306 13.63 8.66 14.33
C GLU A 306 14.93 8.88 13.67
N PHE A 307 14.91 9.48 12.48
CA PHE A 307 16.15 9.73 11.74
C PHE A 307 16.47 11.16 11.46
N SER A 308 15.47 12.03 11.36
CA SER A 308 15.73 13.43 10.96
C SER A 308 16.45 14.15 12.08
N THR A 309 17.29 15.11 11.65
CA THR A 309 18.26 15.78 12.49
C THR A 309 17.96 17.27 12.65
N VAL A 310 18.55 17.86 13.67
CA VAL A 310 18.45 19.32 13.91
C VAL A 310 18.88 20.11 12.66
N GLY A 311 20.03 19.74 12.06
CA GLY A 311 20.51 20.39 10.84
C GLY A 311 19.59 20.29 9.64
N GLY A 312 19.05 19.10 9.44
CA GLY A 312 17.96 18.86 8.50
C GLY A 312 16.72 19.74 8.76
N TRP A 313 16.28 19.81 9.99
CA TRP A 313 15.08 20.57 10.27
C TRP A 313 15.25 22.01 9.88
N ILE A 314 16.37 22.56 10.28
CA ILE A 314 16.69 23.96 10.01
C ILE A 314 16.76 24.19 8.48
N SER A 315 17.45 23.28 7.79
CA SER A 315 17.65 23.38 6.34
C SER A 315 16.37 23.36 5.56
N THR A 316 15.41 22.59 6.04
CA THR A 316 14.15 22.38 5.33
C THR A 316 12.92 23.10 5.93
N ARG A 317 13.11 23.90 6.97
CA ARG A 317 11.98 24.48 7.70
C ARG A 317 10.97 23.44 8.13
N ALA A 318 11.45 22.49 8.90
CA ALA A 318 10.63 21.39 9.40
C ALA A 318 9.54 21.83 10.35
N SER A 319 8.45 21.10 10.29
CA SER A 319 7.30 21.32 11.19
C SER A 319 7.00 20.04 11.94
N GLY A 320 6.58 20.18 13.18
CA GLY A 320 6.32 19.02 14.01
C GLY A 320 4.88 19.02 14.47
N MET A 321 4.45 17.82 14.87
CA MET A 321 3.06 17.52 15.28
C MET A 321 2.55 18.46 16.34
N LYS A 322 3.40 18.84 17.28
CA LYS A 322 2.97 19.62 18.46
C LYS A 322 3.40 21.07 18.43
N LYS A 323 3.53 21.61 17.23
CA LYS A 323 3.97 22.96 17.04
C LYS A 323 3.04 23.95 17.71
N ASN A 324 1.76 23.63 17.85
CA ASN A 324 0.85 24.54 18.59
C ASN A 324 1.37 24.93 19.94
N ILE A 325 2.12 24.05 20.60
CA ILE A 325 2.65 24.35 21.92
C ILE A 325 4.08 24.78 21.84
N TYR A 326 4.86 24.10 21.03
CA TYR A 326 6.30 24.27 21.08
C TYR A 326 6.84 25.14 19.95
N GLY A 327 6.02 25.38 18.93
CA GLY A 327 6.49 26.12 17.75
C GLY A 327 7.06 25.16 16.69
N ASN A 328 7.19 25.69 15.48
CA ASN A 328 7.91 25.06 14.39
C ASN A 328 9.39 25.43 14.53
N ILE A 329 10.22 24.92 13.61
CA ILE A 329 11.66 25.05 13.78
C ILE A 329 12.12 26.52 13.89
N GLU A 330 11.47 27.41 13.16
CA GLU A 330 11.80 28.85 13.20
C GLU A 330 11.48 29.57 14.51
N ASP A 331 10.56 29.01 15.28
CA ASP A 331 10.25 29.50 16.62
C ASP A 331 11.18 28.87 17.67
N LEU A 332 11.69 27.67 17.40
CA LEU A 332 12.54 26.93 18.37
C LEU A 332 14.00 27.26 18.37
N VAL A 333 14.54 27.59 17.21
CA VAL A 333 15.97 27.89 17.08
C VAL A 333 16.34 29.32 17.50
N VAL A 334 17.22 29.44 18.48
CA VAL A 334 17.64 30.72 19.09
C VAL A 334 19.03 31.11 18.54
N HIS A 335 19.76 30.13 17.98
CA HIS A 335 21.14 30.40 17.62
C HIS A 335 21.63 29.25 16.75
N MET A 336 22.56 29.56 15.88
CA MET A 336 23.18 28.59 15.06
C MET A 336 24.58 29.02 14.58
N LYS A 337 25.30 28.02 14.13
CA LYS A 337 26.63 28.14 13.65
C LYS A 337 26.67 27.40 12.33
N VAL A 338 27.19 28.09 11.31
CA VAL A 338 27.17 27.59 9.95
C VAL A 338 28.53 27.81 9.26
N VAL A 339 29.07 26.74 8.68
CA VAL A 339 30.34 26.75 8.01
C VAL A 339 30.01 26.91 6.53
N THR A 340 30.48 28.00 5.97
CA THR A 340 30.31 28.27 4.54
C THR A 340 31.69 28.45 3.94
N PRO A 341 31.81 28.37 2.61
CA PRO A 341 33.12 28.61 1.99
C PRO A 341 33.66 30.00 2.33
N ARG A 342 32.79 30.98 2.56
CA ARG A 342 33.22 32.32 2.88
C ARG A 342 33.71 32.46 4.31
N GLY A 343 33.31 31.54 5.18
CA GLY A 343 33.68 31.57 6.62
C GLY A 343 32.47 31.16 7.45
N VAL A 344 32.61 31.33 8.74
CA VAL A 344 31.61 30.86 9.71
C VAL A 344 30.58 31.93 10.06
N ILE A 345 29.31 31.58 9.92
CA ILE A 345 28.26 32.46 10.32
C ILE A 345 27.87 32.08 11.72
N GLU A 346 27.81 33.11 12.57
CA GLU A 346 27.37 32.96 13.95
C GLU A 346 27.10 34.35 14.57
N LYS A 347 25.93 34.56 15.20
CA LYS A 347 25.70 35.81 15.92
C LYS A 347 26.51 35.81 17.22
N SER A 348 26.78 37.00 17.78
CA SER A 348 27.64 37.13 18.95
C SER A 348 26.91 37.01 20.25
N CYS A 349 25.59 37.04 20.26
CA CYS A 349 24.87 36.82 21.51
C CYS A 349 23.60 35.97 21.38
N GLN A 350 23.09 35.60 22.56
CA GLN A 350 21.93 34.74 22.69
C GLN A 350 20.69 35.47 23.30
N GLY A 351 20.62 36.80 23.07
CA GLY A 351 19.42 37.61 23.34
C GLY A 351 18.20 36.95 22.75
N PRO A 352 17.07 36.90 23.47
CA PRO A 352 15.90 36.21 22.93
C PRO A 352 15.25 36.84 21.69
N ARG A 353 15.42 38.14 21.48
CA ARG A 353 14.79 38.81 20.34
C ARG A 353 15.57 40.08 20.03
N MET A 354 15.90 40.30 18.76
CA MET A 354 16.71 41.42 18.36
C MET A 354 16.12 42.24 17.27
N SER A 355 16.58 43.49 17.18
CA SER A 355 16.40 44.31 16.02
C SER A 355 17.76 44.78 15.56
N THR A 356 18.42 43.95 14.80
CA THR A 356 19.72 44.25 14.30
C THR A 356 19.78 43.97 12.85
N GLY A 357 18.78 44.47 12.11
CA GLY A 357 18.77 44.31 10.68
C GLY A 357 18.02 43.09 10.27
N PRO A 358 18.04 42.78 8.99
CA PRO A 358 17.40 41.51 8.53
C PRO A 358 17.94 40.30 9.29
N ASP A 359 17.04 39.43 9.73
CA ASP A 359 17.47 38.30 10.58
C ASP A 359 18.17 37.24 9.72
N ILE A 360 19.47 37.14 9.89
CA ILE A 360 20.25 36.19 9.06
C ILE A 360 20.01 34.73 9.34
N HIS A 361 19.49 34.41 10.52
CA HIS A 361 18.98 33.08 10.76
C HIS A 361 18.00 32.60 9.72
N HIS A 362 17.17 33.52 9.24
CA HIS A 362 16.26 33.22 8.15
C HIS A 362 16.87 33.17 6.78
N PHE A 363 18.13 33.57 6.62
CA PHE A 363 18.86 33.35 5.35
C PHE A 363 19.29 31.89 5.26
N ILE A 364 19.52 31.26 6.41
CA ILE A 364 19.95 29.90 6.50
C ILE A 364 18.80 28.90 6.60
N MET A 365 17.79 29.22 7.41
CA MET A 365 16.63 28.39 7.52
C MET A 365 15.91 28.30 6.22
N GLY A 366 15.70 27.09 5.72
CA GLY A 366 15.16 26.87 4.41
C GLY A 366 16.20 26.83 3.30
N SER A 367 17.48 26.95 3.61
CA SER A 367 18.53 26.97 2.56
C SER A 367 18.84 25.58 1.93
N GLU A 368 18.32 24.52 2.52
CA GLU A 368 18.32 23.17 1.92
C GLU A 368 19.69 22.73 1.42
N GLY A 369 20.70 22.92 2.25
CA GLY A 369 22.05 22.47 1.93
C GLY A 369 22.77 23.21 0.79
N THR A 370 22.32 24.43 0.43
CA THR A 370 22.89 25.15 -0.70
C THR A 370 23.93 26.20 -0.32
N LEU A 371 24.12 26.43 0.98
CA LEU A 371 24.97 27.52 1.42
C LEU A 371 26.18 27.12 2.26
N GLY A 372 26.05 26.04 3.03
CA GLY A 372 27.05 25.59 3.95
C GLY A 372 26.45 24.52 4.83
N VAL A 373 27.20 24.18 5.87
CA VAL A 373 26.82 23.17 6.83
C VAL A 373 26.44 23.82 8.11
N ILE A 374 25.25 23.51 8.62
CA ILE A 374 24.87 23.90 9.98
C ILE A 374 25.50 22.89 10.89
N THR A 375 26.36 23.34 11.80
CA THR A 375 27.10 22.43 12.67
C THR A 375 26.55 22.30 14.11
N GLU A 376 26.01 23.41 14.62
CA GLU A 376 25.52 23.52 15.96
C GLU A 376 24.33 24.44 15.92
N ALA A 377 23.43 24.23 16.87
CA ALA A 377 22.30 25.10 17.09
C ALA A 377 21.86 25.08 18.54
N THR A 378 21.27 26.18 18.96
CA THR A 378 20.62 26.35 20.26
C THR A 378 19.14 26.36 20.02
N ILE A 379 18.47 25.57 20.81
CA ILE A 379 17.07 25.33 20.62
C ILE A 379 16.36 25.42 21.94
N LYS A 380 15.20 26.04 21.93
CA LYS A 380 14.37 26.15 23.14
C LYS A 380 13.93 24.80 23.65
N ILE A 381 13.93 24.66 24.97
CA ILE A 381 13.47 23.42 25.61
C ILE A 381 12.41 23.78 26.59
N ARG A 382 11.63 22.79 26.96
CA ARG A 382 10.58 22.91 27.94
C ARG A 382 10.68 21.78 29.00
N PRO A 383 10.25 22.03 30.25
CA PRO A 383 10.07 20.88 31.18
C PRO A 383 9.18 19.80 30.56
N THR A 384 9.59 18.55 30.71
CA THR A 384 8.81 17.44 30.24
C THR A 384 7.35 17.52 30.74
N PRO A 385 6.37 17.33 29.84
CA PRO A 385 4.97 17.48 30.28
C PRO A 385 4.62 16.41 31.33
N GLU A 386 3.97 16.83 32.40
CA GLU A 386 3.39 15.95 33.43
C GLU A 386 2.54 14.85 32.86
N TYR A 387 1.74 15.22 31.88
CA TYR A 387 0.54 14.47 31.53
C TYR A 387 0.14 14.69 30.08
N GLN A 388 -0.22 13.60 29.41
CA GLN A 388 -0.74 13.58 28.06
C GLN A 388 -2.14 12.94 28.05
N LYS A 389 -3.00 13.43 27.18
CA LYS A 389 -4.35 12.96 27.05
C LYS A 389 -4.71 12.95 25.55
N TYR A 390 -5.12 11.78 25.06
CA TYR A 390 -5.63 11.62 23.72
C TYR A 390 -7.14 11.71 23.73
N GLY A 391 -7.68 11.88 22.53
CA GLY A 391 -9.07 12.20 22.37
C GLY A 391 -9.43 12.16 20.89
N SER A 392 -10.72 12.06 20.62
CA SER A 392 -11.24 12.14 19.25
C SER A 392 -12.68 12.62 19.23
N VAL A 393 -13.06 13.21 18.10
CA VAL A 393 -14.38 13.81 17.88
C VAL A 393 -14.84 13.53 16.45
N ALA A 394 -16.08 13.02 16.33
CA ALA A 394 -16.74 12.81 15.03
C ALA A 394 -17.61 13.97 14.64
N PHE A 395 -17.55 14.34 13.36
CA PHE A 395 -18.38 15.38 12.81
C PHE A 395 -19.21 14.75 11.70
N PRO A 396 -20.41 15.31 11.42
CA PRO A 396 -21.33 14.87 10.34
C PRO A 396 -20.72 14.86 8.97
N ASN A 397 -19.84 15.81 8.73
CA ASN A 397 -19.02 15.84 7.53
C ASN A 397 -17.72 16.63 7.72
N PHE A 398 -16.91 16.66 6.68
CA PHE A 398 -15.59 17.24 6.68
C PHE A 398 -15.69 18.76 6.85
N GLU A 399 -16.59 19.34 6.09
CA GLU A 399 -16.85 20.78 6.09
C GLU A 399 -17.17 21.27 7.51
N GLN A 400 -18.05 20.57 8.24
CA GLN A 400 -18.33 20.92 9.61
C GLN A 400 -17.09 20.75 10.50
N GLY A 401 -16.34 19.69 10.25
CA GLY A 401 -15.05 19.55 10.93
C GLY A 401 -14.05 20.70 10.69
N VAL A 402 -13.96 21.16 9.43
CA VAL A 402 -13.10 22.27 9.07
C VAL A 402 -13.57 23.54 9.78
N ALA A 403 -14.87 23.78 9.74
CA ALA A 403 -15.46 24.96 10.43
C ALA A 403 -15.09 24.92 11.92
N CYS A 404 -15.10 23.73 12.52
CA CYS A 404 -14.79 23.60 13.94
C CYS A 404 -13.29 23.89 14.27
N LEU A 405 -12.41 23.28 13.48
CA LEU A 405 -10.98 23.62 13.54
C LEU A 405 -10.70 25.14 13.42
N ARG A 406 -11.40 25.79 12.49
CA ARG A 406 -11.29 27.23 12.30
C ARG A 406 -11.72 27.96 13.55
N GLU A 407 -12.85 27.59 14.14
CA GLU A 407 -13.28 28.25 15.40
C GLU A 407 -12.29 28.03 16.57
N ILE A 408 -11.75 26.83 16.64
CA ILE A 408 -10.75 26.52 17.63
C ILE A 408 -9.51 27.42 17.45
N ALA A 409 -9.10 27.60 16.19
CA ALA A 409 -8.01 28.51 15.89
C ALA A 409 -8.40 29.94 16.23
N LYS A 410 -9.63 30.29 15.94
CA LYS A 410 -10.11 31.65 16.22
C LYS A 410 -10.14 31.97 17.70
N GLN A 411 -10.50 30.99 18.57
CA GLN A 411 -10.41 31.17 20.00
C GLN A 411 -9.00 30.94 20.54
N ARG A 412 -8.03 30.70 19.68
CA ARG A 412 -6.66 30.36 20.06
C ARG A 412 -6.59 29.33 21.18
N CYS A 413 -7.38 28.25 21.06
CA CYS A 413 -7.35 27.21 22.08
C CYS A 413 -7.04 25.81 21.51
N ALA A 414 -6.19 25.76 20.49
CA ALA A 414 -5.84 24.50 19.86
C ALA A 414 -5.04 23.65 20.81
N PRO A 415 -5.33 22.36 20.86
CA PRO A 415 -4.52 21.49 21.73
C PRO A 415 -3.10 21.25 21.15
N ALA A 416 -2.23 20.57 21.87
CA ALA A 416 -0.90 20.22 21.32
C ALA A 416 -0.96 19.76 19.86
N SER A 417 -1.94 18.92 19.57
CA SER A 417 -2.12 18.38 18.22
C SER A 417 -3.60 18.19 18.00
N ILE A 418 -4.04 18.62 16.81
CA ILE A 418 -5.37 18.37 16.32
C ILE A 418 -5.30 18.14 14.83
N ARG A 419 -5.90 17.04 14.43
CA ARG A 419 -5.97 16.61 13.04
C ARG A 419 -7.35 16.17 12.69
N LEU A 420 -7.80 16.61 11.51
CA LEU A 420 -9.13 16.33 11.01
C LEU A 420 -9.00 15.48 9.82
N MET A 421 -9.50 14.28 9.87
CA MET A 421 -9.41 13.39 8.73
C MET A 421 -10.71 13.22 7.96
N ASP A 422 -10.60 13.08 6.64
CA ASP A 422 -11.76 12.89 5.79
C ASP A 422 -12.36 11.50 6.01
N ASN A 423 -13.49 11.24 5.36
CA ASN A 423 -14.21 10.02 5.64
C ASN A 423 -13.41 8.76 5.21
N GLN A 424 -12.75 8.79 4.06
CA GLN A 424 -11.86 7.63 3.70
C GLN A 424 -10.80 7.31 4.73
N GLN A 425 -10.21 8.31 5.40
CA GLN A 425 -9.18 8.04 6.43
C GLN A 425 -9.81 7.54 7.68
N PHE A 426 -10.97 8.10 8.04
CA PHE A 426 -11.77 7.55 9.11
C PHE A 426 -12.02 6.05 8.87
N GLN A 427 -12.46 5.70 7.65
CA GLN A 427 -12.68 4.28 7.30
C GLN A 427 -11.43 3.40 7.42
N PHE A 428 -10.33 3.89 6.84
CA PHE A 428 -9.03 3.25 6.91
C PHE A 428 -8.60 2.97 8.32
N GLY A 429 -8.72 3.94 9.19
CA GLY A 429 -8.51 3.72 10.62
C GLY A 429 -9.44 2.68 11.22
N HIS A 430 -10.70 2.68 10.78
CA HIS A 430 -11.60 1.64 11.21
C HIS A 430 -11.01 0.27 10.82
N ALA A 431 -10.62 0.15 9.56
CA ALA A 431 -10.05 -1.08 9.04
C ALA A 431 -8.79 -1.59 9.74
N LEU A 432 -8.19 -0.81 10.64
CA LEU A 432 -6.96 -1.23 11.36
C LEU A 432 -7.12 -1.75 12.78
N LYS A 433 -8.35 -1.79 13.28
CA LYS A 433 -8.65 -2.32 14.62
C LYS A 433 -8.64 -3.86 14.69
N PRO A 434 -8.66 -4.45 15.92
CA PRO A 434 -8.35 -5.89 16.04
C PRO A 434 -9.51 -6.87 15.97
N GLN A 435 -10.75 -6.44 15.79
CA GLN A 435 -11.90 -7.39 15.93
C GLN A 435 -12.25 -8.03 14.58
N VAL A 436 -12.34 -9.38 14.57
CA VAL A 436 -12.49 -10.12 13.31
C VAL A 436 -13.94 -10.02 12.84
N SER A 437 -14.12 -9.54 11.62
CA SER A 437 -15.42 -9.45 10.99
C SER A 437 -15.91 -10.85 10.54
N SER A 438 -17.21 -10.99 10.29
CA SER A 438 -17.69 -12.14 9.51
C SER A 438 -17.41 -11.80 8.03
N ILE A 439 -16.96 -12.81 7.29
CA ILE A 439 -16.73 -12.69 5.83
C ILE A 439 -18.01 -12.50 5.00
N PHE A 440 -19.19 -12.68 5.58
CA PHE A 440 -20.42 -12.57 4.85
C PHE A 440 -21.10 -11.25 5.10
N THR A 441 -20.47 -10.37 5.87
CA THR A 441 -20.96 -9.01 5.99
C THR A 441 -19.90 -8.08 5.38
N SER A 442 -20.34 -7.24 4.44
CA SER A 442 -19.46 -6.24 3.78
C SER A 442 -18.64 -5.30 4.68
N PHE A 443 -17.65 -4.64 4.07
CA PHE A 443 -16.92 -3.57 4.77
C PHE A 443 -17.90 -2.44 5.24
N LEU A 444 -18.57 -1.79 4.28
CA LEU A 444 -19.52 -0.69 4.56
C LEU A 444 -20.66 -1.09 5.56
N ASP A 445 -21.38 -2.19 5.28
CA ASP A 445 -22.43 -2.68 6.21
C ASP A 445 -21.85 -3.06 7.62
N GLY A 446 -20.60 -3.51 7.66
CA GLY A 446 -19.88 -3.68 8.93
C GLY A 446 -19.63 -2.37 9.68
N LEU A 447 -19.23 -1.32 8.96
CA LEU A 447 -19.05 0.03 9.58
C LEU A 447 -20.39 0.58 10.14
N LYS A 448 -21.45 0.58 9.31
CA LYS A 448 -22.77 1.18 9.65
C LYS A 448 -23.39 0.64 10.96
N LYS A 449 -23.45 -0.70 11.07
CA LYS A 449 -23.96 -1.39 12.28
C LYS A 449 -23.10 -1.09 13.50
N PHE A 450 -21.78 -1.04 13.26
CA PHE A 450 -20.83 -0.70 14.32
C PHE A 450 -21.09 0.68 14.94
N TYR A 451 -21.36 1.71 14.11
CA TYR A 451 -21.57 3.10 14.60
C TYR A 451 -23.04 3.51 14.60
N ILE A 452 -23.92 2.53 14.86
CA ILE A 452 -25.35 2.78 14.95
C ILE A 452 -25.66 3.30 16.35
N LYS A 456 -23.95 7.30 16.90
CA LYS A 456 -24.14 8.45 16.04
C LYS A 456 -25.37 8.38 15.09
N GLY A 457 -26.18 9.44 14.98
CA GLY A 457 -27.16 9.58 13.88
C GLY A 457 -26.50 10.15 12.61
N PHE A 458 -25.32 9.64 12.26
CA PHE A 458 -24.49 10.22 11.20
C PHE A 458 -24.39 9.30 10.00
N ASP A 459 -24.15 9.88 8.83
CA ASP A 459 -23.86 9.07 7.65
C ASP A 459 -22.40 8.56 7.75
N PRO A 460 -22.17 7.24 7.68
CA PRO A 460 -20.80 6.72 7.80
C PRO A 460 -19.96 6.87 6.53
N ASN A 461 -20.56 7.30 5.42
CA ASN A 461 -19.85 7.65 4.21
C ASN A 461 -19.48 9.10 4.13
N GLN A 462 -19.99 9.92 5.05
CA GLN A 462 -19.71 11.36 5.07
C GLN A 462 -18.90 11.85 6.27
N LEU A 463 -19.19 11.25 7.41
CA LEU A 463 -18.58 11.52 8.69
C LEU A 463 -17.05 11.76 8.63
N SER A 464 -16.56 12.71 9.41
CA SER A 464 -15.11 12.95 9.53
C SER A 464 -14.77 12.87 11.00
N VAL A 465 -13.50 12.66 11.30
CA VAL A 465 -13.01 12.50 12.67
C VAL A 465 -11.79 13.38 12.90
N ALA A 466 -11.83 14.08 14.00
CA ALA A 466 -10.66 14.82 14.47
C ALA A 466 -10.03 14.04 15.60
N THR A 467 -8.72 13.83 15.54
CA THR A 467 -7.98 13.30 16.69
C THR A 467 -7.24 14.40 17.42
N LEU A 468 -7.05 14.18 18.72
CA LEU A 468 -6.59 15.24 19.64
C LEU A 468 -5.54 14.73 20.59
N LEU A 469 -4.55 15.57 20.82
CA LEU A 469 -3.57 15.32 21.84
C LEU A 469 -3.39 16.57 22.63
N PHE A 470 -3.45 16.39 23.96
CA PHE A 470 -3.28 17.46 24.93
C PHE A 470 -2.11 17.08 25.76
N GLU A 471 -1.23 18.03 26.04
CA GLU A 471 -0.16 17.78 27.03
C GLU A 471 0.24 19.03 27.81
N GLY A 472 0.72 18.82 29.03
CA GLY A 472 1.07 19.85 29.97
C GLY A 472 0.81 19.34 31.39
N ASP A 473 0.49 20.27 32.28
CA ASP A 473 0.10 19.96 33.64
C ASP A 473 -1.29 19.37 33.64
N ARG A 474 -1.49 18.32 34.42
CA ARG A 474 -2.70 17.54 34.30
C ARG A 474 -3.97 18.38 34.50
N GLU A 475 -3.96 19.23 35.51
CA GLU A 475 -5.04 20.16 35.75
C GLU A 475 -5.32 20.98 34.46
N LYS A 476 -4.29 21.54 33.84
CA LYS A 476 -4.51 22.43 32.67
C LYS A 476 -5.05 21.68 31.47
N VAL A 477 -4.41 20.55 31.20
CA VAL A 477 -4.79 19.70 30.11
C VAL A 477 -6.28 19.37 30.15
N LEU A 478 -6.75 18.98 31.33
CA LEU A 478 -8.13 18.47 31.48
C LEU A 478 -9.10 19.58 31.31
N GLN A 479 -8.82 20.75 31.87
CA GLN A 479 -9.72 21.89 31.62
C GLN A 479 -9.80 22.24 30.14
N HIS A 480 -8.65 22.20 29.47
CA HIS A 480 -8.48 22.59 28.09
C HIS A 480 -9.19 21.60 27.18
N GLU A 481 -9.09 20.32 27.49
CA GLU A 481 -9.83 19.28 26.76
C GLU A 481 -11.33 19.61 26.82
N LYS A 482 -11.84 19.96 27.99
CA LYS A 482 -13.25 20.30 28.07
C LYS A 482 -13.61 21.52 27.20
N GLN A 483 -12.75 22.51 27.13
CA GLN A 483 -12.98 23.67 26.26
C GLN A 483 -13.13 23.33 24.78
N VAL A 484 -12.25 22.47 24.30
CA VAL A 484 -12.27 22.11 22.91
C VAL A 484 -13.52 21.31 22.58
N TYR A 485 -13.79 20.31 23.41
CA TYR A 485 -15.02 19.46 23.27
C TYR A 485 -16.30 20.30 23.35
N ASP A 486 -16.32 21.34 24.19
CA ASP A 486 -17.48 22.20 24.15
C ASP A 486 -17.63 22.96 22.85
N ILE A 487 -16.50 23.43 22.30
CA ILE A 487 -16.53 24.13 21.02
C ILE A 487 -17.02 23.17 19.94
N ALA A 488 -16.46 21.96 19.91
CA ALA A 488 -16.80 20.95 18.92
C ALA A 488 -18.27 20.55 18.92
N ALA A 489 -18.85 20.47 20.14
CA ALA A 489 -20.30 20.20 20.30
C ALA A 489 -21.13 21.17 19.46
N LYS A 490 -20.71 22.42 19.38
CA LYS A 490 -21.45 23.42 18.62
C LYS A 490 -21.46 23.19 17.13
N PHE A 491 -20.60 22.33 16.62
CA PHE A 491 -20.54 22.05 15.17
C PHE A 491 -21.01 20.62 14.84
N GLY A 492 -21.71 20.05 15.80
CA GLY A 492 -22.30 18.75 15.66
C GLY A 492 -21.35 17.72 16.14
N GLY A 493 -20.31 18.09 16.87
CA GLY A 493 -19.28 17.13 17.23
C GLY A 493 -19.65 16.23 18.39
N LEU A 494 -19.29 14.96 18.30
CA LEU A 494 -19.58 13.96 19.34
C LEU A 494 -18.30 13.24 19.74
N ALA A 495 -18.11 13.09 21.05
CA ALA A 495 -16.87 12.56 21.56
C ALA A 495 -16.77 11.14 21.06
N ALA A 496 -15.68 10.81 20.36
CA ALA A 496 -15.48 9.50 19.82
C ALA A 496 -14.42 8.67 20.55
N GLY A 497 -13.93 9.10 21.70
CA GLY A 497 -13.08 8.23 22.49
C GLY A 497 -11.56 8.37 22.36
N GLU A 498 -10.89 8.19 23.49
CA GLU A 498 -9.46 8.31 23.55
C GLU A 498 -8.72 7.23 22.79
N ASP A 499 -9.37 6.09 22.62
CA ASP A 499 -8.76 4.93 21.98
C ASP A 499 -8.48 5.27 20.51
N ASN A 500 -9.41 5.91 19.77
CA ASN A 500 -9.10 6.38 18.38
C ASN A 500 -7.98 7.40 18.30
N GLY A 501 -7.97 8.33 19.25
CA GLY A 501 -6.96 9.35 19.29
C GLY A 501 -5.63 8.70 19.56
N GLN A 502 -5.59 7.86 20.57
CA GLN A 502 -4.37 7.15 20.88
C GLN A 502 -3.91 6.34 19.66
N ARG A 503 -4.83 5.69 18.97
CA ARG A 503 -4.50 4.86 17.81
C ARG A 503 -3.98 5.69 16.67
N GLY A 504 -4.67 6.80 16.41
CA GLY A 504 -4.26 7.70 15.34
C GLY A 504 -2.87 8.18 15.60
N TYR A 505 -2.59 8.54 16.85
CA TYR A 505 -1.27 9.07 17.14
CA TYR A 505 -1.27 9.06 17.19
C TYR A 505 -0.17 8.02 16.96
N LEU A 506 -0.41 6.75 17.29
CA LEU A 506 0.57 5.68 17.04
C LEU A 506 0.75 5.40 15.55
N LEU A 507 -0.36 5.31 14.82
CA LEU A 507 -0.31 5.08 13.39
C LEU A 507 0.70 5.93 12.62
N THR A 508 0.99 7.13 13.12
CA THR A 508 1.74 8.09 12.33
C THR A 508 3.14 7.59 12.05
N TYR A 509 3.72 6.83 12.99
CA TYR A 509 5.10 6.33 12.82
C TYR A 509 5.19 5.01 12.07
N VAL A 510 4.03 4.50 11.69
CA VAL A 510 3.90 3.20 11.04
C VAL A 510 3.53 3.38 9.57
N ILE A 511 2.85 4.49 9.25
CA ILE A 511 2.29 4.66 7.92
C ILE A 511 3.36 4.60 6.83
N ALA A 512 4.55 5.16 7.09
CA ALA A 512 5.68 5.12 6.13
C ALA A 512 6.13 3.73 5.74
N TYR A 513 5.96 2.78 6.66
CA TYR A 513 6.24 1.36 6.38
C TYR A 513 5.25 0.74 5.38
N MET A 514 4.11 1.38 5.13
CA MET A 514 3.11 0.90 4.17
C MET A 514 3.45 1.11 2.70
N ARG A 515 4.37 2.03 2.39
CA ARG A 515 4.84 2.13 1.01
C ARG A 515 5.36 0.84 0.53
N ASP A 516 6.29 0.24 1.27
CA ASP A 516 6.98 -0.93 0.74
C ASP A 516 6.03 -2.10 0.60
N LEU A 517 5.05 -2.19 1.49
CA LEU A 517 4.00 -3.17 1.38
C LEU A 517 3.28 -2.96 0.07
N GLY A 518 2.92 -1.72 -0.18
CA GLY A 518 2.22 -1.38 -1.41
C GLY A 518 3.01 -1.73 -2.65
N LEU A 519 4.32 -1.50 -2.58
CA LEU A 519 5.16 -1.76 -3.71
C LEU A 519 5.26 -3.24 -4.00
N GLU A 520 5.13 -4.10 -2.97
CA GLU A 520 5.13 -5.57 -3.17
C GLU A 520 3.93 -5.98 -4.02
N TYR A 521 2.87 -5.18 -4.00
CA TYR A 521 1.58 -5.52 -4.60
C TYR A 521 1.09 -4.53 -5.65
N TYR A 522 2.01 -3.98 -6.44
CA TYR A 522 1.66 -3.07 -7.54
C TYR A 522 0.92 -1.75 -7.13
N ILE A 523 1.10 -1.32 -5.88
CA ILE A 523 0.45 -0.11 -5.41
C ILE A 523 1.51 0.95 -5.19
N ILE A 524 1.38 2.07 -5.84
CA ILE A 524 2.29 3.18 -5.62
C ILE A 524 1.56 4.43 -5.16
N GLY A 525 2.25 5.23 -4.39
CA GLY A 525 1.72 6.52 -4.01
C GLY A 525 2.66 7.37 -3.20
N GLU A 526 2.18 8.54 -2.86
CA GLU A 526 2.97 9.45 -2.07
C GLU A 526 2.05 10.41 -1.41
N SER A 527 2.51 10.97 -0.30
CA SER A 527 1.83 12.03 0.42
C SER A 527 2.37 13.36 -0.07
N PHE A 528 1.55 14.38 -0.01
CA PHE A 528 2.00 15.73 -0.37
C PHE A 528 1.15 16.70 0.42
N GLU A 529 1.63 17.93 0.48
CA GLU A 529 1.07 18.87 1.42
C GLU A 529 1.02 20.30 0.86
N THR A 530 0.19 21.07 1.52
CA THR A 530 0.16 22.50 1.25
C THR A 530 -0.32 23.22 2.48
N SER A 531 -0.17 24.54 2.48
CA SER A 531 -0.87 25.39 3.43
C SER A 531 -1.76 26.37 2.68
N ALA A 532 -2.88 26.71 3.29
CA ALA A 532 -3.86 27.52 2.61
C ALA A 532 -4.67 28.37 3.55
N PRO A 533 -5.19 29.52 3.03
CA PRO A 533 -6.02 30.35 3.89
C PRO A 533 -7.25 29.59 4.31
N TRP A 534 -7.81 29.93 5.47
CA TRP A 534 -9.02 29.24 5.97
C TRP A 534 -10.13 29.17 4.95
N ASP A 535 -10.34 30.23 4.21
CA ASP A 535 -11.45 30.26 3.22
C ASP A 535 -11.25 29.46 1.93
N ARG A 536 -10.05 28.95 1.70
CA ARG A 536 -9.79 28.11 0.52
C ARG A 536 -9.75 26.60 0.82
N VAL A 537 -9.76 26.23 2.09
CA VAL A 537 -9.46 24.84 2.46
C VAL A 537 -10.42 23.81 1.87
N VAL A 538 -11.72 24.04 2.02
CA VAL A 538 -12.70 23.04 1.60
C VAL A 538 -12.64 22.85 0.12
N ASP A 539 -12.70 23.96 -0.60
CA ASP A 539 -12.67 23.92 -2.07
C ASP A 539 -11.38 23.32 -2.60
N LEU A 540 -10.27 23.70 -1.97
CA LEU A 540 -8.98 23.19 -2.36
C LEU A 540 -8.94 21.68 -2.25
N CYS A 541 -9.42 21.12 -1.12
CA CYS A 541 -9.41 19.66 -0.93
C CYS A 541 -10.27 18.96 -1.95
N ARG A 542 -11.49 19.46 -2.13
CA ARG A 542 -12.42 18.92 -3.15
C ARG A 542 -11.83 18.98 -4.56
N ASN A 543 -11.37 20.14 -4.97
CA ASN A 543 -10.82 20.22 -6.35
C ASN A 543 -9.55 19.44 -6.61
N VAL A 544 -8.67 19.34 -5.62
CA VAL A 544 -7.42 18.60 -5.79
C VAL A 544 -7.65 17.09 -5.96
N LYS A 545 -8.54 16.55 -5.10
CA LYS A 545 -8.98 15.15 -5.15
C LYS A 545 -9.66 14.81 -6.45
N GLU A 546 -10.41 15.76 -6.95
CA GLU A 546 -11.02 15.66 -8.26
C GLU A 546 -10.01 15.81 -9.46
N ARG A 547 -9.04 16.71 -9.38
CA ARG A 547 -8.07 16.84 -10.46
C ARG A 547 -7.32 15.54 -10.62
N ILE A 548 -7.04 14.90 -9.48
CA ILE A 548 -6.33 13.63 -9.41
C ILE A 548 -7.14 12.47 -10.02
N ARG A 549 -8.44 12.43 -9.75
CA ARG A 549 -9.32 11.46 -10.40
C ARG A 549 -9.35 11.68 -11.89
N ARG A 550 -9.63 12.90 -12.35
CA ARG A 550 -9.62 13.17 -13.81
C ARG A 550 -8.27 12.87 -14.49
N GLU A 551 -7.18 13.26 -13.86
CA GLU A 551 -5.88 12.98 -14.44
C GLU A 551 -5.49 11.49 -14.50
N CYS A 552 -5.86 10.70 -13.49
CA CYS A 552 -5.60 9.25 -13.51
C CYS A 552 -6.42 8.55 -14.60
N LYS A 553 -7.72 8.83 -14.63
CA LYS A 553 -8.64 8.27 -15.64
C LYS A 553 -8.14 8.55 -17.02
N GLU A 554 -7.76 9.79 -17.27
CA GLU A 554 -7.26 10.21 -18.59
C GLU A 554 -5.86 9.65 -18.95
N LYS A 555 -5.10 9.19 -17.96
CA LYS A 555 -3.78 8.59 -18.21
C LYS A 555 -3.83 7.06 -18.24
N GLY A 556 -5.02 6.51 -18.34
CA GLY A 556 -5.17 5.07 -18.44
C GLY A 556 -5.01 4.33 -17.14
N VAL A 557 -5.33 4.95 -16.02
CA VAL A 557 -5.31 4.24 -14.74
C VAL A 557 -6.61 3.49 -14.62
N GLN A 558 -6.53 2.19 -14.35
CA GLN A 558 -7.68 1.31 -14.44
C GLN A 558 -8.76 1.64 -13.41
N PHE A 559 -8.33 1.98 -12.19
CA PHE A 559 -9.26 2.17 -11.08
C PHE A 559 -9.19 3.62 -10.57
N PRO A 560 -10.29 4.12 -9.99
CA PRO A 560 -10.18 5.46 -9.41
C PRO A 560 -9.17 5.46 -8.23
N PRO A 561 -8.15 6.35 -8.26
CA PRO A 561 -7.09 6.30 -7.23
C PRO A 561 -7.60 6.57 -5.84
N LEU A 562 -6.87 6.13 -4.80
CA LEU A 562 -7.10 6.66 -3.45
C LEU A 562 -6.64 8.14 -3.46
N SER A 563 -7.52 9.02 -3.06
CA SER A 563 -7.09 10.40 -2.95
C SER A 563 -7.87 10.94 -1.81
N THR A 564 -7.14 11.27 -0.77
CA THR A 564 -7.67 11.47 0.54
C THR A 564 -6.86 12.56 1.26
N CYS A 565 -7.49 13.24 2.20
CA CYS A 565 -6.83 14.33 2.90
C CYS A 565 -7.17 14.42 4.37
N ARG A 566 -6.28 15.13 5.06
CA ARG A 566 -6.57 15.59 6.39
C ARG A 566 -5.92 16.95 6.61
N VAL A 567 -6.48 17.65 7.57
CA VAL A 567 -5.94 18.87 8.07
C VAL A 567 -5.05 18.55 9.28
N THR A 568 -3.73 18.80 9.17
CA THR A 568 -2.78 18.47 10.20
C THR A 568 -2.34 19.59 11.10
N GLN A 569 -2.48 20.84 10.67
CA GLN A 569 -2.12 21.95 11.52
C GLN A 569 -3.07 23.10 11.29
N THR A 570 -3.26 23.90 12.31
CA THR A 570 -4.11 25.05 12.27
C THR A 570 -3.22 26.21 12.61
N TYR A 571 -3.41 27.33 11.94
CA TYR A 571 -2.79 28.59 12.29
C TYR A 571 -3.89 29.64 12.40
N ASP A 572 -3.55 30.81 12.91
CA ASP A 572 -4.44 31.98 12.84
C ASP A 572 -5.01 32.17 11.39
N ALA A 573 -4.13 32.21 10.40
CA ALA A 573 -4.52 32.58 9.02
C ALA A 573 -4.81 31.42 8.10
N GLY A 574 -4.84 30.18 8.59
CA GLY A 574 -5.14 29.05 7.75
C GLY A 574 -4.65 27.71 8.27
N ALA A 575 -4.47 26.79 7.35
CA ALA A 575 -4.23 25.41 7.71
C ALA A 575 -3.25 24.69 6.79
N CYS A 576 -2.61 23.66 7.38
CA CYS A 576 -1.83 22.70 6.59
C CYS A 576 -2.79 21.58 6.16
N ILE A 577 -2.78 21.28 4.88
CA ILE A 577 -3.55 20.16 4.33
C ILE A 577 -2.61 19.14 3.78
N TYR A 578 -2.82 17.90 4.22
CA TYR A 578 -1.94 16.80 3.92
C TYR A 578 -2.74 15.77 3.12
N PHE A 579 -2.33 15.49 1.90
CA PHE A 579 -2.99 14.54 1.00
C PHE A 579 -2.19 13.24 0.90
N TYR A 580 -2.89 12.12 0.66
CA TYR A 580 -2.26 10.88 0.17
C TYR A 580 -2.89 10.56 -1.16
N PHE A 581 -2.06 10.09 -2.08
CA PHE A 581 -2.47 9.75 -3.45
C PHE A 581 -1.86 8.40 -3.70
N ALA A 582 -2.68 7.44 -4.12
CA ALA A 582 -2.22 6.08 -4.38
C ALA A 582 -3.04 5.41 -5.49
N PHE A 583 -2.36 4.59 -6.28
CA PHE A 583 -3.03 3.75 -7.26
C PHE A 583 -2.31 2.44 -7.60
N ASN A 584 -3.12 1.51 -8.09
CA ASN A 584 -2.69 0.27 -8.69
C ASN A 584 -2.20 0.59 -10.11
N TYR A 585 -0.94 0.31 -10.40
CA TYR A 585 -0.41 0.63 -11.74
C TYR A 585 -0.51 -0.54 -12.76
N ARG A 586 -1.35 -1.57 -12.44
CA ARG A 586 -1.91 -2.59 -13.41
C ARG A 586 -1.98 -2.12 -14.88
N GLY A 587 -1.03 -2.59 -15.68
CA GLY A 587 -1.03 -2.36 -17.11
C GLY A 587 -0.76 -0.94 -17.58
N ILE A 588 -0.03 -0.14 -16.81
CA ILE A 588 0.43 1.16 -17.31
C ILE A 588 1.80 0.88 -17.88
N SER A 589 2.09 1.42 -19.06
CA SER A 589 3.42 1.32 -19.71
C SER A 589 4.55 1.98 -18.89
N ASP A 590 4.27 3.19 -18.36
CA ASP A 590 5.27 3.96 -17.60
C ASP A 590 4.63 4.56 -16.33
N PRO A 591 4.48 3.71 -15.29
CA PRO A 591 3.81 4.01 -14.00
C PRO A 591 4.36 5.24 -13.28
N LEU A 592 5.67 5.39 -13.32
CA LEU A 592 6.37 6.52 -12.72
C LEU A 592 6.02 7.81 -13.40
N ALA A 593 6.14 7.84 -14.72
CA ALA A 593 5.69 9.00 -15.49
C ALA A 593 4.27 9.42 -15.10
N VAL A 594 3.37 8.46 -15.17
CA VAL A 594 1.97 8.71 -14.81
C VAL A 594 1.87 9.30 -13.38
N PHE A 595 2.56 8.69 -12.42
CA PHE A 595 2.65 9.21 -11.09
C PHE A 595 3.18 10.65 -11.03
N GLU A 596 4.38 10.84 -11.57
CA GLU A 596 5.07 12.10 -11.67
C GLU A 596 4.15 13.13 -12.29
N GLN A 597 3.53 12.81 -13.43
CA GLN A 597 2.66 13.82 -14.05
C GLN A 597 1.42 14.12 -13.26
N THR A 598 0.87 13.11 -12.59
CA THR A 598 -0.32 13.37 -11.80
C THR A 598 0.06 14.20 -10.55
N GLU A 599 1.20 13.90 -9.96
CA GLU A 599 1.66 14.67 -8.82
C GLU A 599 1.87 16.13 -9.20
N ALA A 600 2.44 16.42 -10.39
CA ALA A 600 2.61 17.83 -10.84
C ALA A 600 1.27 18.54 -11.08
N ALA A 601 0.31 17.82 -11.64
CA ALA A 601 -1.02 18.35 -11.89
C ALA A 601 -1.79 18.70 -10.60
N ALA A 602 -1.63 17.85 -9.59
CA ALA A 602 -2.19 18.13 -8.26
C ALA A 602 -1.61 19.44 -7.71
N ARG A 603 -0.27 19.62 -7.86
CA ARG A 603 0.40 20.83 -7.41
C ARG A 603 -0.10 22.06 -8.16
N GLU A 604 -0.32 21.92 -9.48
CA GLU A 604 -0.87 23.03 -10.30
C GLU A 604 -2.29 23.38 -9.77
N GLU A 605 -3.11 22.36 -9.52
CA GLU A 605 -4.45 22.55 -8.94
C GLU A 605 -4.43 23.23 -7.58
N ILE A 606 -3.46 22.82 -6.74
CA ILE A 606 -3.23 23.40 -5.42
C ILE A 606 -2.99 24.90 -5.50
N LEU A 607 -2.04 25.27 -6.36
CA LEU A 607 -1.64 26.68 -6.52
C LEU A 607 -2.78 27.55 -7.08
N ALA A 608 -3.57 26.94 -7.94
CA ALA A 608 -4.71 27.59 -8.52
C ALA A 608 -5.82 27.73 -7.51
N ASN A 609 -5.85 26.93 -6.46
CA ASN A 609 -6.89 27.09 -5.43
C ASN A 609 -6.44 27.89 -4.23
N GLY A 610 -5.33 28.59 -4.35
CA GLY A 610 -4.85 29.39 -3.25
C GLY A 610 -3.86 28.74 -2.28
N GLY A 611 -3.48 27.48 -2.52
CA GLY A 611 -2.52 26.78 -1.65
C GLY A 611 -1.08 27.16 -1.94
N SER A 612 -0.19 26.89 -1.00
CA SER A 612 1.20 27.25 -1.15
C SER A 612 1.96 26.12 -1.85
N LEU A 613 3.15 26.43 -2.27
CA LEU A 613 4.02 25.50 -2.93
C LEU A 613 4.45 24.34 -2.02
N SER A 614 4.74 24.66 -0.76
CA SER A 614 4.97 23.72 0.33
C SER A 614 4.68 24.36 1.67
N HIS A 615 4.07 23.57 2.57
CA HIS A 615 4.01 23.91 4.01
C HIS A 615 5.26 23.58 4.71
N HIS A 616 5.77 22.37 4.48
CA HIS A 616 6.95 21.85 5.23
C HIS A 616 7.96 20.99 4.51
N HIS A 617 7.55 20.22 3.51
CA HIS A 617 8.52 19.39 2.79
C HIS A 617 9.62 20.14 2.06
N GLY A 618 9.33 21.37 1.61
CA GLY A 618 10.29 22.19 0.95
C GLY A 618 10.28 22.07 -0.56
N VAL A 619 11.30 22.60 -1.17
CA VAL A 619 11.37 22.72 -2.64
C VAL A 619 12.34 21.73 -3.26
N GLY A 620 13.51 21.64 -2.69
CA GLY A 620 14.56 20.73 -3.15
C GLY A 620 14.74 20.89 -4.63
N LYS A 621 14.79 19.80 -5.38
CA LYS A 621 14.72 19.85 -6.82
C LYS A 621 13.36 19.53 -7.36
N LEU A 622 12.46 19.10 -6.52
CA LEU A 622 11.14 18.69 -6.98
C LEU A 622 10.21 19.85 -7.38
N ARG A 623 10.30 21.00 -6.70
CA ARG A 623 9.35 22.10 -6.92
C ARG A 623 10.03 23.39 -7.40
N LYS A 624 11.24 23.25 -7.91
CA LYS A 624 12.08 24.38 -8.36
C LYS A 624 11.36 25.20 -9.37
N GLN A 625 10.67 24.52 -10.29
CA GLN A 625 10.05 25.24 -11.40
C GLN A 625 8.94 26.20 -11.00
N TRP A 626 8.38 26.05 -9.80
CA TRP A 626 7.37 27.02 -9.32
C TRP A 626 7.93 28.13 -8.42
N LEU A 627 9.19 28.04 -8.02
CA LEU A 627 9.71 28.90 -6.95
C LEU A 627 9.64 30.36 -7.28
N LYS A 628 10.14 30.71 -8.45
CA LYS A 628 10.22 32.10 -8.90
C LYS A 628 8.87 32.77 -8.88
N GLU A 629 7.86 32.06 -9.35
CA GLU A 629 6.50 32.56 -9.25
C GLU A 629 5.99 32.71 -7.79
N SER A 630 6.32 31.77 -6.92
CA SER A 630 5.95 31.83 -5.53
C SER A 630 6.54 33.02 -4.78
N ILE A 631 7.82 33.30 -4.99
CA ILE A 631 8.51 34.35 -4.22
C ILE A 631 8.87 35.64 -4.99
N SER A 632 8.47 35.68 -6.26
CA SER A 632 8.69 36.77 -7.22
C SER A 632 10.10 36.69 -7.80
N ASP A 633 10.32 37.29 -8.98
CA ASP A 633 11.68 37.37 -9.59
C ASP A 633 12.68 38.02 -8.73
N VAL A 634 12.36 39.17 -8.14
CA VAL A 634 13.36 39.86 -7.34
C VAL A 634 13.71 39.02 -6.10
N GLY A 635 12.68 38.40 -5.52
CA GLY A 635 12.90 37.51 -4.38
C GLY A 635 13.84 36.36 -4.67
N PHE A 636 13.62 35.76 -5.84
CA PHE A 636 14.50 34.71 -6.36
C PHE A 636 15.94 35.26 -6.54
N GLY A 637 16.07 36.45 -7.13
CA GLY A 637 17.40 37.05 -7.32
C GLY A 637 18.02 37.42 -5.96
N MET A 638 17.21 37.71 -4.93
CA MET A 638 17.81 37.93 -3.62
C MET A 638 18.39 36.64 -3.09
N LEU A 639 17.65 35.53 -3.26
CA LEU A 639 18.18 34.23 -2.88
C LEU A 639 19.46 33.99 -3.62
N LYS A 640 19.45 34.18 -4.92
CA LYS A 640 20.67 33.98 -5.73
C LYS A 640 21.85 34.80 -5.26
N SER A 641 21.63 36.06 -4.88
CA SER A 641 22.73 36.90 -4.48
C SER A 641 23.36 36.41 -3.19
N VAL A 642 22.57 35.87 -2.25
CA VAL A 642 23.15 35.34 -1.02
C VAL A 642 23.99 34.10 -1.39
N LYS A 643 23.47 33.21 -2.25
CA LYS A 643 24.18 32.00 -2.68
C LYS A 643 25.49 32.39 -3.41
N ASP A 644 25.44 33.31 -4.36
CA ASP A 644 26.70 33.70 -5.04
C ASP A 644 27.73 34.30 -4.06
N TYR A 645 27.30 35.03 -3.03
CA TYR A 645 28.25 35.59 -2.07
C TYR A 645 28.87 34.54 -1.18
N VAL A 646 28.01 33.81 -0.50
CA VAL A 646 28.46 32.83 0.51
C VAL A 646 29.16 31.62 -0.11
N ASP A 647 28.62 31.19 -1.23
CA ASP A 647 29.11 30.00 -1.97
C ASP A 647 29.42 30.32 -3.48
N PRO A 648 30.37 31.24 -3.72
CA PRO A 648 30.66 31.71 -5.11
C PRO A 648 31.06 30.62 -6.11
N THR A 649 31.78 29.59 -5.68
CA THR A 649 32.12 28.46 -6.58
C THR A 649 31.15 27.26 -6.54
N ASN A 650 30.04 27.40 -5.81
CA ASN A 650 29.02 26.34 -5.76
C ASN A 650 29.60 24.99 -5.34
N ILE A 651 30.45 25.02 -4.33
CA ILE A 651 30.79 23.86 -3.51
C ILE A 651 29.54 23.11 -3.01
N PHE A 652 28.54 23.85 -2.54
CA PHE A 652 27.31 23.24 -2.04
C PHE A 652 26.38 23.09 -3.23
N GLY A 653 26.67 22.03 -4.00
CA GLY A 653 26.19 21.92 -5.36
C GLY A 653 25.02 21.01 -5.55
N ASN A 654 24.18 20.82 -4.53
CA ASN A 654 23.02 19.96 -4.73
C ASN A 654 22.05 20.52 -5.70
N ARG A 655 22.21 21.80 -6.06
CA ARG A 655 21.29 22.53 -6.98
C ARG A 655 19.81 22.62 -6.53
N ASN A 656 19.55 22.54 -5.22
CA ASN A 656 18.17 22.76 -4.73
C ASN A 656 17.80 24.21 -4.84
N LEU A 657 16.50 24.45 -4.89
CA LEU A 657 15.89 25.79 -4.81
C LEU A 657 16.01 26.61 -6.12
N LEU A 658 17.23 26.94 -6.48
CA LEU A 658 17.53 27.81 -7.57
C LEU A 658 17.87 26.91 -8.73
N GLY B 81 -6.26 61.00 12.83
CA GLY B 81 -5.36 59.83 12.59
C GLY B 81 -4.48 59.88 11.34
N ILE B 82 -4.92 60.59 10.29
CA ILE B 82 -4.07 60.97 9.16
C ILE B 82 -3.08 62.06 9.61
N ILE B 83 -1.80 61.87 9.28
CA ILE B 83 -0.81 62.92 9.43
C ILE B 83 -1.00 63.86 8.21
N PRO B 84 -1.24 65.18 8.42
CA PRO B 84 -1.32 66.12 7.27
C PRO B 84 0.02 66.30 6.56
N LYS B 85 -0.01 66.78 5.31
CA LYS B 85 1.23 66.98 4.59
C LYS B 85 2.02 68.01 5.29
N LYS B 86 1.42 69.16 5.68
CA LYS B 86 2.11 70.16 6.55
C LYS B 86 2.06 69.73 8.03
N ARG B 87 3.02 68.93 8.43
CA ARG B 87 2.97 68.26 9.74
C ARG B 87 2.99 69.25 10.87
N GLN B 88 3.75 70.30 10.69
CA GLN B 88 3.83 71.36 11.69
C GLN B 88 2.49 72.04 12.00
N GLU B 89 1.47 71.89 11.15
CA GLU B 89 0.09 72.32 11.46
C GLU B 89 -0.40 71.70 12.75
N LEU B 90 -0.01 70.44 13.00
CA LEU B 90 -0.53 69.69 14.16
C LEU B 90 0.54 69.21 15.16
N MET B 91 1.76 69.02 14.67
CA MET B 91 2.85 68.42 15.41
C MET B 91 3.92 69.45 15.66
N LYS B 92 4.58 69.30 16.80
CA LYS B 92 5.65 70.22 17.23
C LYS B 92 6.81 70.13 16.25
N TRP B 93 7.22 71.27 15.69
CA TRP B 93 8.30 71.28 14.72
C TRP B 93 9.64 70.95 15.37
N ASN B 94 9.76 71.14 16.69
CA ASN B 94 11.05 71.06 17.41
C ASN B 94 11.11 70.01 18.50
N GLY B 95 10.12 69.13 18.50
CA GLY B 95 10.02 68.11 19.50
C GLY B 95 8.95 67.08 19.19
N TRP B 96 8.70 66.29 20.20
CA TRP B 96 7.75 65.20 20.13
C TRP B 96 6.30 65.64 20.24
N GLY B 97 5.46 65.02 19.41
CA GLY B 97 4.05 64.99 19.64
C GLY B 97 3.28 66.14 19.06
N TYR B 98 2.07 66.29 19.55
CA TYR B 98 1.10 67.27 19.05
C TYR B 98 1.37 68.62 19.67
N ASN B 99 1.12 69.66 18.89
CA ASN B 99 1.19 71.04 19.36
C ASN B 99 0.35 71.33 20.59
N ASP B 100 -0.83 70.73 20.71
CA ASP B 100 -1.73 70.99 21.84
C ASP B 100 -1.36 70.30 23.16
N SER B 101 -0.17 69.69 23.23
CA SER B 101 0.21 68.82 24.33
C SER B 101 1.63 69.12 24.80
N LYS B 102 1.73 69.93 25.85
CA LYS B 102 3.01 70.25 26.54
C LYS B 102 2.81 70.30 28.04
N PHE B 103 3.85 70.00 28.80
CA PHE B 103 3.78 70.17 30.24
C PHE B 103 3.91 71.63 30.58
N PHE B 104 3.10 72.09 31.50
CA PHE B 104 3.18 73.44 31.98
C PHE B 104 2.87 73.40 33.48
N LEU B 105 3.11 74.53 34.10
CA LEU B 105 2.83 74.73 35.46
C LEU B 105 1.45 75.31 35.53
N ASN B 106 0.56 74.66 36.26
CA ASN B 106 -0.81 75.12 36.30
C ASN B 106 -0.98 76.30 37.33
N LYS B 107 -2.20 76.73 37.53
CA LYS B 107 -2.50 77.89 38.39
C LYS B 107 -2.36 77.59 39.87
N LYS B 108 -2.06 76.34 40.23
CA LYS B 108 -1.61 76.00 41.58
C LYS B 108 -0.15 75.63 41.63
N GLY B 109 0.61 75.94 40.58
CA GLY B 109 2.03 75.65 40.61
C GLY B 109 2.39 74.15 40.52
N GLN B 110 1.48 73.36 39.93
CA GLN B 110 1.69 71.95 39.75
C GLN B 110 1.85 71.66 38.30
N LEU B 111 2.72 70.70 37.99
CA LEU B 111 2.84 70.26 36.60
C LEU B 111 1.59 69.52 36.05
N GLU B 112 1.38 69.73 34.75
CA GLU B 112 0.16 69.32 34.08
C GLU B 112 0.38 69.38 32.58
N LEU B 113 -0.33 68.54 31.84
CA LEU B 113 -0.23 68.48 30.40
C LEU B 113 -1.42 69.24 29.88
N THR B 114 -1.18 70.12 28.91
CA THR B 114 -2.19 70.94 28.31
C THR B 114 -3.02 70.08 27.34
N GLY B 115 -4.10 70.64 26.81
CA GLY B 115 -4.93 69.88 25.86
C GLY B 115 -5.81 68.82 26.48
N LYS B 116 -6.45 68.03 25.62
CA LYS B 116 -7.50 67.04 25.99
C LYS B 116 -7.23 65.66 25.39
N ARG B 117 -6.04 65.46 24.88
CA ARG B 117 -5.79 64.34 23.96
C ARG B 117 -5.48 63.03 24.68
N TYR B 118 -4.96 63.05 25.91
CA TYR B 118 -4.63 61.83 26.65
C TYR B 118 -5.49 61.75 27.91
N PRO B 119 -5.65 60.56 28.45
CA PRO B 119 -6.37 60.52 29.77
C PRO B 119 -5.70 61.30 30.92
N LEU B 120 -4.43 61.62 30.80
CA LEU B 120 -3.73 62.47 31.78
C LEU B 120 -3.75 63.95 31.45
N SER B 121 -4.26 64.31 30.28
CA SER B 121 -4.28 65.68 29.86
C SER B 121 -5.21 66.46 30.76
N GLY B 122 -4.75 67.63 31.25
CA GLY B 122 -5.55 68.45 32.17
C GLY B 122 -5.71 67.86 33.57
N VAL B 123 -4.85 66.92 33.93
CA VAL B 123 -4.86 66.35 35.26
C VAL B 123 -3.63 66.82 36.01
N ALA B 124 -3.83 67.56 37.10
CA ALA B 124 -2.70 68.06 37.90
C ALA B 124 -1.93 66.92 38.50
N LEU B 125 -0.62 67.08 38.55
CA LEU B 125 0.29 66.11 39.09
C LEU B 125 0.99 66.74 40.29
N PRO B 126 0.34 66.71 41.47
CA PRO B 126 0.83 67.55 42.56
C PRO B 126 2.28 67.35 42.95
N THR B 127 2.83 66.15 42.82
CA THR B 127 4.14 65.92 43.42
C THR B 127 5.21 65.64 42.41
N PHE B 128 4.97 65.97 41.14
CA PHE B 128 5.93 65.71 40.05
C PHE B 128 7.06 66.73 40.09
N LYS B 129 6.70 68.00 40.27
CA LYS B 129 7.69 69.09 40.47
C LYS B 129 8.73 68.79 41.53
N ASP B 130 8.24 68.27 42.64
CA ASP B 130 9.00 67.90 43.82
C ASP B 130 9.95 66.78 43.48
N TRP B 131 9.46 65.74 42.79
CA TRP B 131 10.30 64.64 42.32
C TRP B 131 11.45 65.16 41.42
N ILE B 132 11.16 66.10 40.54
CA ILE B 132 12.17 66.53 39.59
C ILE B 132 13.29 67.28 40.32
N GLN B 133 12.87 68.16 41.24
CA GLN B 133 13.79 69.01 41.97
C GLN B 133 14.69 68.11 42.80
N ASN B 134 14.11 67.15 43.48
CA ASN B 134 14.91 66.19 44.22
C ASN B 134 15.91 65.43 43.39
N THR B 135 15.48 65.03 42.19
CA THR B 135 16.24 64.14 41.36
C THR B 135 17.38 64.86 40.63
N PHE B 136 17.12 66.01 40.02
CA PHE B 136 18.15 66.71 39.21
C PHE B 136 18.64 67.99 39.86
N GLY B 137 18.15 68.28 41.06
CA GLY B 137 18.54 69.49 41.75
C GLY B 137 18.41 70.77 40.92
N ILE B 138 17.28 70.94 40.27
CA ILE B 138 16.97 72.22 39.62
C ILE B 138 15.84 72.85 40.40
N ASN B 139 15.40 74.01 39.95
CA ASN B 139 14.38 74.72 40.68
C ASN B 139 13.08 74.80 39.89
N LEU B 140 13.00 75.51 38.77
CA LEU B 140 11.68 75.78 38.13
C LEU B 140 10.53 76.20 39.07
N THR B 155 19.29 77.38 6.14
CA THR B 155 18.65 76.36 5.30
C THR B 155 19.21 76.36 3.87
N PRO B 156 19.88 75.26 3.44
CA PRO B 156 20.33 75.24 2.02
C PRO B 156 19.19 75.29 0.99
N PRO B 157 19.50 75.74 -0.25
CA PRO B 157 18.47 75.71 -1.27
C PRO B 157 18.12 74.29 -1.64
N SER B 158 17.08 74.16 -2.41
CA SER B 158 16.69 72.89 -2.88
C SER B 158 17.33 72.79 -4.29
N ILE B 159 18.26 71.84 -4.46
CA ILE B 159 18.89 71.61 -5.76
C ILE B 159 18.07 70.54 -6.47
N VAL B 160 17.37 70.90 -7.58
CA VAL B 160 16.63 69.90 -8.34
C VAL B 160 16.70 70.01 -9.89
N ASN B 161 16.98 68.88 -10.55
CA ASN B 161 16.96 68.79 -11.98
C ASN B 161 15.58 69.17 -12.49
N GLU B 162 15.54 69.98 -13.54
CA GLU B 162 14.26 70.51 -14.02
C GLU B 162 13.56 69.54 -14.96
N ASP B 163 14.32 68.68 -15.63
CA ASP B 163 13.67 67.60 -16.40
C ASP B 163 12.91 66.65 -15.40
N PHE B 164 13.58 66.28 -14.30
CA PHE B 164 12.95 65.56 -13.18
C PHE B 164 11.68 66.27 -12.67
N LEU B 165 11.79 67.53 -12.31
CA LEU B 165 10.61 68.24 -11.80
C LEU B 165 9.52 68.24 -12.87
N HIS B 166 9.92 68.39 -14.13
CA HIS B 166 8.98 68.42 -15.25
C HIS B 166 8.22 67.11 -15.34
N GLU B 167 8.96 65.99 -15.36
CA GLU B 167 8.30 64.66 -15.31
C GLU B 167 7.47 64.48 -14.01
N LEU B 168 8.02 64.92 -12.88
CA LEU B 168 7.30 64.82 -11.60
C LEU B 168 5.96 65.55 -11.66
N LYS B 169 5.93 66.75 -12.24
CA LYS B 169 4.64 67.49 -12.39
C LYS B 169 3.58 66.70 -13.13
N LYS B 170 3.99 65.96 -14.14
CA LYS B 170 3.08 65.17 -14.94
C LYS B 170 2.47 64.01 -14.19
N THR B 171 3.10 63.53 -13.12
CA THR B 171 2.55 62.42 -12.33
C THR B 171 1.40 62.87 -11.45
N ASN B 172 1.29 64.16 -11.18
CA ASN B 172 0.34 64.67 -10.23
C ASN B 172 0.58 64.19 -8.81
N ILE B 173 1.81 63.77 -8.49
CA ILE B 173 2.18 63.41 -7.12
C ILE B 173 2.59 64.68 -6.40
N SER B 174 1.97 64.88 -5.28
CA SER B 174 2.13 66.10 -4.57
C SER B 174 3.59 66.17 -4.09
N TYR B 175 4.17 67.37 -4.06
CA TYR B 175 5.53 67.55 -3.61
C TYR B 175 5.78 68.93 -3.04
N SER B 176 6.86 69.06 -2.29
CA SER B 176 7.33 70.34 -1.74
C SER B 176 8.89 70.44 -1.69
N GLN B 177 9.38 71.65 -2.01
CA GLN B 177 10.76 72.05 -1.78
C GLN B 177 10.84 73.04 -0.66
N GLU B 178 9.76 73.21 0.11
CA GLU B 178 9.78 74.19 1.22
C GLU B 178 10.67 73.71 2.34
N ALA B 179 11.40 74.66 2.92
CA ALA B 179 12.34 74.38 3.98
C ALA B 179 11.71 73.73 5.18
N ASP B 180 10.56 74.22 5.61
CA ASP B 180 9.94 73.67 6.84
C ASP B 180 9.51 72.21 6.62
N ASP B 181 8.98 71.85 5.46
CA ASP B 181 8.68 70.45 5.11
C ASP B 181 9.92 69.55 5.09
N ARG B 182 11.03 70.05 4.50
CA ARG B 182 12.27 69.30 4.38
C ARG B 182 12.95 69.11 5.70
N VAL B 183 12.95 70.14 6.51
CA VAL B 183 13.55 70.09 7.87
C VAL B 183 12.78 69.18 8.78
N PHE B 184 11.44 69.24 8.68
CA PHE B 184 10.61 68.39 9.55
C PHE B 184 10.99 66.90 9.33
N ARG B 185 11.34 66.53 8.09
CA ARG B 185 11.63 65.16 7.71
C ARG B 185 13.09 64.79 7.70
N ALA B 186 13.95 65.61 8.33
CA ALA B 186 15.38 65.38 8.29
C ALA B 186 15.88 64.68 9.55
N HIS B 187 14.98 64.20 10.38
CA HIS B 187 15.41 63.68 11.66
C HIS B 187 14.33 62.83 12.27
N GLY B 188 14.76 62.06 13.25
CA GLY B 188 13.89 61.43 14.22
C GLY B 188 13.98 62.00 15.62
N HIS B 189 13.99 61.13 16.62
CA HIS B 189 13.89 61.52 17.99
C HIS B 189 15.05 61.14 18.91
N CYS B 190 16.24 61.07 18.35
CA CYS B 190 17.45 61.03 19.17
C CYS B 190 17.75 62.44 19.69
N LEU B 191 18.44 62.46 20.80
CA LEU B 191 18.67 63.69 21.53
C LEU B 191 19.46 64.67 20.71
N HIS B 192 20.56 64.24 20.11
CA HIS B 192 21.41 65.15 19.34
C HIS B 192 20.64 65.83 18.19
N GLU B 193 19.72 65.09 17.57
CA GLU B 193 18.93 65.63 16.46
C GLU B 193 17.99 66.67 16.96
N ILE B 194 17.38 66.43 18.12
CA ILE B 194 16.44 67.41 18.71
C ILE B 194 17.19 68.78 19.05
N PHE B 195 18.40 68.70 19.58
CA PHE B 195 19.31 69.90 19.53
C PHE B 195 19.61 70.58 18.18
N LEU B 196 20.07 69.86 17.16
CA LEU B 196 20.25 70.51 15.85
C LEU B 196 18.95 71.12 15.31
N LEU B 197 17.85 70.50 15.68
CA LEU B 197 16.53 71.01 15.34
C LEU B 197 16.19 72.29 16.10
N ARG B 198 16.47 72.33 17.39
CA ARG B 198 16.18 73.50 18.24
C ARG B 198 17.16 74.61 17.92
N GLU B 199 18.40 74.44 18.39
CA GLU B 199 19.40 75.50 18.43
C GLU B 199 20.60 75.09 17.63
N GLY B 200 20.38 74.87 16.34
CA GLY B 200 21.45 74.74 15.33
C GLY B 200 20.82 74.42 13.99
N MET B 201 21.57 73.70 13.18
CA MET B 201 21.05 73.25 11.93
C MET B 201 21.76 71.98 11.42
N PHE B 202 21.03 71.18 10.65
CA PHE B 202 21.48 69.88 10.21
C PHE B 202 22.50 70.07 9.08
N GLU B 203 23.49 69.21 8.99
CA GLU B 203 24.44 69.24 7.87
C GLU B 203 23.73 69.10 6.53
N ARG B 204 22.62 68.37 6.50
CA ARG B 204 22.05 67.92 5.27
C ARG B 204 20.58 67.60 5.55
N ILE B 205 19.70 68.03 4.64
CA ILE B 205 18.30 67.81 4.75
C ILE B 205 17.83 67.40 3.38
N PRO B 206 16.65 66.73 3.29
CA PRO B 206 16.14 66.36 1.99
C PRO B 206 15.98 67.58 1.08
N ASP B 207 16.16 67.39 -0.20
CA ASP B 207 16.01 68.44 -1.18
C ASP B 207 14.55 68.62 -1.57
N ILE B 208 13.79 67.53 -1.54
CA ILE B 208 12.40 67.58 -1.98
C ILE B 208 11.60 66.51 -1.24
N VAL B 209 10.33 66.81 -0.93
CA VAL B 209 9.41 65.90 -0.22
C VAL B 209 8.33 65.48 -1.21
N LEU B 210 8.14 64.17 -1.39
CA LEU B 210 7.08 63.66 -2.22
C LEU B 210 6.09 62.93 -1.32
N TRP B 211 4.80 63.05 -1.65
CA TRP B 211 3.71 62.31 -0.96
C TRP B 211 2.95 61.39 -1.86
N PRO B 212 3.49 60.19 -2.21
CA PRO B 212 2.71 59.21 -2.93
C PRO B 212 1.49 58.72 -2.10
N THR B 213 0.42 58.42 -2.81
CA THR B 213 -0.83 58.02 -2.21
C THR B 213 -1.07 56.56 -2.43
N CYS B 214 -0.24 55.89 -3.22
CA CYS B 214 -0.46 54.45 -3.46
C CYS B 214 0.83 53.79 -3.96
N HIS B 215 0.76 52.46 -4.05
CA HIS B 215 1.81 51.63 -4.61
C HIS B 215 2.31 52.12 -5.98
N ASP B 216 1.41 52.40 -6.91
CA ASP B 216 1.82 52.83 -8.25
C ASP B 216 2.56 54.13 -8.26
N ASP B 217 2.19 55.05 -7.36
CA ASP B 217 2.94 56.29 -7.19
C ASP B 217 4.39 55.98 -6.83
N VAL B 218 4.53 55.07 -5.91
CA VAL B 218 5.83 54.71 -5.41
C VAL B 218 6.67 54.12 -6.51
N VAL B 219 6.10 53.22 -7.33
CA VAL B 219 6.77 52.67 -8.48
C VAL B 219 7.28 53.80 -9.42
N LYS B 220 6.41 54.75 -9.74
CA LYS B 220 6.81 55.93 -10.55
C LYS B 220 7.96 56.66 -9.92
N ILE B 221 7.89 56.90 -8.61
CA ILE B 221 8.95 57.64 -7.98
C ILE B 221 10.29 56.92 -8.09
N VAL B 222 10.28 55.63 -7.79
CA VAL B 222 11.52 54.85 -7.81
C VAL B 222 12.12 54.79 -9.23
N ASN B 223 11.26 54.66 -10.22
CA ASN B 223 11.68 54.76 -11.64
C ASN B 223 12.33 56.09 -11.97
N LEU B 224 11.70 57.19 -11.55
CA LEU B 224 12.32 58.52 -11.73
C LEU B 224 13.65 58.68 -11.00
N ALA B 225 13.78 58.05 -9.83
CA ALA B 225 15.05 58.09 -9.12
C ALA B 225 16.14 57.32 -9.86
N CYS B 226 15.79 56.18 -10.49
CA CYS B 226 16.72 55.44 -11.35
C CYS B 226 17.14 56.29 -12.55
N LYS B 227 16.17 56.90 -13.20
CA LYS B 227 16.41 57.70 -14.38
C LYS B 227 17.26 58.96 -14.11
N TYR B 228 17.01 59.69 -13.01
CA TYR B 228 17.73 60.91 -12.72
C TYR B 228 18.78 60.78 -11.65
N ASN B 229 19.14 59.56 -11.28
CA ASN B 229 20.16 59.39 -10.22
C ASN B 229 19.87 60.16 -8.91
N LEU B 230 18.71 59.90 -8.31
CA LEU B 230 18.29 60.57 -7.07
C LEU B 230 18.46 59.58 -5.96
N CYS B 231 18.62 60.08 -4.75
CA CYS B 231 18.65 59.27 -3.55
C CYS B 231 17.22 59.38 -2.86
N ILE B 232 16.71 58.24 -2.38
CA ILE B 232 15.42 58.18 -1.62
C ILE B 232 15.61 57.74 -0.16
N ILE B 233 15.13 58.58 0.73
CA ILE B 233 15.02 58.21 2.15
C ILE B 233 13.50 58.12 2.52
N PRO B 234 12.98 56.91 2.76
CA PRO B 234 11.56 56.84 3.16
C PRO B 234 11.29 57.37 4.54
N ILE B 235 10.13 57.98 4.73
CA ILE B 235 9.75 58.35 6.09
C ILE B 235 8.28 58.07 6.34
N GLY B 236 7.98 57.49 7.49
CA GLY B 236 6.58 57.31 7.89
C GLY B 236 6.35 58.33 8.98
N GLY B 237 6.29 57.84 10.21
CA GLY B 237 5.98 58.64 11.35
C GLY B 237 7.09 59.56 11.80
N GLY B 238 8.30 59.38 11.30
CA GLY B 238 9.47 60.10 11.74
C GLY B 238 9.89 59.88 13.16
N THR B 239 9.60 58.72 13.73
CA THR B 239 9.83 58.42 15.13
C THR B 239 11.12 57.62 15.41
N SER B 240 11.95 57.41 14.38
CA SER B 240 13.20 56.68 14.52
C SER B 240 14.01 57.20 15.65
N VAL B 241 14.57 56.29 16.42
CA VAL B 241 15.52 56.66 17.49
C VAL B 241 16.91 56.02 17.21
N SER B 242 17.33 55.95 15.97
CA SER B 242 18.55 55.29 15.62
C SER B 242 19.33 56.05 14.55
N TYR B 243 19.02 57.33 14.33
CA TYR B 243 19.53 58.11 13.20
C TYR B 243 19.19 57.50 11.86
N GLY B 244 18.07 56.78 11.80
CA GLY B 244 17.69 56.10 10.58
C GLY B 244 17.18 57.02 9.49
N LEU B 245 16.82 58.25 9.85
CA LEU B 245 16.35 59.22 8.87
C LEU B 245 17.35 60.30 8.49
N MET B 246 18.41 60.43 9.27
CA MET B 246 19.46 61.41 8.99
C MET B 246 20.04 61.24 7.59
N CYS B 247 20.08 62.35 6.88
CA CYS B 247 20.68 62.39 5.54
C CYS B 247 22.21 62.39 5.66
N PRO B 248 22.91 61.47 5.00
CA PRO B 248 24.39 61.56 5.08
C PRO B 248 24.93 62.91 4.57
N ALA B 249 25.84 63.49 5.34
CA ALA B 249 26.35 64.83 5.06
C ALA B 249 26.98 64.93 3.70
N ASP B 250 27.67 63.90 3.24
CA ASP B 250 28.35 63.98 1.94
C ASP B 250 27.54 63.40 0.79
N GLU B 251 26.27 63.09 0.99
CA GLU B 251 25.44 62.71 -0.15
C GLU B 251 25.17 63.91 -1.03
N THR B 252 25.73 63.87 -2.24
CA THR B 252 25.69 64.95 -3.19
C THR B 252 24.50 64.85 -4.14
N ARG B 253 23.89 63.66 -4.26
CA ARG B 253 22.70 63.55 -5.11
C ARG B 253 21.55 64.31 -4.48
N THR B 254 20.58 64.67 -5.29
CA THR B 254 19.30 65.14 -4.82
C THR B 254 18.64 64.05 -3.91
N ILE B 255 18.23 64.45 -2.75
CA ILE B 255 17.59 63.52 -1.78
C ILE B 255 16.10 63.77 -1.78
N ILE B 256 15.35 62.73 -2.10
CA ILE B 256 13.91 62.71 -1.94
C ILE B 256 13.58 62.14 -0.56
N SER B 257 12.83 62.90 0.23
CA SER B 257 12.09 62.36 1.36
C SER B 257 10.78 61.79 0.84
N LEU B 258 10.71 60.45 0.77
CA LEU B 258 9.52 59.79 0.26
C LEU B 258 8.59 59.56 1.50
N ASP B 259 7.60 60.42 1.66
CA ASP B 259 6.77 60.46 2.83
C ASP B 259 5.60 59.55 2.54
N THR B 260 5.38 58.57 3.41
CA THR B 260 4.28 57.59 3.23
C THR B 260 2.94 57.89 3.93
N SER B 261 2.83 59.03 4.58
CA SER B 261 1.65 59.39 5.35
C SER B 261 0.32 59.52 4.60
N GLN B 262 0.38 59.81 3.30
CA GLN B 262 -0.83 59.85 2.49
C GLN B 262 -1.16 58.52 1.83
N MET B 263 -0.41 57.47 2.12
CA MET B 263 -0.68 56.08 1.65
C MET B 263 -1.11 55.28 2.88
N ASN B 264 -2.36 55.47 3.32
CA ASN B 264 -2.74 55.24 4.67
C ASN B 264 -4.09 54.53 4.85
N ARG B 265 -4.57 53.87 3.80
CA ARG B 265 -5.87 53.24 3.80
C ARG B 265 -5.80 51.74 4.14
N ILE B 266 -6.84 51.25 4.78
CA ILE B 266 -7.14 49.82 4.85
C ILE B 266 -7.73 49.44 3.51
N LEU B 267 -7.09 48.45 2.86
CA LEU B 267 -7.50 48.01 1.54
C LEU B 267 -8.64 46.96 1.64
N TRP B 268 -8.48 45.99 2.53
CA TRP B 268 -9.53 45.01 2.81
C TRP B 268 -9.29 44.36 4.16
N VAL B 269 -10.39 43.94 4.77
CA VAL B 269 -10.41 43.18 6.01
C VAL B 269 -11.05 41.84 5.69
N ASP B 270 -10.27 40.76 5.73
CA ASP B 270 -10.73 39.42 5.51
C ASP B 270 -11.15 38.81 6.82
N GLU B 271 -12.43 38.78 7.04
CA GLU B 271 -12.94 38.28 8.30
C GLU B 271 -12.93 36.74 8.34
N ASN B 272 -12.88 36.06 7.20
CA ASN B 272 -12.68 34.64 7.25
C ASN B 272 -11.32 34.21 7.78
N ASN B 273 -10.23 34.87 7.33
CA ASN B 273 -8.87 34.53 7.72
C ASN B 273 -8.29 35.40 8.87
N LEU B 274 -9.06 36.39 9.31
CA LEU B 274 -8.65 37.42 10.26
C LEU B 274 -7.32 38.06 9.89
N THR B 275 -7.32 38.72 8.74
CA THR B 275 -6.16 39.46 8.26
C THR B 275 -6.68 40.78 7.62
N ALA B 276 -5.90 41.84 7.74
CA ALA B 276 -6.21 43.10 7.16
C ALA B 276 -5.03 43.47 6.24
N HIS B 277 -5.36 43.86 5.03
CA HIS B 277 -4.39 44.31 4.02
C HIS B 277 -4.44 45.83 3.98
N VAL B 278 -3.33 46.46 4.31
CA VAL B 278 -3.27 47.90 4.54
C VAL B 278 -2.12 48.53 3.73
N GLU B 279 -2.25 49.82 3.47
CA GLU B 279 -1.15 50.59 2.91
C GLU B 279 -0.20 50.94 4.06
N ALA B 280 1.09 51.10 3.72
CA ALA B 280 2.14 51.04 4.74
C ALA B 280 2.27 52.33 5.54
N GLY B 281 1.62 53.41 5.09
CA GLY B 281 1.72 54.67 5.79
C GLY B 281 0.69 54.90 6.88
N ILE B 282 -0.19 53.93 7.10
CA ILE B 282 -1.19 54.09 8.16
C ILE B 282 -0.49 54.05 9.50
N THR B 283 -0.91 54.92 10.39
CA THR B 283 -0.36 54.99 11.70
C THR B 283 -1.03 53.96 12.54
N GLY B 284 -0.36 53.59 13.65
CA GLY B 284 -0.97 52.66 14.58
C GLY B 284 -2.32 53.09 15.13
N GLN B 285 -2.47 54.35 15.56
CA GLN B 285 -3.76 54.80 16.11
C GLN B 285 -4.84 54.76 15.06
N GLU B 286 -4.57 55.17 13.83
CA GLU B 286 -5.60 55.14 12.81
C GLU B 286 -5.97 53.72 12.39
N LEU B 287 -4.99 52.83 12.36
CA LEU B 287 -5.25 51.45 12.08
C LEU B 287 -6.15 50.85 13.19
N GLU B 288 -5.82 51.04 14.45
CA GLU B 288 -6.63 50.44 15.52
C GLU B 288 -7.99 51.06 15.54
N ARG B 289 -8.08 52.38 15.36
CA ARG B 289 -9.38 53.08 15.38
C ARG B 289 -10.32 52.52 14.30
N GLN B 290 -9.88 52.41 13.06
CA GLN B 290 -10.72 51.91 11.96
C GLN B 290 -11.11 50.46 12.18
N LEU B 291 -10.17 49.61 12.58
CA LEU B 291 -10.48 48.18 12.75
C LEU B 291 -11.48 47.97 13.88
N LYS B 292 -11.35 48.80 14.93
CA LYS B 292 -12.22 48.73 16.11
C LYS B 292 -13.69 49.02 15.77
N GLU B 293 -13.95 49.82 14.74
CA GLU B 293 -15.30 50.01 14.24
C GLU B 293 -15.90 48.73 13.67
N SER B 294 -15.08 47.82 13.15
CA SER B 294 -15.56 46.52 12.70
C SER B 294 -15.47 45.46 13.77
N GLY B 295 -15.08 45.81 14.98
CA GLY B 295 -14.94 44.79 16.05
C GLY B 295 -13.59 44.09 16.15
N TYR B 296 -12.56 44.63 15.47
CA TYR B 296 -11.21 44.02 15.43
C TYR B 296 -10.12 44.98 15.90
N CYS B 297 -8.95 44.39 16.14
CA CYS B 297 -7.71 45.10 16.45
C CYS B 297 -6.52 44.27 15.97
N THR B 298 -5.36 44.90 15.86
CA THR B 298 -4.11 44.15 15.71
C THR B 298 -3.48 43.86 17.05
N GLY B 299 -3.68 44.74 18.01
CA GLY B 299 -3.05 44.63 19.34
C GLY B 299 -1.56 44.99 19.38
N HIS B 300 -1.01 45.48 18.26
CA HIS B 300 0.38 45.94 18.17
C HIS B 300 0.40 47.39 18.67
N GLU B 301 1.00 47.62 19.83
CA GLU B 301 0.93 48.94 20.50
C GLU B 301 2.31 49.36 20.92
N PRO B 302 3.15 49.80 19.96
CA PRO B 302 4.39 50.47 20.35
C PRO B 302 4.03 51.83 21.00
N ASP B 303 4.91 52.33 21.85
CA ASP B 303 4.69 53.60 22.51
C ASP B 303 4.53 54.76 21.55
N SER B 304 5.04 54.60 20.32
CA SER B 304 5.00 55.63 19.29
C SER B 304 3.81 55.50 18.35
N LEU B 305 2.80 54.68 18.72
CA LEU B 305 1.71 54.32 17.80
C LEU B 305 0.91 55.49 17.22
N GLU B 306 0.91 56.65 17.90
CA GLU B 306 0.21 57.80 17.40
C GLU B 306 0.73 58.18 16.04
N PHE B 307 2.04 58.02 15.81
CA PHE B 307 2.69 58.42 14.57
C PHE B 307 3.41 57.33 13.82
N SER B 308 3.89 56.30 14.49
CA SER B 308 4.60 55.25 13.74
C SER B 308 3.61 54.44 12.85
N THR B 309 4.16 53.92 11.75
CA THR B 309 3.41 53.38 10.69
C THR B 309 3.76 51.88 10.45
N VAL B 310 2.84 51.18 9.78
CA VAL B 310 3.07 49.79 9.43
C VAL B 310 4.38 49.56 8.74
N GLY B 311 4.64 50.37 7.72
CA GLY B 311 5.92 50.36 7.01
C GLY B 311 7.15 50.54 7.87
N GLY B 312 7.10 51.52 8.76
CA GLY B 312 8.11 51.74 9.77
C GLY B 312 8.32 50.52 10.67
N TRP B 313 7.22 49.90 11.16
CA TRP B 313 7.35 48.81 12.08
C TRP B 313 8.08 47.64 11.45
N ILE B 314 7.77 47.37 10.19
CA ILE B 314 8.37 46.29 9.48
C ILE B 314 9.88 46.62 9.22
N SER B 315 10.14 47.86 8.84
CA SER B 315 11.51 48.30 8.58
C SER B 315 12.42 48.24 9.78
N THR B 316 11.88 48.44 10.96
CA THR B 316 12.70 48.51 12.17
C THR B 316 12.52 47.33 13.12
N ARG B 317 11.71 46.36 12.73
CA ARG B 317 11.35 45.27 13.60
C ARG B 317 10.77 45.75 14.91
N ALA B 318 9.71 46.51 14.82
CA ALA B 318 9.08 47.10 16.00
C ALA B 318 8.46 46.04 16.94
N SER B 319 8.44 46.39 18.21
CA SER B 319 7.84 45.58 19.26
C SER B 319 6.81 46.43 20.03
N GLY B 320 5.75 45.78 20.44
CA GLY B 320 4.64 46.45 21.05
C GLY B 320 4.38 45.89 22.43
N MET B 321 3.71 46.73 23.19
CA MET B 321 3.45 46.48 24.63
C MET B 321 2.77 45.18 24.92
N LYS B 322 1.89 44.73 24.02
CA LYS B 322 1.10 43.51 24.26
C LYS B 322 1.53 42.35 23.39
N LYS B 323 2.85 42.27 23.11
CA LYS B 323 3.33 41.25 22.20
C LYS B 323 3.08 39.88 22.73
N ASN B 324 3.01 39.74 24.06
CA ASN B 324 2.72 38.43 24.70
C ASN B 324 1.47 37.79 24.17
N ILE B 325 0.49 38.56 23.77
CA ILE B 325 -0.72 38.04 23.17
C ILE B 325 -0.68 38.13 21.67
N TYR B 326 -0.26 39.23 21.12
CA TYR B 326 -0.48 39.43 19.69
C TYR B 326 0.73 39.12 18.83
N GLY B 327 1.91 39.00 19.46
CA GLY B 327 3.17 38.93 18.76
C GLY B 327 3.84 40.29 18.51
N ASN B 328 5.12 40.21 18.17
CA ASN B 328 5.86 41.36 17.62
C ASN B 328 5.56 41.46 16.14
N ILE B 329 6.15 42.44 15.45
CA ILE B 329 5.84 42.63 14.02
C ILE B 329 6.11 41.39 13.12
N GLU B 330 7.17 40.66 13.43
CA GLU B 330 7.52 39.46 12.66
C GLU B 330 6.50 38.30 12.79
N ASP B 331 5.75 38.28 13.88
CA ASP B 331 4.67 37.35 14.09
C ASP B 331 3.36 37.85 13.45
N LEU B 332 3.19 39.16 13.31
CA LEU B 332 1.95 39.78 12.79
C LEU B 332 1.81 39.86 11.28
N VAL B 333 2.93 40.09 10.60
CA VAL B 333 2.93 40.28 9.16
C VAL B 333 2.89 38.96 8.41
N VAL B 334 1.90 38.83 7.56
CA VAL B 334 1.64 37.63 6.79
C VAL B 334 2.09 37.82 5.35
N HIS B 335 2.18 39.07 4.91
CA HIS B 335 2.42 39.39 3.49
C HIS B 335 2.82 40.83 3.38
N MET B 336 3.60 41.12 2.33
CA MET B 336 4.03 42.47 2.06
C MET B 336 4.43 42.65 0.61
N LYS B 337 4.39 43.93 0.21
CA LYS B 337 4.72 44.33 -1.13
C LYS B 337 5.75 45.40 -1.04
N VAL B 338 6.86 45.23 -1.76
CA VAL B 338 8.02 46.12 -1.67
C VAL B 338 8.52 46.59 -3.02
N VAL B 339 8.72 47.89 -3.16
CA VAL B 339 9.18 48.45 -4.43
C VAL B 339 10.66 48.69 -4.26
N THR B 340 11.45 48.01 -5.08
CA THR B 340 12.91 48.19 -5.09
C THR B 340 13.28 48.65 -6.46
N PRO B 341 14.49 49.18 -6.62
CA PRO B 341 14.96 49.55 -7.97
C PRO B 341 15.00 48.37 -8.90
N ARG B 342 15.15 47.17 -8.38
CA ARG B 342 15.18 45.99 -9.21
C ARG B 342 13.77 45.53 -9.63
N GLY B 343 12.74 46.00 -8.94
CA GLY B 343 11.38 45.62 -9.22
C GLY B 343 10.65 45.34 -7.91
N VAL B 344 9.46 44.76 -8.04
CA VAL B 344 8.54 44.58 -6.90
C VAL B 344 8.69 43.19 -6.31
N ILE B 345 8.93 43.17 -5.00
CA ILE B 345 8.92 41.94 -4.23
C ILE B 345 7.52 41.67 -3.62
N GLU B 346 7.02 40.49 -3.87
CA GLU B 346 5.75 40.07 -3.36
C GLU B 346 5.58 38.54 -3.53
N LYS B 347 5.25 37.81 -2.47
CA LYS B 347 4.96 36.39 -2.60
C LYS B 347 3.61 36.19 -3.29
N SER B 348 3.43 35.05 -3.96
CA SER B 348 2.25 34.79 -4.78
C SER B 348 1.05 34.29 -3.98
N CYS B 349 1.25 33.89 -2.74
CA CYS B 349 0.09 33.45 -1.96
C CYS B 349 0.19 33.85 -0.52
N GLN B 350 -0.94 33.68 0.18
CA GLN B 350 -1.14 34.06 1.58
C GLN B 350 -1.33 32.85 2.54
N GLY B 351 -0.75 31.70 2.14
CA GLY B 351 -0.61 30.53 3.04
C GLY B 351 -0.04 30.95 4.40
N PRO B 352 -0.57 30.42 5.51
CA PRO B 352 -0.12 30.89 6.82
C PRO B 352 1.32 30.55 7.15
N ARG B 353 1.87 29.50 6.58
CA ARG B 353 3.24 29.09 6.92
C ARG B 353 3.77 28.28 5.78
N MET B 354 5.00 28.56 5.36
CA MET B 354 5.59 27.93 4.17
C MET B 354 6.99 27.38 4.42
N SER B 355 7.34 26.41 3.61
CA SER B 355 8.71 25.99 3.44
C SER B 355 9.05 26.13 1.99
N THR B 356 9.45 27.34 1.60
CA THR B 356 9.84 27.63 0.21
C THR B 356 11.18 28.32 0.08
N GLY B 357 12.15 27.84 0.85
CA GLY B 357 13.43 28.46 0.92
C GLY B 357 13.53 29.49 2.03
N PRO B 358 14.65 30.21 2.05
CA PRO B 358 14.82 31.24 3.06
C PRO B 358 13.66 32.23 2.98
N ASP B 359 13.09 32.57 4.12
CA ASP B 359 11.92 33.48 4.12
C ASP B 359 12.29 34.92 3.77
N ILE B 360 11.96 35.34 2.56
CA ILE B 360 12.36 36.66 2.08
C ILE B 360 11.67 37.83 2.74
N HIS B 361 10.59 37.56 3.47
CA HIS B 361 10.07 38.58 4.37
C HIS B 361 11.08 39.04 5.32
N HIS B 362 11.92 38.10 5.77
CA HIS B 362 12.96 38.44 6.71
C HIS B 362 14.17 39.14 6.13
N PHE B 363 14.28 39.18 4.81
CA PHE B 363 15.28 40.03 4.14
C PHE B 363 14.84 41.51 4.21
N ILE B 364 13.53 41.77 4.23
CA ILE B 364 12.97 43.12 4.25
C ILE B 364 12.71 43.62 5.67
N MET B 365 12.17 42.78 6.55
CA MET B 365 12.01 43.17 7.93
C MET B 365 13.34 43.48 8.57
N GLY B 366 13.46 44.64 9.14
CA GLY B 366 14.74 45.07 9.69
C GLY B 366 15.64 45.76 8.67
N SER B 367 15.18 45.97 7.44
CA SER B 367 16.03 46.55 6.42
C SER B 367 16.15 48.08 6.54
N GLU B 368 15.35 48.72 7.39
CA GLU B 368 15.56 50.15 7.79
C GLU B 368 15.71 51.11 6.58
N GLY B 369 14.87 50.95 5.58
CA GLY B 369 14.84 51.89 4.47
C GLY B 369 15.98 51.78 3.47
N THR B 370 16.77 50.69 3.51
CA THR B 370 17.98 50.57 2.69
C THR B 370 17.78 49.75 1.42
N LEU B 371 16.62 49.17 1.23
CA LEU B 371 16.39 48.31 0.08
C LEU B 371 15.29 48.74 -0.90
N GLY B 372 14.28 49.41 -0.37
CA GLY B 372 13.11 49.79 -1.11
C GLY B 372 12.02 50.30 -0.20
N VAL B 373 10.83 50.50 -0.78
CA VAL B 373 9.70 51.00 -0.03
C VAL B 373 8.69 49.91 0.16
N ILE B 374 8.34 49.66 1.43
CA ILE B 374 7.23 48.75 1.75
C ILE B 374 5.97 49.56 1.51
N THR B 375 5.14 49.10 0.57
CA THR B 375 3.99 49.89 0.18
C THR B 375 2.68 49.36 0.79
N GLU B 376 2.58 48.04 0.94
CA GLU B 376 1.39 47.37 1.46
C GLU B 376 1.80 46.23 2.34
N ALA B 377 0.98 45.91 3.34
CA ALA B 377 1.17 44.74 4.15
C ALA B 377 -0.13 44.15 4.66
N THR B 378 -0.13 42.84 4.80
CA THR B 378 -1.20 42.09 5.41
C THR B 378 -0.79 41.72 6.82
N ILE B 379 -1.66 42.05 7.77
CA ILE B 379 -1.42 41.82 9.15
C ILE B 379 -2.59 41.09 9.78
N LYS B 380 -2.28 40.23 10.73
CA LYS B 380 -3.23 39.50 11.51
C LYS B 380 -4.02 40.44 12.37
N ILE B 381 -5.29 40.13 12.49
CA ILE B 381 -6.17 40.83 13.40
C ILE B 381 -6.85 39.85 14.32
N ARG B 382 -7.46 40.38 15.34
CA ARG B 382 -8.15 39.62 16.40
C ARG B 382 -9.42 40.33 16.80
N PRO B 383 -10.44 39.62 17.36
CA PRO B 383 -11.59 40.34 17.91
C PRO B 383 -11.14 41.19 19.03
N THR B 384 -11.74 42.34 19.23
CA THR B 384 -11.29 43.22 20.28
C THR B 384 -11.51 42.49 21.64
N PRO B 385 -10.57 42.58 22.58
CA PRO B 385 -10.84 41.88 23.80
C PRO B 385 -12.08 42.44 24.53
N GLU B 386 -12.79 41.56 25.19
CA GLU B 386 -13.95 41.95 25.97
C GLU B 386 -13.63 42.92 27.13
N TYR B 387 -12.51 42.68 27.81
CA TYR B 387 -12.26 43.23 29.08
C TYR B 387 -10.77 43.44 29.36
N GLN B 388 -10.46 44.55 30.01
CA GLN B 388 -9.11 44.87 30.48
C GLN B 388 -9.05 45.04 31.97
N LYS B 389 -8.01 44.54 32.59
CA LYS B 389 -7.80 44.78 33.99
C LYS B 389 -6.33 45.11 34.29
N TYR B 390 -6.10 46.10 35.15
CA TYR B 390 -4.74 46.45 35.53
C TYR B 390 -4.42 45.83 36.85
N GLY B 391 -3.12 45.80 37.16
CA GLY B 391 -2.63 45.23 38.42
C GLY B 391 -1.24 45.75 38.79
N SER B 392 -0.81 45.49 40.01
CA SER B 392 0.53 45.79 40.42
C SER B 392 0.94 44.88 41.55
N VAL B 393 2.22 44.65 41.63
CA VAL B 393 2.78 43.82 42.65
C VAL B 393 4.06 44.46 43.17
N ALA B 394 4.16 44.54 44.50
CA ALA B 394 5.39 44.99 45.17
C ALA B 394 6.25 43.81 45.50
N PHE B 395 7.58 43.93 45.30
CA PHE B 395 8.55 42.93 45.77
C PHE B 395 9.57 43.60 46.68
N PRO B 396 10.23 42.83 47.57
CA PRO B 396 11.21 43.41 48.50
C PRO B 396 12.44 44.01 47.85
N ASN B 397 12.73 43.56 46.63
CA ASN B 397 13.84 44.07 45.83
C ASN B 397 13.70 43.62 44.37
N PHE B 398 14.59 44.14 43.54
CA PHE B 398 14.55 43.96 42.08
C PHE B 398 14.79 42.51 41.69
N GLU B 399 15.80 41.88 42.31
CA GLU B 399 16.17 40.46 42.05
C GLU B 399 14.97 39.55 42.24
N GLN B 400 14.20 39.82 43.30
CA GLN B 400 13.04 39.02 43.59
C GLN B 400 12.00 39.19 42.52
N GLY B 401 11.72 40.43 42.12
CA GLY B 401 10.84 40.71 40.98
C GLY B 401 11.28 39.99 39.71
N VAL B 402 12.59 40.05 39.42
CA VAL B 402 13.14 39.45 38.21
C VAL B 402 12.90 37.92 38.24
N ALA B 403 13.16 37.32 39.37
CA ALA B 403 12.93 35.90 39.56
C ALA B 403 11.46 35.54 39.33
N CYS B 404 10.56 36.39 39.79
CA CYS B 404 9.15 36.14 39.60
C CYS B 404 8.75 36.25 38.07
N LEU B 405 9.18 37.32 37.41
CA LEU B 405 9.02 37.43 35.96
C LEU B 405 9.51 36.14 35.25
N ARG B 406 10.66 35.64 35.66
CA ARG B 406 11.23 34.46 35.06
C ARG B 406 10.31 33.25 35.23
N GLU B 407 9.79 33.10 36.43
CA GLU B 407 8.87 32.01 36.72
C GLU B 407 7.59 32.15 35.91
N ILE B 408 7.05 33.35 35.89
CA ILE B 408 5.90 33.60 35.03
C ILE B 408 6.18 33.19 33.55
N ALA B 409 7.33 33.59 33.01
CA ALA B 409 7.70 33.22 31.64
C ALA B 409 7.87 31.69 31.54
N LYS B 410 8.45 31.09 32.56
CA LYS B 410 8.63 29.65 32.59
C LYS B 410 7.30 28.88 32.59
N GLN B 411 6.30 29.39 33.29
CA GLN B 411 4.99 28.75 33.25
C GLN B 411 4.19 29.20 32.04
N ARG B 412 4.80 29.96 31.15
CA ARG B 412 4.13 30.53 29.97
C ARG B 412 2.78 31.07 30.32
N CYS B 413 2.69 31.86 31.41
CA CYS B 413 1.42 32.52 31.80
C CYS B 413 1.56 34.04 31.97
N ALA B 414 2.35 34.66 31.12
CA ALA B 414 2.46 36.08 31.14
C ALA B 414 1.11 36.72 30.75
N PRO B 415 0.70 37.76 31.44
CA PRO B 415 -0.42 38.56 30.93
C PRO B 415 -0.05 39.37 29.70
N ALA B 416 -1.03 40.10 29.18
CA ALA B 416 -0.87 40.94 28.02
C ALA B 416 0.42 41.85 28.14
N SER B 417 0.59 42.52 29.28
CA SER B 417 1.84 43.23 29.56
C SER B 417 2.18 43.03 31.01
N ILE B 418 3.48 42.81 31.23
CA ILE B 418 4.06 42.76 32.54
C ILE B 418 5.39 43.47 32.49
N ARG B 419 5.50 44.53 33.30
CA ARG B 419 6.71 45.36 33.41
C ARG B 419 7.17 45.45 34.86
N LEU B 420 8.47 45.29 35.11
CA LEU B 420 9.01 45.37 36.45
C LEU B 420 9.86 46.57 36.54
N MET B 421 9.59 47.49 37.44
CA MET B 421 10.50 48.63 37.56
C MET B 421 11.32 48.61 38.83
N ASP B 422 12.53 49.14 38.72
CA ASP B 422 13.42 49.29 39.88
C ASP B 422 12.93 50.41 40.77
N ASN B 423 13.54 50.49 41.95
CA ASN B 423 13.06 51.37 43.02
C ASN B 423 12.83 52.78 42.56
N GLN B 424 13.77 53.32 41.81
CA GLN B 424 13.69 54.68 41.27
C GLN B 424 12.48 54.93 40.40
N GLN B 425 12.18 54.00 39.51
CA GLN B 425 10.97 54.11 38.71
C GLN B 425 9.70 53.93 39.57
N PHE B 426 9.78 53.16 40.65
CA PHE B 426 8.65 53.06 41.56
C PHE B 426 8.41 54.41 42.23
N GLN B 427 9.46 55.05 42.71
CA GLN B 427 9.33 56.43 43.27
C GLN B 427 8.84 57.45 42.27
N PHE B 428 9.45 57.49 41.09
CA PHE B 428 8.91 58.27 39.98
C PHE B 428 7.40 58.09 39.86
N GLY B 429 6.96 56.85 39.70
CA GLY B 429 5.57 56.58 39.46
C GLY B 429 4.71 57.03 40.61
N HIS B 430 5.20 56.83 41.81
CA HIS B 430 4.54 57.31 43.03
C HIS B 430 4.36 58.82 43.07
N ALA B 431 5.36 59.52 42.51
CA ALA B 431 5.34 60.96 42.38
C ALA B 431 4.36 61.50 41.35
N LEU B 432 3.84 60.65 40.47
CA LEU B 432 2.92 61.08 39.41
C LEU B 432 1.44 60.69 39.63
N LYS B 433 1.07 60.27 40.84
CA LYS B 433 -0.37 60.20 41.15
C LYS B 433 -1.00 61.64 41.30
N PRO B 434 -2.29 61.79 40.95
CA PRO B 434 -3.07 63.04 41.09
C PRO B 434 -3.17 63.71 42.48
N PRO B 460 13.50 49.15 51.62
CA PRO B 460 12.57 50.19 51.12
C PRO B 460 13.16 51.11 50.01
N ASN B 461 14.49 51.19 49.94
CA ASN B 461 15.16 51.88 48.85
C ASN B 461 15.48 50.90 47.78
N GLN B 462 15.24 49.62 48.07
CA GLN B 462 15.41 48.60 47.09
C GLN B 462 14.12 47.96 46.64
N LEU B 463 12.99 48.37 47.19
CA LEU B 463 11.72 47.75 46.86
C LEU B 463 11.37 47.98 45.35
N SER B 464 10.82 46.96 44.67
CA SER B 464 10.54 47.01 43.24
C SER B 464 9.08 46.74 42.97
N VAL B 465 8.60 47.16 41.79
CA VAL B 465 7.17 47.02 41.45
C VAL B 465 6.94 46.56 40.03
N ALA B 466 6.02 45.61 39.87
CA ALA B 466 5.61 45.17 38.57
C ALA B 466 4.25 45.71 38.33
N THR B 467 4.02 46.25 37.15
CA THR B 467 2.71 46.57 36.63
C THR B 467 2.27 45.48 35.66
N LEU B 468 0.95 45.26 35.63
CA LEU B 468 0.27 44.19 34.92
C LEU B 468 -0.91 44.77 34.13
N LEU B 469 -1.15 44.19 32.98
CA LEU B 469 -2.33 44.48 32.17
C LEU B 469 -2.75 43.15 31.66
N PHE B 470 -3.98 42.77 31.95
CA PHE B 470 -4.56 41.51 31.48
C PHE B 470 -5.61 41.94 30.52
N GLU B 471 -5.83 41.18 29.48
CA GLU B 471 -6.95 41.50 28.61
C GLU B 471 -7.43 40.26 27.95
N GLY B 472 -8.71 40.24 27.63
CA GLY B 472 -9.38 39.04 27.12
C GLY B 472 -10.78 39.00 27.67
N ASP B 473 -11.32 37.81 27.71
CA ASP B 473 -12.62 37.56 28.32
C ASP B 473 -12.52 37.69 29.83
N ARG B 474 -13.51 38.39 30.38
CA ARG B 474 -13.62 38.68 31.81
C ARG B 474 -13.31 37.50 32.73
N GLU B 475 -13.95 36.36 32.51
CA GLU B 475 -13.78 35.26 33.46
C GLU B 475 -12.37 34.69 33.39
N LYS B 476 -11.80 34.64 32.17
CA LYS B 476 -10.40 34.14 31.98
C LYS B 476 -9.42 35.09 32.64
N VAL B 477 -9.60 36.37 32.37
CA VAL B 477 -8.78 37.41 33.06
C VAL B 477 -8.71 37.27 34.60
N LEU B 478 -9.87 37.07 35.23
CA LEU B 478 -9.94 36.97 36.67
C LEU B 478 -9.23 35.73 37.16
N GLN B 479 -9.36 34.67 36.38
CA GLN B 479 -8.70 33.42 36.67
C GLN B 479 -7.19 33.58 36.57
N HIS B 480 -6.76 34.23 35.48
CA HIS B 480 -5.37 34.47 35.17
C HIS B 480 -4.71 35.32 36.26
N GLU B 481 -5.37 36.41 36.64
CA GLU B 481 -4.91 37.34 37.64
C GLU B 481 -4.62 36.61 38.96
N LYS B 482 -5.54 35.76 39.41
CA LYS B 482 -5.29 34.94 40.60
C LYS B 482 -4.02 34.16 40.44
N GLN B 483 -3.88 33.53 39.28
CA GLN B 483 -2.70 32.67 39.03
C GLN B 483 -1.36 33.41 39.12
N VAL B 484 -1.36 34.65 38.67
CA VAL B 484 -0.16 35.47 38.66
C VAL B 484 0.16 35.92 40.10
N TYR B 485 -0.85 36.42 40.81
CA TYR B 485 -0.64 36.84 42.19
C TYR B 485 -0.16 35.65 43.01
N ASP B 486 -0.74 34.48 42.79
CA ASP B 486 -0.26 33.27 43.43
C ASP B 486 1.24 33.05 43.20
N ILE B 487 1.66 33.02 41.93
CA ILE B 487 3.08 32.83 41.59
C ILE B 487 3.93 33.88 42.34
N ALA B 488 3.45 35.13 42.32
CA ALA B 488 4.21 36.28 42.85
C ALA B 488 4.42 36.19 44.37
N ALA B 489 3.42 35.67 45.08
CA ALA B 489 3.56 35.46 46.52
C ALA B 489 4.76 34.60 46.87
N LYS B 490 5.16 33.68 45.99
CA LYS B 490 6.33 32.82 46.25
C LYS B 490 7.66 33.54 46.21
N PHE B 491 7.74 34.75 45.63
CA PHE B 491 8.95 35.57 45.61
C PHE B 491 8.82 36.82 46.53
N GLY B 492 7.92 36.72 47.52
CA GLY B 492 7.59 37.83 48.40
C GLY B 492 6.77 38.92 47.74
N GLY B 493 6.10 38.62 46.62
CA GLY B 493 5.33 39.63 45.89
C GLY B 493 4.00 39.92 46.58
N LEU B 494 3.69 41.20 46.78
CA LEU B 494 2.43 41.61 47.41
C LEU B 494 1.63 42.49 46.46
N ALA B 495 0.34 42.19 46.30
CA ALA B 495 -0.56 42.97 45.49
C ALA B 495 -0.52 44.42 45.93
N ALA B 496 -0.32 45.35 45.00
CA ALA B 496 -0.23 46.78 45.32
C ALA B 496 -1.32 47.64 44.67
N GLY B 497 -2.39 47.03 44.15
CA GLY B 497 -3.55 47.77 43.66
C GLY B 497 -3.63 47.92 42.14
N GLU B 498 -4.87 48.05 41.66
CA GLU B 498 -5.16 48.21 40.26
C GLU B 498 -4.77 49.60 39.79
N ASP B 499 -5.02 50.61 40.65
CA ASP B 499 -4.78 52.01 40.29
C ASP B 499 -3.32 52.31 39.90
N ASN B 500 -2.37 51.74 40.63
CA ASN B 500 -0.93 51.79 40.22
C ASN B 500 -0.67 51.31 38.82
N GLY B 501 -1.15 50.10 38.56
CA GLY B 501 -0.97 49.49 37.26
C GLY B 501 -1.57 50.36 36.20
N GLN B 502 -2.81 50.76 36.42
CA GLN B 502 -3.47 51.66 35.50
C GLN B 502 -2.64 52.90 35.23
N ARG B 503 -2.07 53.46 36.29
CA ARG B 503 -1.36 54.72 36.17
C ARG B 503 -0.10 54.51 35.37
N GLY B 504 0.64 53.46 35.71
CA GLY B 504 1.85 53.14 34.94
C GLY B 504 1.58 53.06 33.45
N TYR B 505 0.48 52.41 33.08
CA TYR B 505 0.19 52.23 31.67
C TYR B 505 -0.30 53.47 30.99
N LEU B 506 -1.19 54.23 31.63
CA LEU B 506 -1.51 55.60 31.17
C LEU B 506 -0.33 56.59 31.08
N LEU B 507 0.75 56.42 31.85
CA LEU B 507 1.97 57.26 31.66
C LEU B 507 2.73 56.97 30.39
N THR B 508 2.56 55.76 29.86
CA THR B 508 3.23 55.29 28.66
C THR B 508 3.31 56.36 27.59
N TYR B 509 2.18 56.93 27.24
CA TYR B 509 2.13 57.85 26.09
C TYR B 509 2.52 59.29 26.40
N VAL B 510 2.80 59.60 27.68
CA VAL B 510 3.19 60.98 28.07
C VAL B 510 4.67 61.17 28.43
N ILE B 511 5.40 60.10 28.69
CA ILE B 511 6.80 60.19 29.03
C ILE B 511 7.64 60.90 27.94
N ALA B 512 7.30 60.70 26.69
CA ALA B 512 8.05 61.34 25.62
C ALA B 512 7.90 62.84 25.62
N TYR B 513 6.80 63.34 26.18
CA TYR B 513 6.58 64.79 26.32
C TYR B 513 7.47 65.42 27.42
N MET B 514 8.06 64.62 28.29
CA MET B 514 8.89 65.09 29.36
C MET B 514 10.25 65.53 28.90
N ARG B 515 10.71 65.09 27.74
CA ARG B 515 11.99 65.59 27.19
C ARG B 515 11.96 67.08 27.03
N ASP B 516 11.05 67.55 26.21
CA ASP B 516 10.88 68.98 26.02
C ASP B 516 10.75 69.76 27.35
N LEU B 517 10.17 69.12 28.38
CA LEU B 517 10.18 69.72 29.70
C LEU B 517 11.61 69.89 30.23
N GLY B 518 12.36 68.79 30.27
CA GLY B 518 13.73 68.72 30.77
C GLY B 518 14.67 69.67 30.05
N LEU B 519 14.51 69.77 28.75
CA LEU B 519 15.40 70.64 27.99
C LEU B 519 15.23 72.10 28.37
N GLU B 520 14.04 72.50 28.80
CA GLU B 520 13.83 73.87 29.30
C GLU B 520 14.59 74.14 30.60
N TYR B 521 15.01 73.08 31.31
CA TYR B 521 15.66 73.22 32.61
C TYR B 521 17.00 72.53 32.71
N TYR B 522 17.76 72.51 31.61
CA TYR B 522 19.12 71.98 31.58
C TYR B 522 19.23 70.48 31.93
N ILE B 523 18.15 69.71 31.69
CA ILE B 523 18.16 68.26 31.93
C ILE B 523 18.08 67.57 30.58
N ILE B 524 19.05 66.70 30.33
CA ILE B 524 19.09 65.91 29.11
C ILE B 524 19.11 64.45 29.42
N GLY B 525 18.57 63.71 28.49
CA GLY B 525 18.63 62.25 28.64
C GLY B 525 17.95 61.52 27.51
N GLU B 526 18.05 60.22 27.58
CA GLU B 526 17.47 59.35 26.56
C GLU B 526 17.22 58.01 27.21
N SER B 527 16.28 57.27 26.62
CA SER B 527 16.05 55.87 26.95
C SER B 527 16.86 55.02 26.00
N PHE B 528 17.26 53.83 26.44
CA PHE B 528 17.92 52.86 25.55
C PHE B 528 17.58 51.49 26.08
N GLU B 529 17.79 50.52 25.23
CA GLU B 529 17.25 49.18 25.48
C GLU B 529 18.22 48.07 25.01
N THR B 530 17.97 46.89 25.53
CA THR B 530 18.68 45.69 25.12
C THR B 530 17.80 44.50 25.44
N SER B 531 18.13 43.36 24.87
CA SER B 531 17.56 42.11 25.30
C SER B 531 18.71 41.24 25.76
N ALA B 532 18.45 40.40 26.74
CA ALA B 532 19.47 39.58 27.37
C ALA B 532 18.90 38.28 27.91
N PRO B 533 19.74 37.23 27.96
CA PRO B 533 19.32 35.97 28.58
C PRO B 533 18.95 36.15 30.06
N TRP B 534 18.01 35.36 30.55
CA TRP B 534 17.49 35.48 31.90
C TRP B 534 18.64 35.54 32.92
N ASP B 535 19.67 34.72 32.75
CA ASP B 535 20.73 34.66 33.74
C ASP B 535 21.70 35.84 33.71
N ARG B 536 21.56 36.74 32.74
CA ARG B 536 22.36 37.96 32.72
C ARG B 536 21.66 39.23 33.21
N VAL B 537 20.34 39.16 33.42
CA VAL B 537 19.53 40.38 33.60
C VAL B 537 19.96 41.23 34.79
N VAL B 538 20.07 40.60 35.96
CA VAL B 538 20.34 41.33 37.20
C VAL B 538 21.73 41.95 37.13
N ASP B 539 22.76 41.16 36.86
CA ASP B 539 24.14 41.73 36.67
C ASP B 539 24.19 42.83 35.59
N LEU B 540 23.57 42.59 34.45
CA LEU B 540 23.54 43.61 33.40
C LEU B 540 22.92 44.92 33.94
N CYS B 541 21.80 44.84 34.66
CA CYS B 541 21.14 46.05 35.17
C CYS B 541 22.05 46.78 36.11
N ARG B 542 22.57 46.07 37.09
CA ARG B 542 23.48 46.65 38.07
C ARG B 542 24.72 47.20 37.39
N ASN B 543 25.37 46.43 36.54
CA ASN B 543 26.59 46.93 35.93
C ASN B 543 26.41 48.10 34.99
N VAL B 544 25.33 48.11 34.21
CA VAL B 544 25.11 49.23 33.29
C VAL B 544 24.84 50.52 34.06
N LYS B 545 24.02 50.42 35.11
CA LYS B 545 23.65 51.56 35.92
C LYS B 545 24.87 52.14 36.63
N GLU B 546 25.74 51.27 37.13
CA GLU B 546 26.97 51.76 37.77
C GLU B 546 27.92 52.36 36.73
N ARG B 547 28.01 51.80 35.52
CA ARG B 547 28.91 52.36 34.52
C ARG B 547 28.49 53.80 34.12
N ILE B 548 27.19 54.06 34.06
CA ILE B 548 26.64 55.39 33.82
C ILE B 548 27.05 56.37 34.95
N ARG B 549 27.00 55.93 36.22
CA ARG B 549 27.44 56.78 37.34
C ARG B 549 28.88 57.12 37.24
N ARG B 550 29.71 56.08 37.13
CA ARG B 550 31.14 56.22 36.91
C ARG B 550 31.47 57.16 35.78
N GLU B 551 30.88 56.96 34.62
CA GLU B 551 31.23 57.78 33.46
C GLU B 551 30.87 59.24 33.65
N CYS B 552 29.72 59.50 34.27
CA CYS B 552 29.25 60.88 34.47
C CYS B 552 30.17 61.65 35.44
N LYS B 553 30.54 61.04 36.56
CA LYS B 553 31.45 61.68 37.49
C LYS B 553 32.78 62.05 36.82
N GLU B 554 33.38 61.10 36.08
CA GLU B 554 34.63 61.34 35.31
C GLU B 554 34.58 62.43 34.26
N LYS B 555 33.38 62.85 33.87
CA LYS B 555 33.23 63.88 32.86
C LYS B 555 32.67 65.17 33.47
N GLY B 556 32.50 65.21 34.78
CA GLY B 556 32.25 66.48 35.46
C GLY B 556 30.81 66.82 35.68
N VAL B 557 29.97 65.80 35.67
CA VAL B 557 28.56 66.00 35.90
C VAL B 557 28.40 66.22 37.42
N GLN B 558 27.82 67.37 37.78
CA GLN B 558 27.81 67.81 39.18
C GLN B 558 27.06 66.86 40.08
N PHE B 559 25.95 66.33 39.60
CA PHE B 559 25.08 65.51 40.43
C PHE B 559 24.99 64.12 39.85
N PRO B 560 24.80 63.11 40.71
CA PRO B 560 24.77 61.74 40.17
C PRO B 560 23.57 61.56 39.22
N PRO B 561 23.79 61.06 37.99
CA PRO B 561 22.71 61.08 37.00
C PRO B 561 21.54 60.23 37.45
N LEU B 562 20.34 60.42 36.85
CA LEU B 562 19.32 59.43 36.99
C LEU B 562 19.72 58.26 36.08
N SER B 563 19.62 57.06 36.61
CA SER B 563 20.06 55.86 35.92
C SER B 563 19.21 54.69 36.40
N THR B 564 18.17 54.41 35.65
CA THR B 564 17.13 53.53 36.11
C THR B 564 16.74 52.54 35.03
N CYS B 565 16.15 51.44 35.46
CA CYS B 565 15.73 50.44 34.50
C CYS B 565 14.46 49.75 34.85
N ARG B 566 13.85 49.20 33.80
CA ARG B 566 12.73 48.27 33.97
C ARG B 566 12.84 47.12 32.95
N VAL B 567 12.23 46.03 33.32
CA VAL B 567 12.06 44.94 32.40
C VAL B 567 10.71 45.14 31.73
N THR B 568 10.70 45.36 30.43
CA THR B 568 9.47 45.60 29.67
C THR B 568 8.88 44.41 28.94
N GLN B 569 9.67 43.39 28.66
CA GLN B 569 9.12 42.20 27.96
C GLN B 569 9.85 40.96 28.46
N THR B 570 9.14 39.85 28.46
CA THR B 570 9.66 38.58 28.90
C THR B 570 9.50 37.67 27.71
N TYR B 571 10.41 36.71 27.60
CA TYR B 571 10.36 35.67 26.61
C TYR B 571 10.85 34.41 27.25
N ASP B 572 10.67 33.30 26.55
CA ASP B 572 11.19 32.04 27.00
C ASP B 572 12.66 32.15 27.40
N ALA B 573 13.46 32.72 26.50
CA ALA B 573 14.93 32.73 26.68
C ALA B 573 15.50 34.02 27.27
N GLY B 574 14.68 34.95 27.72
CA GLY B 574 15.23 36.15 28.33
C GLY B 574 14.27 37.30 28.40
N ALA B 575 14.82 38.51 28.51
CA ALA B 575 14.02 39.73 28.69
C ALA B 575 14.54 40.96 27.95
N CYS B 576 13.61 41.87 27.74
CA CYS B 576 13.94 43.21 27.24
C CYS B 576 14.07 44.10 28.48
N ILE B 577 15.18 44.79 28.51
CA ILE B 577 15.50 45.73 29.56
C ILE B 577 15.60 47.10 28.95
N TYR B 578 14.92 48.02 29.62
CA TYR B 578 14.74 49.37 29.12
C TYR B 578 15.30 50.29 30.18
N PHE B 579 16.31 51.09 29.77
CA PHE B 579 16.99 52.08 30.66
C PHE B 579 16.59 53.50 30.35
N TYR B 580 16.57 54.37 31.39
CA TYR B 580 16.59 55.83 31.22
C TYR B 580 17.84 56.39 31.88
N PHE B 581 18.50 57.30 31.18
CA PHE B 581 19.70 57.98 31.66
C PHE B 581 19.37 59.45 31.51
N ALA B 582 19.59 60.24 32.56
CA ALA B 582 19.35 61.69 32.45
C ALA B 582 20.17 62.49 33.46
N PHE B 583 20.61 63.67 33.04
CA PHE B 583 21.35 64.54 33.98
C PHE B 583 21.18 66.00 33.72
N ASN B 584 21.31 66.74 34.81
CA ASN B 584 21.49 68.18 34.85
C ASN B 584 22.88 68.51 34.25
N TYR B 585 22.94 69.22 33.13
CA TYR B 585 24.20 69.56 32.51
C TYR B 585 24.82 70.96 32.87
N ARG B 586 24.29 71.55 33.96
CA ARG B 586 24.89 72.68 34.72
C ARG B 586 26.41 72.62 34.81
N GLY B 587 27.07 73.53 34.08
CA GLY B 587 28.51 73.73 34.18
C GLY B 587 29.37 72.82 33.31
N ILE B 588 28.75 72.07 32.41
CA ILE B 588 29.51 71.31 31.45
C ILE B 588 29.59 72.16 30.23
N SER B 589 30.71 72.09 29.53
CA SER B 589 30.95 72.92 28.35
C SER B 589 30.51 72.28 27.06
N ASP B 590 30.52 70.94 26.99
CA ASP B 590 30.01 70.20 25.82
C ASP B 590 29.04 69.10 26.29
N PRO B 591 27.83 69.50 26.75
CA PRO B 591 26.95 68.50 27.37
C PRO B 591 26.47 67.38 26.41
N LEU B 592 26.38 67.65 25.10
CA LEU B 592 26.00 66.63 24.14
C LEU B 592 27.10 65.60 23.95
N ALA B 593 28.36 66.03 24.06
CA ALA B 593 29.48 65.14 23.90
C ALA B 593 29.59 64.25 25.15
N VAL B 594 29.33 64.83 26.31
CA VAL B 594 29.30 64.00 27.52
C VAL B 594 28.20 62.93 27.42
N PHE B 595 27.07 63.31 26.83
CA PHE B 595 25.92 62.40 26.71
C PHE B 595 26.22 61.25 25.71
N GLU B 596 26.63 61.63 24.51
CA GLU B 596 27.06 60.76 23.44
C GLU B 596 28.09 59.75 23.91
N GLN B 597 29.12 60.20 24.61
CA GLN B 597 30.16 59.28 25.08
C GLN B 597 29.61 58.41 26.19
N THR B 598 28.77 58.95 27.06
CA THR B 598 28.27 58.10 28.15
C THR B 598 27.29 57.01 27.64
N GLU B 599 26.55 57.34 26.62
CA GLU B 599 25.59 56.41 26.08
C GLU B 599 26.33 55.30 25.32
N ALA B 600 27.40 55.65 24.59
CA ALA B 600 28.29 54.67 23.92
C ALA B 600 28.95 53.77 24.92
N ALA B 601 29.38 54.34 26.02
CA ALA B 601 29.95 53.56 27.12
C ALA B 601 28.93 52.57 27.70
N ALA B 602 27.68 53.02 27.86
CA ALA B 602 26.62 52.14 28.42
C ALA B 602 26.39 50.91 27.50
N ARG B 603 26.44 51.19 26.20
CA ARG B 603 26.25 50.20 25.16
C ARG B 603 27.36 49.19 25.23
N GLU B 604 28.60 49.65 25.42
CA GLU B 604 29.77 48.74 25.56
C GLU B 604 29.58 47.87 26.77
N GLU B 605 29.11 48.46 27.86
CA GLU B 605 28.78 47.69 29.09
C GLU B 605 27.66 46.66 28.92
N ILE B 606 26.66 47.00 28.13
CA ILE B 606 25.57 46.09 27.88
C ILE B 606 26.14 44.87 27.14
N LEU B 607 26.83 45.12 26.02
CA LEU B 607 27.41 44.05 25.18
C LEU B 607 28.36 43.15 26.01
N ALA B 608 29.21 43.77 26.83
CA ALA B 608 30.10 43.04 27.74
C ALA B 608 29.36 42.21 28.82
N ASN B 609 28.13 42.54 29.15
CA ASN B 609 27.36 41.75 30.11
C ASN B 609 26.38 40.79 29.40
N GLY B 610 26.53 40.52 28.13
CA GLY B 610 25.64 39.53 27.48
C GLY B 610 24.34 40.05 26.86
N GLY B 611 24.15 41.36 26.83
CA GLY B 611 23.00 41.99 26.18
C GLY B 611 23.22 42.19 24.70
N SER B 612 22.13 42.38 23.99
CA SER B 612 22.16 42.53 22.56
C SER B 612 22.35 43.98 22.18
N LEU B 613 22.71 44.18 20.92
CA LEU B 613 22.88 45.50 20.37
C LEU B 613 21.56 46.30 20.39
N SER B 614 20.44 45.64 20.07
CA SER B 614 19.11 46.26 20.19
C SER B 614 18.03 45.19 20.27
N HIS B 615 17.04 45.40 21.15
CA HIS B 615 15.86 44.60 21.19
C HIS B 615 14.84 45.07 20.12
N HIS B 616 14.62 46.38 20.07
CA HIS B 616 13.63 46.96 19.16
C HIS B 616 13.98 48.27 18.44
N HIS B 617 14.82 49.14 19.00
CA HIS B 617 15.09 50.40 18.34
C HIS B 617 15.79 50.28 17.02
N GLY B 618 16.57 49.24 16.86
CA GLY B 618 17.26 49.04 15.62
C GLY B 618 18.64 49.63 15.67
N VAL B 619 19.28 49.64 14.52
CA VAL B 619 20.68 50.00 14.39
C VAL B 619 20.87 51.36 13.77
N GLY B 620 20.16 51.61 12.67
CA GLY B 620 20.20 52.86 11.93
C GLY B 620 21.64 53.22 11.60
N LYS B 621 22.01 54.47 11.90
CA LYS B 621 23.42 54.90 11.88
C LYS B 621 24.04 54.97 13.26
N LEU B 622 23.23 54.86 14.30
CA LEU B 622 23.73 55.02 15.64
C LEU B 622 24.57 53.83 16.15
N ARG B 623 24.21 52.62 15.74
CA ARG B 623 24.88 51.40 16.25
C ARG B 623 25.59 50.60 15.14
N LYS B 624 25.82 51.24 14.00
CA LYS B 624 26.51 50.61 12.88
C LYS B 624 27.83 50.01 13.20
N GLN B 625 28.58 50.67 14.06
CA GLN B 625 29.93 50.21 14.35
C GLN B 625 29.97 48.84 15.04
N TRP B 626 28.89 48.41 15.69
CA TRP B 626 28.85 47.13 16.37
C TRP B 626 28.22 46.02 15.55
N LEU B 627 27.64 46.33 14.40
CA LEU B 627 26.82 45.38 13.72
C LEU B 627 27.62 44.14 13.27
N LYS B 628 28.77 44.38 12.68
CA LYS B 628 29.56 43.32 12.08
C LYS B 628 29.94 42.29 13.13
N GLU B 629 30.27 42.77 14.31
CA GLU B 629 30.55 41.88 15.44
C GLU B 629 29.33 41.12 15.93
N SER B 630 28.18 41.78 15.97
CA SER B 630 26.93 41.12 16.37
C SER B 630 26.46 40.00 15.44
N ILE B 631 26.59 40.18 14.12
CA ILE B 631 26.04 39.23 13.16
C ILE B 631 27.11 38.43 12.38
N SER B 632 28.39 38.70 12.67
CA SER B 632 29.58 38.07 12.04
C SER B 632 29.90 38.70 10.69
N ASP B 633 31.16 38.59 10.26
CA ASP B 633 31.57 39.14 8.96
C ASP B 633 30.76 38.56 7.79
N VAL B 634 30.61 37.24 7.76
CA VAL B 634 29.88 36.62 6.67
C VAL B 634 28.41 37.04 6.68
N GLY B 635 27.83 37.16 7.86
CA GLY B 635 26.50 37.73 8.00
C GLY B 635 26.30 39.12 7.43
N PHE B 636 27.24 40.00 7.76
CA PHE B 636 27.27 41.34 7.23
C PHE B 636 27.37 41.26 5.72
N GLY B 637 28.28 40.40 5.24
CA GLY B 637 28.44 40.18 3.82
C GLY B 637 27.20 39.69 3.12
N MET B 638 26.42 38.85 3.80
CA MET B 638 25.13 38.45 3.24
C MET B 638 24.15 39.65 3.02
N LEU B 639 24.04 40.51 4.06
CA LEU B 639 23.22 41.74 3.94
C LEU B 639 23.70 42.61 2.77
N LYS B 640 25.00 42.86 2.70
CA LYS B 640 25.57 43.67 1.59
C LYS B 640 25.23 43.10 0.21
N SER B 641 25.31 41.80 0.05
CA SER B 641 25.07 41.22 -1.25
C SER B 641 23.60 41.38 -1.66
N VAL B 642 22.69 41.39 -0.69
CA VAL B 642 21.31 41.62 -0.99
C VAL B 642 21.06 43.06 -1.43
N LYS B 643 21.57 44.02 -0.67
CA LYS B 643 21.55 45.44 -1.02
C LYS B 643 22.11 45.69 -2.40
N ASP B 644 23.28 45.15 -2.67
CA ASP B 644 23.90 45.37 -4.01
C ASP B 644 23.17 44.73 -5.16
N TYR B 645 22.40 43.68 -4.89
CA TYR B 645 21.51 43.11 -5.89
C TYR B 645 20.26 43.93 -6.12
N VAL B 646 19.58 44.25 -5.06
CA VAL B 646 18.28 44.87 -5.14
C VAL B 646 18.45 46.35 -5.52
N ASP B 647 19.56 46.94 -5.10
CA ASP B 647 19.80 48.39 -5.19
C ASP B 647 21.27 48.71 -5.61
N PRO B 648 21.69 48.24 -6.78
CA PRO B 648 23.14 48.40 -7.17
C PRO B 648 23.67 49.84 -7.19
N THR B 649 22.81 50.85 -7.36
CA THR B 649 23.28 52.21 -7.31
C THR B 649 22.93 52.95 -6.07
N ASN B 650 22.42 52.27 -5.01
CA ASN B 650 22.25 52.88 -3.76
C ASN B 650 21.33 54.09 -3.85
N ILE B 651 20.26 53.93 -4.59
CA ILE B 651 19.19 54.88 -4.52
C ILE B 651 18.63 55.00 -3.08
N PHE B 652 18.54 53.88 -2.38
CA PHE B 652 18.09 53.89 -0.99
C PHE B 652 19.25 54.10 -0.04
N GLY B 653 19.65 55.34 0.00
CA GLY B 653 20.94 55.70 0.56
C GLY B 653 20.96 56.37 1.90
N ASN B 654 20.02 56.04 2.80
CA ASN B 654 20.18 56.54 4.16
C ASN B 654 21.45 56.03 4.88
N ARG B 655 22.08 55.00 4.34
CA ARG B 655 23.31 54.45 4.93
C ARG B 655 23.14 53.84 6.29
N ASN B 656 21.93 53.40 6.61
CA ASN B 656 21.72 52.63 7.85
C ASN B 656 22.31 51.23 7.68
N LEU B 657 22.52 50.56 8.83
CA LEU B 657 23.06 49.21 8.93
C LEU B 657 24.45 49.04 8.41
N LEU B 658 24.65 49.23 7.11
CA LEU B 658 25.87 48.89 6.41
C LEU B 658 26.66 50.17 6.05
N GLY C 81 10.15 -33.54 12.32
CA GLY C 81 9.33 -33.39 11.05
C GLY C 81 10.08 -32.79 9.86
N ILE C 82 10.87 -31.73 10.12
CA ILE C 82 11.78 -31.11 9.11
C ILE C 82 12.99 -32.02 8.83
N ILE C 83 13.26 -32.29 7.55
CA ILE C 83 14.45 -33.06 7.18
C ILE C 83 15.70 -32.19 7.44
N PRO C 84 16.69 -32.66 8.26
CA PRO C 84 17.97 -31.93 8.49
C PRO C 84 18.83 -31.83 7.20
N LYS C 85 19.72 -30.84 7.14
CA LYS C 85 20.63 -30.69 5.99
C LYS C 85 21.51 -31.86 5.81
N LYS C 86 22.10 -32.32 6.91
CA LYS C 86 22.90 -33.55 7.02
C LYS C 86 21.94 -34.70 7.28
N ARG C 87 21.32 -35.19 6.22
CA ARG C 87 20.24 -36.18 6.35
C ARG C 87 20.69 -37.38 7.07
N GLN C 88 21.89 -37.84 6.75
CA GLN C 88 22.48 -39.05 7.29
C GLN C 88 22.64 -39.11 8.80
N GLU C 89 22.55 -37.98 9.49
CA GLU C 89 22.52 -38.02 10.93
C GLU C 89 21.20 -38.54 11.50
N LEU C 90 20.12 -38.50 10.74
CA LEU C 90 18.87 -39.11 11.17
C LEU C 90 18.38 -40.29 10.32
N MET C 91 18.70 -40.23 9.02
CA MET C 91 18.22 -41.17 8.01
C MET C 91 19.31 -42.09 7.51
N LYS C 92 18.94 -43.30 7.15
CA LYS C 92 19.89 -44.27 6.63
C LYS C 92 20.52 -43.82 5.29
N TRP C 93 21.83 -43.82 5.24
CA TRP C 93 22.54 -43.46 4.02
C TRP C 93 22.39 -44.52 2.95
N ASN C 94 22.07 -45.75 3.33
CA ASN C 94 22.07 -46.85 2.38
C ASN C 94 20.75 -47.59 2.27
N GLY C 95 19.67 -46.95 2.67
CA GLY C 95 18.36 -47.57 2.59
C GLY C 95 17.25 -46.69 3.11
N TRP C 96 16.08 -47.26 3.22
CA TRP C 96 14.90 -46.49 3.62
C TRP C 96 14.92 -46.12 5.09
N GLY C 97 14.51 -44.91 5.37
CA GLY C 97 13.98 -44.52 6.63
C GLY C 97 15.01 -44.04 7.59
N TYR C 98 14.64 -44.18 8.87
CA TYR C 98 15.37 -43.66 10.02
C TYR C 98 16.42 -44.63 10.54
N ASN C 99 17.56 -44.08 10.90
CA ASN C 99 18.65 -44.84 11.54
C ASN C 99 18.21 -45.66 12.76
N ASP C 100 17.22 -45.21 13.53
CA ASP C 100 16.82 -45.92 14.75
C ASP C 100 15.91 -47.11 14.49
N SER C 101 15.55 -47.36 13.23
CA SER C 101 14.53 -48.38 12.95
C SER C 101 15.02 -49.38 11.94
N LYS C 102 15.27 -50.62 12.38
CA LYS C 102 15.69 -51.67 11.46
C LYS C 102 15.37 -53.00 12.02
N PHE C 103 15.09 -53.95 11.11
CA PHE C 103 14.84 -55.32 11.50
C PHE C 103 16.14 -56.05 11.81
N PHE C 104 16.11 -56.80 12.92
CA PHE C 104 17.25 -57.62 13.40
C PHE C 104 16.74 -58.84 14.20
N LEU C 105 17.61 -59.85 14.32
CA LEU C 105 17.37 -61.05 15.17
C LEU C 105 17.69 -60.69 16.58
N ASN C 106 16.70 -60.77 17.49
CA ASN C 106 16.95 -60.49 18.89
C ASN C 106 17.62 -61.66 19.61
N LYS C 107 18.01 -61.40 20.86
CA LYS C 107 18.58 -62.41 21.76
C LYS C 107 17.83 -63.72 21.79
N LYS C 108 16.51 -63.70 21.67
CA LYS C 108 15.75 -64.94 21.59
C LYS C 108 15.66 -65.54 20.20
N GLY C 109 16.49 -65.08 19.26
CA GLY C 109 16.47 -65.58 17.89
C GLY C 109 15.21 -65.23 17.09
N GLN C 110 14.49 -64.17 17.51
CA GLN C 110 13.33 -63.69 16.75
C GLN C 110 13.63 -62.37 16.07
N LEU C 111 13.02 -62.18 14.92
CA LEU C 111 13.11 -60.90 14.24
C LEU C 111 12.32 -59.85 14.97
N GLU C 112 12.85 -58.65 14.97
CA GLU C 112 12.27 -57.51 15.67
C GLU C 112 12.73 -56.25 14.98
N LEU C 113 11.89 -55.24 15.06
CA LEU C 113 12.25 -53.88 14.68
C LEU C 113 12.79 -53.12 15.89
N THR C 114 13.95 -52.51 15.72
CA THR C 114 14.62 -51.72 16.75
C THR C 114 13.87 -50.43 16.98
N GLY C 115 14.19 -49.76 18.08
CA GLY C 115 13.72 -48.41 18.35
C GLY C 115 12.31 -48.45 18.98
N LYS C 116 11.62 -47.34 18.87
CA LYS C 116 10.26 -47.20 19.39
C LYS C 116 9.47 -46.23 18.54
N ARG C 117 9.84 -46.09 17.26
CA ARG C 117 9.21 -45.09 16.39
C ARG C 117 7.82 -45.47 15.92
N TYR C 118 7.62 -46.76 15.64
CA TYR C 118 6.37 -47.29 15.12
C TYR C 118 5.65 -48.16 16.18
N PRO C 119 4.34 -48.40 16.04
CA PRO C 119 3.67 -49.36 16.97
C PRO C 119 4.26 -50.79 17.02
N LEU C 120 4.76 -51.28 15.89
CA LEU C 120 5.46 -52.54 15.84
C LEU C 120 6.91 -52.49 16.36
N SER C 121 7.48 -51.32 16.60
CA SER C 121 8.89 -51.22 17.03
C SER C 121 9.04 -51.85 18.41
N GLY C 122 10.11 -52.62 18.65
CA GLY C 122 10.34 -53.30 19.94
C GLY C 122 9.45 -54.47 20.35
N VAL C 123 8.74 -55.04 19.39
CA VAL C 123 7.81 -56.13 19.57
C VAL C 123 8.34 -57.35 18.80
N ALA C 124 8.41 -58.50 19.45
CA ALA C 124 8.94 -59.72 18.80
C ALA C 124 7.96 -60.28 17.80
N LEU C 125 8.47 -60.72 16.65
CA LEU C 125 7.60 -61.37 15.67
C LEU C 125 8.00 -62.85 15.59
N PRO C 126 7.49 -63.67 16.55
CA PRO C 126 7.79 -65.10 16.66
C PRO C 126 7.82 -65.87 15.37
N THR C 127 6.86 -65.63 14.47
CA THR C 127 6.72 -66.48 13.28
C THR C 127 7.27 -65.92 11.96
N PHE C 128 7.84 -64.72 12.02
CA PHE C 128 8.35 -64.06 10.85
C PHE C 128 9.51 -64.84 10.26
N LYS C 129 10.46 -65.25 11.07
CA LYS C 129 11.58 -66.04 10.58
C LYS C 129 11.21 -67.31 9.82
N ASP C 130 10.19 -68.02 10.32
CA ASP C 130 9.66 -69.25 9.65
C ASP C 130 9.06 -68.92 8.31
N TRP C 131 8.23 -67.88 8.30
CA TRP C 131 7.64 -67.43 7.05
C TRP C 131 8.75 -67.18 5.98
N ILE C 132 9.83 -66.53 6.41
CA ILE C 132 10.96 -66.22 5.52
C ILE C 132 11.62 -67.48 4.98
N GLN C 133 11.89 -68.44 5.87
CA GLN C 133 12.43 -69.75 5.49
C GLN C 133 11.60 -70.48 4.45
N ASN C 134 10.34 -70.67 4.78
CA ASN C 134 9.40 -71.38 3.94
C ASN C 134 9.20 -70.67 2.59
N THR C 135 9.17 -69.34 2.60
CA THR C 135 8.85 -68.62 1.40
C THR C 135 10.05 -68.57 0.46
N PHE C 136 11.24 -68.41 1.02
CA PHE C 136 12.41 -68.15 0.19
C PHE C 136 13.47 -69.25 0.16
N GLY C 137 13.38 -70.23 1.06
CA GLY C 137 14.40 -71.30 1.14
C GLY C 137 15.75 -70.97 1.79
N ILE C 138 15.76 -70.09 2.80
CA ILE C 138 17.00 -69.71 3.53
C ILE C 138 16.70 -69.50 5.02
N ASN C 139 17.72 -69.58 5.90
CA ASN C 139 17.45 -69.60 7.38
C ASN C 139 18.14 -68.58 8.29
N LEU C 140 18.63 -67.50 7.72
CA LEU C 140 19.08 -66.33 8.50
C LEU C 140 20.33 -66.54 9.36
N ASP C 141 21.25 -67.35 8.87
CA ASP C 141 22.48 -67.64 9.59
C ASP C 141 23.71 -67.25 8.75
N HIS C 142 23.47 -66.42 7.75
CA HIS C 142 24.48 -66.01 6.79
C HIS C 142 24.09 -64.62 6.33
N LYS C 143 24.69 -63.61 6.93
CA LYS C 143 24.47 -62.25 6.50
C LYS C 143 25.30 -61.88 5.26
N THR C 144 24.71 -61.10 4.38
CA THR C 144 25.40 -60.55 3.22
C THR C 144 26.29 -59.43 3.75
N THR C 145 27.44 -59.21 3.16
CA THR C 145 28.32 -58.14 3.60
C THR C 145 28.31 -57.04 2.54
N SER C 146 27.99 -55.82 2.99
CA SER C 146 27.95 -54.62 2.16
C SER C 146 28.81 -53.49 2.74
N LYS C 147 28.97 -52.41 1.96
CA LYS C 147 29.74 -51.24 2.39
C LYS C 147 29.24 -50.73 3.75
N ALA C 148 30.17 -50.34 4.62
CA ALA C 148 29.86 -50.01 6.02
C ALA C 148 29.49 -48.54 6.17
N SER C 149 30.01 -47.72 5.27
CA SER C 149 29.65 -46.33 5.27
C SER C 149 29.84 -45.75 3.89
N LEU C 150 29.45 -44.50 3.74
CA LEU C 150 29.79 -43.74 2.55
C LEU C 150 31.30 -43.44 2.54
N ASN C 151 31.96 -43.80 1.43
CA ASN C 151 33.34 -43.44 1.22
C ASN C 151 33.47 -42.29 0.21
N PRO C 152 33.87 -41.08 0.66
CA PRO C 152 34.02 -39.93 -0.25
C PRO C 152 34.90 -40.23 -1.44
N SER C 153 35.92 -41.06 -1.23
CA SER C 153 36.84 -41.41 -2.33
C SER C 153 36.23 -42.23 -3.46
N ASP C 154 35.10 -42.88 -3.26
CA ASP C 154 34.46 -43.58 -4.37
C ASP C 154 33.79 -42.60 -5.35
N THR C 155 33.67 -41.32 -4.98
CA THR C 155 32.87 -40.36 -5.71
C THR C 155 33.72 -39.49 -6.65
N PRO C 156 33.11 -39.00 -7.75
CA PRO C 156 33.85 -38.05 -8.56
C PRO C 156 34.09 -36.76 -7.82
N PRO C 157 35.12 -35.99 -8.24
CA PRO C 157 35.27 -34.66 -7.63
C PRO C 157 34.07 -33.74 -7.92
N SER C 158 33.88 -32.77 -7.04
CA SER C 158 32.93 -31.72 -7.23
C SER C 158 33.55 -30.68 -8.18
N ILE C 159 33.06 -30.58 -9.41
CA ILE C 159 33.54 -29.62 -10.46
C ILE C 159 32.58 -28.45 -10.60
N VAL C 160 33.01 -27.29 -10.08
CA VAL C 160 32.14 -26.12 -9.95
C VAL C 160 32.91 -24.84 -10.31
N ASN C 161 32.41 -24.07 -11.30
CA ASN C 161 32.96 -22.72 -11.72
C ASN C 161 33.15 -21.77 -10.55
N GLU C 162 34.33 -21.15 -10.46
CA GLU C 162 34.68 -20.33 -9.31
C GLU C 162 33.94 -18.99 -9.28
N ASP C 163 33.64 -18.45 -10.46
CA ASP C 163 32.83 -17.26 -10.54
C ASP C 163 31.39 -17.52 -10.07
N PHE C 164 30.77 -18.61 -10.53
CA PHE C 164 29.45 -19.05 -9.94
C PHE C 164 29.58 -19.10 -8.41
N LEU C 165 30.64 -19.74 -7.94
CA LEU C 165 30.81 -19.95 -6.49
C LEU C 165 30.92 -18.59 -5.77
N HIS C 166 31.68 -17.67 -6.35
CA HIS C 166 31.86 -16.35 -5.76
C HIS C 166 30.48 -15.66 -5.61
N GLU C 167 29.66 -15.68 -6.67
CA GLU C 167 28.29 -15.10 -6.62
C GLU C 167 27.42 -15.84 -5.64
N LEU C 168 27.57 -17.16 -5.56
CA LEU C 168 26.77 -17.92 -4.62
C LEU C 168 27.13 -17.53 -3.19
N LYS C 169 28.40 -17.29 -2.92
CA LYS C 169 28.79 -16.86 -1.55
C LYS C 169 28.07 -15.59 -1.08
N LYS C 170 27.85 -14.66 -1.99
CA LYS C 170 27.23 -13.38 -1.64
C LYS C 170 25.75 -13.52 -1.28
N THR C 171 25.07 -14.49 -1.89
CA THR C 171 23.65 -14.74 -1.56
C THR C 171 23.45 -15.22 -0.13
N ASN C 172 24.47 -15.72 0.54
CA ASN C 172 24.29 -16.41 1.82
C ASN C 172 23.41 -17.69 1.79
N ILE C 173 23.20 -18.27 0.61
CA ILE C 173 22.42 -19.52 0.49
C ILE C 173 23.35 -20.62 0.90
N SER C 174 22.90 -21.38 1.86
CA SER C 174 23.71 -22.44 2.38
C SER C 174 23.97 -23.53 1.28
N TYR C 175 25.16 -24.10 1.25
CA TYR C 175 25.51 -25.05 0.24
C TYR C 175 26.56 -25.98 0.73
N SER C 176 26.75 -27.10 0.03
CA SER C 176 27.80 -28.07 0.28
C SER C 176 28.30 -28.80 -0.98
N GLN C 177 29.61 -29.01 -1.01
CA GLN C 177 30.27 -29.84 -1.98
C GLN C 177 30.79 -31.11 -1.33
N GLU C 178 30.34 -31.41 -0.11
CA GLU C 178 30.76 -32.66 0.56
C GLU C 178 30.18 -33.91 -0.11
N ALA C 179 31.02 -34.92 -0.27
CA ALA C 179 30.65 -36.13 -0.92
C ALA C 179 29.42 -36.76 -0.29
N ASP C 180 29.35 -36.82 1.04
CA ASP C 180 28.20 -37.46 1.70
C ASP C 180 26.89 -36.76 1.41
N ASP C 181 26.89 -35.43 1.45
CA ASP C 181 25.68 -34.67 1.05
C ASP C 181 25.24 -34.91 -0.43
N ARG C 182 26.23 -34.97 -1.32
CA ARG C 182 25.99 -35.15 -2.73
C ARG C 182 25.48 -36.55 -3.06
N VAL C 183 26.08 -37.55 -2.45
CA VAL C 183 25.69 -38.93 -2.65
C VAL C 183 24.29 -39.14 -2.08
N PHE C 184 23.99 -38.50 -0.96
CA PHE C 184 22.67 -38.78 -0.33
C PHE C 184 21.53 -38.37 -1.28
N ARG C 185 21.80 -37.33 -2.10
CA ARG C 185 20.83 -36.76 -2.99
C ARG C 185 20.99 -37.21 -4.41
N ALA C 186 21.72 -38.30 -4.64
CA ALA C 186 21.95 -38.80 -5.99
C ALA C 186 20.98 -39.90 -6.41
N HIS C 187 19.99 -40.18 -5.59
CA HIS C 187 19.20 -41.38 -5.77
C HIS C 187 17.90 -41.25 -5.01
N GLY C 188 16.99 -42.12 -5.39
CA GLY C 188 15.80 -42.43 -4.65
C GLY C 188 15.83 -43.88 -4.19
N HIS C 189 14.69 -44.58 -4.31
CA HIS C 189 14.50 -45.84 -3.64
C HIS C 189 14.09 -46.96 -4.53
N CYS C 190 14.60 -46.95 -5.74
CA CYS C 190 14.56 -48.14 -6.59
C CYS C 190 15.65 -49.10 -6.17
N LEU C 191 15.44 -50.37 -6.46
CA LEU C 191 16.34 -51.43 -6.02
C LEU C 191 17.76 -51.22 -6.54
N HIS C 192 17.91 -50.93 -7.83
CA HIS C 192 19.23 -50.74 -8.43
C HIS C 192 20.07 -49.64 -7.73
N GLU C 193 19.42 -48.58 -7.29
CA GLU C 193 20.09 -47.50 -6.63
C GLU C 193 20.53 -47.92 -5.22
N ILE C 194 19.70 -48.70 -4.53
CA ILE C 194 20.03 -49.16 -3.18
C ILE C 194 21.16 -50.17 -3.26
N PHE C 195 21.09 -51.04 -4.26
CA PHE C 195 22.22 -51.91 -4.59
C PHE C 195 23.54 -51.18 -4.73
N LEU C 196 23.57 -50.14 -5.55
CA LEU C 196 24.78 -49.41 -5.79
C LEU C 196 25.27 -48.70 -4.54
N LEU C 197 24.34 -48.19 -3.74
CA LEU C 197 24.78 -47.61 -2.47
C LEU C 197 25.49 -48.65 -1.64
N ARG C 198 25.02 -49.90 -1.69
CA ARG C 198 25.53 -50.95 -0.84
C ARG C 198 26.79 -51.65 -1.36
N GLU C 199 27.06 -51.57 -2.66
CA GLU C 199 28.05 -52.44 -3.32
C GLU C 199 28.99 -51.68 -4.20
N GLY C 200 28.76 -50.39 -4.42
CA GLY C 200 29.32 -49.76 -5.62
C GLY C 200 29.29 -48.24 -5.54
N MET C 201 29.05 -47.56 -6.66
CA MET C 201 28.88 -46.11 -6.65
C MET C 201 28.09 -45.69 -7.85
N PHE C 202 27.48 -44.52 -7.76
CA PHE C 202 26.72 -44.00 -8.88
C PHE C 202 27.74 -43.57 -9.96
N GLU C 203 27.34 -43.70 -11.21
CA GLU C 203 28.09 -43.07 -12.31
C GLU C 203 28.15 -41.57 -12.23
N ARG C 204 27.11 -40.92 -11.73
CA ARG C 204 27.08 -39.45 -11.63
C ARG C 204 26.35 -39.04 -10.38
N ILE C 205 26.86 -38.00 -9.72
CA ILE C 205 26.23 -37.46 -8.53
C ILE C 205 26.23 -35.95 -8.67
N PRO C 206 25.38 -35.27 -7.91
CA PRO C 206 25.43 -33.81 -7.95
C PRO C 206 26.80 -33.28 -7.60
N ASP C 207 27.16 -32.13 -8.19
CA ASP C 207 28.45 -31.46 -7.85
C ASP C 207 28.36 -30.57 -6.62
N ILE C 208 27.16 -30.05 -6.39
CA ILE C 208 26.95 -29.16 -5.28
C ILE C 208 25.48 -29.26 -4.82
N VAL C 209 25.25 -29.04 -3.52
CA VAL C 209 23.91 -29.13 -2.92
C VAL C 209 23.61 -27.72 -2.39
N LEU C 210 22.49 -27.15 -2.77
CA LEU C 210 22.05 -25.83 -2.29
C LEU C 210 20.78 -26.03 -1.49
N TRP C 211 20.63 -25.28 -0.39
CA TRP C 211 19.45 -25.30 0.47
C TRP C 211 18.78 -23.94 0.51
N PRO C 212 18.02 -23.58 -0.54
CA PRO C 212 17.19 -22.36 -0.45
C PRO C 212 16.13 -22.48 0.66
N THR C 213 15.77 -21.33 1.21
CA THR C 213 14.85 -21.26 2.29
C THR C 213 13.56 -20.53 1.89
N CYS C 214 13.47 -20.05 0.67
CA CYS C 214 12.28 -19.34 0.24
C CYS C 214 12.27 -19.19 -1.25
N HIS C 215 11.10 -18.77 -1.75
CA HIS C 215 10.92 -18.58 -3.18
C HIS C 215 12.03 -17.75 -3.84
N ASP C 216 12.32 -16.63 -3.20
CA ASP C 216 13.32 -15.70 -3.75
C ASP C 216 14.71 -16.29 -3.85
N ASP C 217 15.08 -17.15 -2.90
CA ASP C 217 16.32 -17.93 -3.00
C ASP C 217 16.32 -18.75 -4.27
N VAL C 218 15.19 -19.38 -4.53
CA VAL C 218 15.09 -20.25 -5.70
C VAL C 218 15.22 -19.44 -6.98
N VAL C 219 14.60 -18.25 -7.04
CA VAL C 219 14.75 -17.38 -8.22
C VAL C 219 16.24 -17.02 -8.46
N LYS C 220 16.94 -16.63 -7.40
CA LYS C 220 18.39 -16.40 -7.50
C LYS C 220 19.12 -17.62 -8.03
N ILE C 221 18.83 -18.79 -7.47
CA ILE C 221 19.56 -19.96 -7.93
C ILE C 221 19.33 -20.21 -9.40
N VAL C 222 18.08 -20.10 -9.84
CA VAL C 222 17.75 -20.42 -11.23
C VAL C 222 18.40 -19.40 -12.17
N ASN C 223 18.37 -18.14 -11.77
CA ASN C 223 19.12 -17.10 -12.48
C ASN C 223 20.62 -17.42 -12.61
N LEU C 224 21.28 -17.78 -11.52
CA LEU C 224 22.69 -18.22 -11.59
C LEU C 224 22.89 -19.39 -12.53
N ALA C 225 21.96 -20.33 -12.54
CA ALA C 225 22.09 -21.51 -13.41
C ALA C 225 21.97 -21.17 -14.87
N CYS C 226 21.10 -20.21 -15.21
CA CYS C 226 21.07 -19.65 -16.59
C CYS C 226 22.39 -18.95 -16.96
N LYS C 227 22.85 -18.07 -16.07
CA LYS C 227 24.11 -17.35 -16.26
C LYS C 227 25.28 -18.32 -16.49
N TYR C 228 25.48 -19.32 -15.64
CA TYR C 228 26.71 -20.15 -15.66
C TYR C 228 26.49 -21.49 -16.28
N ASN C 229 25.37 -21.66 -16.97
CA ASN C 229 25.12 -22.93 -17.64
C ASN C 229 25.16 -24.20 -16.75
N LEU C 230 24.38 -24.15 -15.69
CA LEU C 230 24.34 -25.22 -14.68
C LEU C 230 23.06 -26.06 -14.84
N CYS C 231 23.17 -27.34 -14.51
CA CYS C 231 22.05 -28.22 -14.55
C CYS C 231 21.48 -28.30 -13.12
N ILE C 232 20.17 -28.14 -13.00
CA ILE C 232 19.47 -28.28 -11.71
C ILE C 232 18.60 -29.54 -11.65
N ILE C 233 18.82 -30.34 -10.59
CA ILE C 233 17.92 -31.44 -10.22
C ILE C 233 17.28 -31.18 -8.86
N PRO C 234 15.98 -30.82 -8.85
CA PRO C 234 15.34 -30.62 -7.54
C PRO C 234 15.23 -31.86 -6.74
N ILE C 235 15.31 -31.75 -5.42
CA ILE C 235 15.02 -32.89 -4.56
C ILE C 235 14.23 -32.42 -3.35
N GLY C 236 13.19 -33.19 -2.98
CA GLY C 236 12.51 -33.00 -1.74
C GLY C 236 12.88 -34.12 -0.84
N GLY C 237 11.97 -35.04 -0.65
CA GLY C 237 12.18 -36.14 0.29
C GLY C 237 13.15 -37.22 -0.21
N GLY C 238 13.57 -37.16 -1.46
CA GLY C 238 14.37 -38.23 -2.03
C GLY C 238 13.73 -39.61 -2.13
N THR C 239 12.40 -39.68 -2.19
CA THR C 239 11.64 -40.95 -2.14
C THR C 239 11.17 -41.45 -3.51
N SER C 240 11.65 -40.85 -4.60
CA SER C 240 11.35 -41.28 -5.94
C SER C 240 11.59 -42.75 -6.11
N VAL C 241 10.66 -43.40 -6.75
CA VAL C 241 10.84 -44.80 -7.15
C VAL C 241 10.82 -44.94 -8.67
N SER C 242 11.36 -43.98 -9.41
CA SER C 242 11.27 -44.00 -10.88
C SER C 242 12.56 -43.55 -11.56
N TYR C 243 13.68 -43.59 -10.82
CA TYR C 243 14.94 -43.01 -11.25
C TYR C 243 14.81 -41.54 -11.53
N GLY C 244 13.88 -40.87 -10.88
CA GLY C 244 13.64 -39.45 -11.16
C GLY C 244 14.74 -38.50 -10.65
N LEU C 245 15.59 -38.97 -9.74
CA LEU C 245 16.66 -38.16 -9.19
C LEU C 245 18.03 -38.51 -9.72
N MET C 246 18.14 -39.65 -10.41
CA MET C 246 19.41 -40.08 -10.94
C MET C 246 19.97 -39.04 -11.89
N CYS C 247 21.21 -38.68 -11.67
CA CYS C 247 21.94 -37.79 -12.58
C CYS C 247 22.33 -38.54 -13.87
N PRO C 248 21.98 -37.98 -15.05
CA PRO C 248 22.48 -38.64 -16.28
C PRO C 248 24.03 -38.72 -16.32
N ALA C 249 24.52 -39.89 -16.70
CA ALA C 249 25.93 -40.22 -16.66
C ALA C 249 26.77 -39.30 -17.55
N ASP C 250 26.24 -38.91 -18.70
CA ASP C 250 26.99 -38.05 -19.61
C ASP C 250 26.70 -36.54 -19.48
N GLU C 251 25.95 -36.12 -18.47
CA GLU C 251 25.77 -34.70 -18.21
C GLU C 251 27.12 -34.15 -17.73
N THR C 252 27.74 -33.33 -18.57
CA THR C 252 29.05 -32.75 -18.31
C THR C 252 28.93 -31.39 -17.61
N ARG C 253 27.78 -30.72 -17.62
CA ARG C 253 27.68 -29.48 -16.85
C ARG C 253 27.72 -29.79 -15.32
N THR C 254 28.04 -28.79 -14.50
CA THR C 254 27.89 -28.84 -13.10
C THR C 254 26.38 -29.09 -12.74
N ILE C 255 26.16 -30.01 -11.84
CA ILE C 255 24.83 -30.35 -11.37
C ILE C 255 24.63 -29.84 -9.98
N ILE C 256 23.62 -29.00 -9.85
CA ILE C 256 23.11 -28.54 -8.58
C ILE C 256 21.99 -29.45 -8.15
N SER C 257 22.12 -30.03 -6.96
CA SER C 257 20.99 -30.62 -6.25
C SER C 257 20.31 -29.47 -5.48
N LEU C 258 19.12 -29.08 -5.93
CA LEU C 258 18.41 -27.98 -5.30
C LEU C 258 17.45 -28.63 -4.28
N ASP C 259 17.90 -28.65 -3.03
CA ASP C 259 17.25 -29.36 -1.96
C ASP C 259 16.20 -28.41 -1.38
N THR C 260 14.93 -28.83 -1.35
CA THR C 260 13.86 -27.98 -0.84
C THR C 260 13.53 -28.13 0.62
N SER C 261 14.22 -28.99 1.34
CA SER C 261 13.87 -29.36 2.70
C SER C 261 13.90 -28.22 3.72
N GLN C 262 14.67 -27.15 3.45
CA GLN C 262 14.65 -25.96 4.36
C GLN C 262 13.66 -24.91 3.92
N MET C 263 12.85 -25.19 2.91
CA MET C 263 11.87 -24.25 2.40
C MET C 263 10.54 -24.92 2.74
N ASN C 264 10.12 -24.78 3.99
CA ASN C 264 9.23 -25.75 4.60
C ASN C 264 8.13 -25.18 5.46
N ARG C 265 7.87 -23.89 5.36
CA ARG C 265 6.88 -23.28 6.23
C ARG C 265 5.41 -23.42 5.73
N ILE C 266 4.51 -23.54 6.69
CA ILE C 266 3.14 -23.16 6.49
C ILE C 266 3.10 -21.63 6.46
N LEU C 267 2.91 -21.05 5.28
CA LEU C 267 2.89 -19.60 5.16
C LEU C 267 1.68 -19.03 5.88
N TRP C 268 0.52 -19.62 5.64
CA TRP C 268 -0.68 -19.35 6.42
C TRP C 268 -1.79 -20.35 6.14
N VAL C 269 -2.70 -20.41 7.10
CA VAL C 269 -3.95 -21.13 6.97
C VAL C 269 -5.08 -20.12 6.74
N ASP C 270 -5.92 -20.44 5.76
CA ASP C 270 -7.09 -19.68 5.42
C ASP C 270 -8.30 -20.48 5.89
N GLU C 271 -8.65 -20.26 7.12
CA GLU C 271 -9.78 -20.93 7.77
C GLU C 271 -11.10 -20.67 7.08
N ASN C 272 -11.24 -19.53 6.40
CA ASN C 272 -12.48 -19.24 5.72
C ASN C 272 -12.69 -19.99 4.44
N ASN C 273 -11.65 -20.10 3.63
CA ASN C 273 -11.71 -20.84 2.37
C ASN C 273 -11.27 -22.30 2.51
N LEU C 274 -10.88 -22.68 3.71
CA LEU C 274 -10.29 -24.01 4.00
C LEU C 274 -9.16 -24.38 3.04
N THR C 275 -8.12 -23.58 3.06
CA THR C 275 -6.90 -23.89 2.33
C THR C 275 -5.71 -23.46 3.19
N ALA C 276 -4.58 -24.06 2.85
CA ALA C 276 -3.31 -23.73 3.40
C ALA C 276 -2.32 -23.35 2.31
N HIS C 277 -1.58 -22.29 2.58
CA HIS C 277 -0.50 -21.81 1.71
C HIS C 277 0.84 -22.24 2.27
N VAL C 278 1.53 -23.11 1.55
CA VAL C 278 2.70 -23.77 2.11
C VAL C 278 3.88 -23.72 1.14
N GLU C 279 5.07 -23.79 1.69
CA GLU C 279 6.30 -23.88 0.89
C GLU C 279 6.45 -25.38 0.52
N ALA C 280 7.08 -25.61 -0.59
CA ALA C 280 7.01 -26.92 -1.25
C ALA C 280 7.86 -27.98 -0.60
N GLY C 281 8.78 -27.60 0.28
CA GLY C 281 9.64 -28.54 0.93
C GLY C 281 9.13 -29.13 2.22
N ILE C 282 7.93 -28.72 2.65
CA ILE C 282 7.34 -29.32 3.86
C ILE C 282 7.00 -30.80 3.65
N THR C 283 7.27 -31.65 4.65
CA THR C 283 7.00 -33.04 4.55
C THR C 283 5.57 -33.26 4.90
N GLY C 284 5.05 -34.40 4.47
CA GLY C 284 3.68 -34.80 4.84
C GLY C 284 3.48 -34.93 6.36
N GLN C 285 4.44 -35.48 7.06
CA GLN C 285 4.23 -35.60 8.52
C GLN C 285 4.30 -34.27 9.22
N GLU C 286 5.12 -33.37 8.72
CA GLU C 286 5.20 -32.05 9.32
C GLU C 286 4.00 -31.19 9.01
N LEU C 287 3.51 -31.30 7.80
CA LEU C 287 2.32 -30.58 7.41
C LEU C 287 1.14 -31.00 8.25
N GLU C 288 0.90 -32.29 8.37
CA GLU C 288 -0.25 -32.79 9.15
C GLU C 288 -0.11 -32.49 10.62
N ARG C 289 1.11 -32.59 11.14
CA ARG C 289 1.37 -32.25 12.54
C ARG C 289 1.05 -30.80 12.89
N GLN C 290 1.50 -29.85 12.08
CA GLN C 290 1.21 -28.44 12.30
C GLN C 290 -0.26 -28.09 12.09
N LEU C 291 -0.88 -28.57 11.02
CA LEU C 291 -2.29 -28.30 10.78
C LEU C 291 -3.15 -28.83 11.89
N LYS C 292 -2.80 -29.98 12.40
CA LYS C 292 -3.57 -30.62 13.46
C LYS C 292 -3.60 -29.78 14.75
N GLU C 293 -2.55 -29.03 15.02
CA GLU C 293 -2.57 -28.11 16.11
C GLU C 293 -3.64 -27.02 16.01
N SER C 294 -4.10 -26.68 14.82
CA SER C 294 -5.20 -25.77 14.62
C SER C 294 -6.52 -26.45 14.41
N GLY C 295 -6.56 -27.77 14.44
CA GLY C 295 -7.78 -28.51 14.16
C GLY C 295 -7.99 -28.91 12.70
N TYR C 296 -6.94 -28.88 11.88
CA TYR C 296 -7.06 -29.22 10.47
C TYR C 296 -6.15 -30.34 10.01
N CYS C 297 -6.45 -30.84 8.84
CA CYS C 297 -5.59 -31.80 8.17
C CYS C 297 -5.74 -31.60 6.64
N THR C 298 -4.85 -32.23 5.88
CA THR C 298 -5.05 -32.38 4.41
C THR C 298 -5.64 -33.72 4.05
N GLY C 299 -5.36 -34.72 4.87
CA GLY C 299 -5.73 -36.08 4.60
C GLY C 299 -4.97 -36.77 3.48
N HIS C 300 -3.92 -36.14 2.97
CA HIS C 300 -3.10 -36.72 1.95
C HIS C 300 -2.05 -37.52 2.63
N GLU C 301 -2.10 -38.84 2.50
CA GLU C 301 -1.26 -39.76 3.26
C GLU C 301 -0.64 -40.82 2.36
N PRO C 302 0.35 -40.43 1.55
CA PRO C 302 1.13 -41.42 0.84
C PRO C 302 1.96 -42.18 1.86
N ASP C 303 2.35 -43.39 1.54
CA ASP C 303 3.14 -44.21 2.43
C ASP C 303 4.50 -43.60 2.76
N SER C 304 4.98 -42.69 1.91
CA SER C 304 6.29 -42.01 2.09
C SER C 304 6.17 -40.68 2.88
N LEU C 305 5.02 -40.41 3.50
CA LEU C 305 4.73 -39.09 4.08
C LEU C 305 5.73 -38.61 5.17
N GLU C 306 6.51 -39.53 5.77
CA GLU C 306 7.52 -39.10 6.69
C GLU C 306 8.55 -38.21 6.01
N PHE C 307 8.83 -38.46 4.73
CA PHE C 307 9.84 -37.70 3.97
C PHE C 307 9.34 -36.98 2.72
N SER C 308 8.33 -37.48 2.04
CA SER C 308 7.89 -36.85 0.79
C SER C 308 7.25 -35.51 1.09
N THR C 309 7.37 -34.63 0.10
CA THR C 309 7.07 -33.20 0.22
C THR C 309 5.98 -32.81 -0.75
N VAL C 310 5.38 -31.64 -0.48
CA VAL C 310 4.37 -31.06 -1.31
C VAL C 310 4.82 -30.89 -2.72
N GLY C 311 6.01 -30.31 -2.91
CA GLY C 311 6.57 -30.17 -4.22
C GLY C 311 6.80 -31.49 -4.92
N GLY C 312 7.30 -32.49 -4.23
CA GLY C 312 7.38 -33.83 -4.81
C GLY C 312 6.03 -34.39 -5.24
N TRP C 313 5.01 -34.26 -4.37
CA TRP C 313 3.74 -34.83 -4.68
C TRP C 313 3.18 -34.26 -6.00
N ILE C 314 3.25 -32.95 -6.13
CA ILE C 314 2.78 -32.25 -7.30
C ILE C 314 3.61 -32.67 -8.53
N SER C 315 4.93 -32.78 -8.37
CA SER C 315 5.82 -33.19 -9.48
C SER C 315 5.56 -34.59 -10.02
N THR C 316 5.14 -35.51 -9.14
CA THR C 316 4.97 -36.93 -9.47
C THR C 316 3.50 -37.45 -9.49
N ARG C 317 2.53 -36.56 -9.27
CA ARG C 317 1.12 -36.87 -9.20
C ARG C 317 0.86 -37.95 -8.17
N ALA C 318 1.32 -37.67 -6.97
CA ALA C 318 1.20 -38.58 -5.85
C ALA C 318 -0.26 -38.87 -5.46
N SER C 319 -0.44 -40.06 -4.92
CA SER C 319 -1.71 -40.54 -4.48
C SER C 319 -1.55 -41.00 -3.04
N GLY C 320 -2.56 -40.77 -2.23
CA GLY C 320 -2.52 -41.12 -0.83
C GLY C 320 -3.60 -42.09 -0.46
N MET C 321 -3.39 -42.73 0.66
CA MET C 321 -4.30 -43.75 1.20
C MET C 321 -5.78 -43.40 1.29
N LYS C 322 -6.08 -42.15 1.61
CA LYS C 322 -7.43 -41.75 1.88
C LYS C 322 -7.98 -40.83 0.82
N LYS C 323 -7.52 -41.00 -0.41
CA LYS C 323 -7.99 -40.18 -1.54
C LYS C 323 -9.50 -40.25 -1.75
N ASN C 324 -10.15 -41.36 -1.34
CA ASN C 324 -11.61 -41.48 -1.47
C ASN C 324 -12.32 -40.33 -0.83
N ILE C 325 -11.76 -39.78 0.22
CA ILE C 325 -12.38 -38.69 0.97
C ILE C 325 -11.72 -37.40 0.71
N TYR C 326 -10.40 -37.39 0.58
CA TYR C 326 -9.69 -36.12 0.39
C TYR C 326 -9.29 -35.77 -1.00
N GLY C 327 -9.30 -36.74 -1.91
CA GLY C 327 -8.77 -36.56 -3.26
C GLY C 327 -7.29 -36.91 -3.33
N ASN C 328 -6.82 -37.09 -4.57
CA ASN C 328 -5.42 -37.21 -4.91
C ASN C 328 -4.86 -35.84 -5.07
N ILE C 329 -3.55 -35.74 -5.38
CA ILE C 329 -2.90 -34.44 -5.37
C ILE C 329 -3.54 -33.42 -6.32
N GLU C 330 -4.04 -33.90 -7.46
CA GLU C 330 -4.68 -33.02 -8.47
C GLU C 330 -6.02 -32.45 -8.01
N ASP C 331 -6.67 -33.10 -7.04
CA ASP C 331 -7.90 -32.65 -6.42
C ASP C 331 -7.62 -31.67 -5.27
N LEU C 332 -6.44 -31.77 -4.65
CA LEU C 332 -6.08 -31.03 -3.46
C LEU C 332 -5.42 -29.69 -3.69
N VAL C 333 -4.62 -29.58 -4.76
CA VAL C 333 -3.93 -28.39 -5.09
C VAL C 333 -4.84 -27.37 -5.80
N VAL C 334 -4.94 -26.20 -5.22
CA VAL C 334 -5.80 -25.07 -5.69
C VAL C 334 -4.93 -24.05 -6.42
N HIS C 335 -3.64 -23.97 -6.12
CA HIS C 335 -2.77 -22.95 -6.67
C HIS C 335 -1.32 -23.39 -6.50
N MET C 336 -0.45 -22.86 -7.34
CA MET C 336 0.93 -23.07 -7.17
C MET C 336 1.75 -21.97 -7.82
N LYS C 337 2.98 -21.94 -7.40
CA LYS C 337 4.01 -21.01 -7.87
C LYS C 337 5.25 -21.75 -8.29
N VAL C 338 5.71 -21.49 -9.50
CA VAL C 338 6.81 -22.28 -10.11
C VAL C 338 7.86 -21.40 -10.74
N VAL C 339 9.11 -21.64 -10.39
CA VAL C 339 10.22 -20.88 -10.93
C VAL C 339 10.79 -21.66 -12.04
N THR C 340 10.72 -21.09 -13.24
CA THR C 340 11.29 -21.71 -14.42
C THR C 340 12.36 -20.75 -15.03
N PRO C 341 13.16 -21.26 -15.96
CA PRO C 341 14.15 -20.34 -16.55
C PRO C 341 13.49 -19.18 -17.34
N ARG C 342 12.26 -19.39 -17.77
CA ARG C 342 11.54 -18.38 -18.49
C ARG C 342 10.91 -17.33 -17.59
N GLY C 343 10.77 -17.66 -16.30
CA GLY C 343 10.15 -16.80 -15.32
C GLY C 343 9.27 -17.65 -14.42
N VAL C 344 8.44 -16.94 -13.66
CA VAL C 344 7.55 -17.49 -12.66
C VAL C 344 6.13 -17.75 -13.18
N ILE C 345 5.68 -18.98 -13.04
CA ILE C 345 4.32 -19.37 -13.32
C ILE C 345 3.49 -19.28 -12.06
N GLU C 346 2.36 -18.62 -12.18
CA GLU C 346 1.44 -18.41 -11.07
C GLU C 346 0.11 -17.81 -11.62
N LYS C 347 -1.05 -18.41 -11.35
CA LYS C 347 -2.33 -17.81 -11.73
C LYS C 347 -2.62 -16.63 -10.84
N SER C 348 -3.40 -15.68 -11.32
CA SER C 348 -3.64 -14.42 -10.58
C SER C 348 -4.71 -14.53 -9.50
N CYS C 349 -5.53 -15.56 -9.52
CA CYS C 349 -6.55 -15.71 -8.46
C CYS C 349 -6.72 -17.15 -7.98
N GLN C 350 -7.48 -17.26 -6.88
CA GLN C 350 -7.70 -18.50 -6.17
C GLN C 350 -9.18 -18.96 -6.25
N GLY C 351 -9.87 -18.57 -7.34
CA GLY C 351 -11.21 -19.13 -7.65
C GLY C 351 -11.18 -20.64 -7.59
N PRO C 352 -12.26 -21.28 -7.12
CA PRO C 352 -12.23 -22.74 -6.96
C PRO C 352 -12.24 -23.50 -8.24
N ARG C 353 -12.78 -22.94 -9.29
CA ARG C 353 -12.86 -23.70 -10.53
C ARG C 353 -12.99 -22.69 -11.68
N MET C 354 -12.17 -22.86 -12.71
CA MET C 354 -12.09 -21.88 -13.83
C MET C 354 -12.27 -22.48 -15.19
N SER C 355 -12.74 -21.66 -16.13
CA SER C 355 -12.64 -22.02 -17.52
C SER C 355 -11.84 -20.93 -18.22
N THR C 356 -10.52 -21.06 -18.19
CA THR C 356 -9.66 -20.04 -18.77
C THR C 356 -8.62 -20.72 -19.66
N GLY C 357 -9.07 -21.60 -20.51
CA GLY C 357 -8.17 -22.30 -21.39
C GLY C 357 -7.69 -23.61 -20.79
N PRO C 358 -6.82 -24.31 -21.49
CA PRO C 358 -6.15 -25.48 -20.89
C PRO C 358 -5.51 -25.17 -19.55
N ASP C 359 -5.76 -26.04 -18.56
CA ASP C 359 -5.32 -25.82 -17.19
C ASP C 359 -3.80 -26.01 -17.05
N ILE C 360 -3.11 -24.90 -16.82
CA ILE C 360 -1.67 -24.95 -16.76
C ILE C 360 -1.10 -25.55 -15.51
N HIS C 361 -1.92 -25.67 -14.45
CA HIS C 361 -1.53 -26.49 -13.35
C HIS C 361 -1.20 -27.90 -13.80
N HIS C 362 -1.95 -28.42 -14.75
CA HIS C 362 -1.70 -29.76 -15.27
C HIS C 362 -0.52 -29.86 -16.19
N PHE C 363 0.04 -28.72 -16.63
CA PHE C 363 1.31 -28.75 -17.35
C PHE C 363 2.47 -29.00 -16.32
N ILE C 364 2.31 -28.56 -15.09
CA ILE C 364 3.32 -28.71 -14.03
C ILE C 364 3.15 -29.98 -13.22
N MET C 365 1.91 -30.36 -12.90
CA MET C 365 1.67 -31.59 -12.20
C MET C 365 2.09 -32.75 -13.05
N GLY C 366 2.93 -33.63 -12.52
CA GLY C 366 3.47 -34.72 -13.27
C GLY C 366 4.74 -34.33 -14.08
N SER C 367 5.25 -33.12 -13.92
CA SER C 367 6.45 -32.69 -14.71
C SER C 367 7.76 -33.23 -14.20
N GLU C 368 7.77 -33.85 -12.99
CA GLU C 368 8.90 -34.62 -12.51
C GLU C 368 10.26 -33.88 -12.60
N GLY C 369 10.26 -32.63 -12.18
CA GLY C 369 11.48 -31.83 -12.08
C GLY C 369 12.06 -31.35 -13.40
N THR C 370 11.30 -31.42 -14.50
CA THR C 370 11.87 -31.16 -15.84
C THR C 370 11.62 -29.75 -16.33
N LEU C 371 10.88 -28.96 -15.57
CA LEU C 371 10.46 -27.63 -16.04
C LEU C 371 10.87 -26.44 -15.19
N GLY C 372 10.96 -26.68 -13.90
CA GLY C 372 11.26 -25.67 -12.94
C GLY C 372 11.09 -26.20 -11.54
N VAL C 373 11.14 -25.30 -10.57
CA VAL C 373 10.96 -25.63 -9.17
C VAL C 373 9.62 -25.11 -8.64
N ILE C 374 8.83 -26.00 -8.09
CA ILE C 374 7.63 -25.63 -7.39
C ILE C 374 8.08 -25.10 -6.08
N THR C 375 7.71 -23.85 -5.76
CA THR C 375 8.19 -23.28 -4.52
C THR C 375 7.12 -23.20 -3.41
N GLU C 376 5.89 -22.94 -3.83
CA GLU C 376 4.74 -22.76 -2.94
C GLU C 376 3.52 -23.39 -3.57
N ALA C 377 2.62 -23.84 -2.73
CA ALA C 377 1.34 -24.31 -3.17
C ALA C 377 0.26 -24.00 -2.17
N THR C 378 -0.95 -23.93 -2.70
CA THR C 378 -2.11 -23.82 -1.87
C THR C 378 -2.89 -25.08 -1.99
N ILE C 379 -3.13 -25.67 -0.84
CA ILE C 379 -3.70 -26.97 -0.76
C ILE C 379 -4.98 -26.95 0.10
N LYS C 380 -6.01 -27.64 -0.36
CA LYS C 380 -7.25 -27.79 0.40
C LYS C 380 -6.99 -28.45 1.74
N ILE C 381 -7.61 -27.90 2.80
CA ILE C 381 -7.62 -28.54 4.15
C ILE C 381 -9.03 -28.84 4.61
N ARG C 382 -9.15 -29.67 5.65
CA ARG C 382 -10.43 -30.06 6.23
C ARG C 382 -10.31 -30.06 7.74
N PRO C 383 -11.43 -29.87 8.46
CA PRO C 383 -11.38 -30.12 9.93
C PRO C 383 -10.89 -31.53 10.20
N THR C 384 -10.09 -31.71 11.21
CA THR C 384 -9.79 -33.05 11.68
C THR C 384 -11.06 -33.93 11.76
N PRO C 385 -11.02 -35.18 11.32
CA PRO C 385 -12.25 -35.94 11.32
C PRO C 385 -12.72 -36.28 12.75
N GLU C 386 -14.01 -36.26 12.99
CA GLU C 386 -14.58 -36.52 14.33
C GLU C 386 -14.24 -37.89 14.86
N TYR C 387 -14.21 -38.88 13.98
CA TYR C 387 -14.09 -40.26 14.30
C TYR C 387 -13.40 -41.08 13.19
N GLN C 388 -12.60 -42.05 13.61
CA GLN C 388 -11.88 -42.94 12.66
C GLN C 388 -12.14 -44.32 13.12
N LYS C 389 -12.39 -45.24 12.22
CA LYS C 389 -12.62 -46.57 12.67
C LYS C 389 -12.15 -47.62 11.68
N TYR C 390 -11.60 -48.72 12.16
CA TYR C 390 -11.15 -49.80 11.31
C TYR C 390 -12.13 -50.94 11.15
N GLY C 391 -11.91 -51.77 10.14
CA GLY C 391 -12.75 -52.93 9.82
C GLY C 391 -12.01 -53.87 8.90
N SER C 392 -12.56 -55.04 8.66
CA SER C 392 -11.97 -55.99 7.76
C SER C 392 -13.02 -56.95 7.38
N VAL C 393 -12.79 -57.61 6.28
CA VAL C 393 -13.77 -58.52 5.71
C VAL C 393 -12.98 -59.65 5.08
N ALA C 394 -13.40 -60.87 5.36
CA ALA C 394 -12.81 -62.04 4.71
C ALA C 394 -13.73 -62.53 3.63
N PHE C 395 -13.20 -62.76 2.44
CA PHE C 395 -13.94 -63.33 1.32
C PHE C 395 -13.42 -64.73 1.01
N PRO C 396 -14.25 -65.60 0.38
CA PRO C 396 -13.77 -66.96 0.08
C PRO C 396 -12.63 -67.00 -0.94
N ASN C 397 -12.57 -66.01 -1.82
CA ASN C 397 -11.43 -65.85 -2.73
C ASN C 397 -11.21 -64.40 -3.19
N PHE C 398 -10.13 -64.18 -3.93
CA PHE C 398 -9.75 -62.87 -4.42
C PHE C 398 -10.79 -62.28 -5.35
N GLU C 399 -11.22 -63.11 -6.26
CA GLU C 399 -12.19 -62.75 -7.29
C GLU C 399 -13.50 -62.21 -6.72
N GLN C 400 -13.97 -62.87 -5.66
CA GLN C 400 -15.17 -62.44 -4.96
C GLN C 400 -14.91 -61.08 -4.34
N GLY C 401 -13.75 -60.95 -3.70
CA GLY C 401 -13.34 -59.66 -3.13
C GLY C 401 -13.37 -58.52 -4.16
N VAL C 402 -12.86 -58.80 -5.35
CA VAL C 402 -12.78 -57.79 -6.40
C VAL C 402 -14.18 -57.36 -6.78
N ALA C 403 -15.03 -58.34 -7.06
CA ALA C 403 -16.43 -58.07 -7.36
C ALA C 403 -17.07 -57.18 -6.32
N CYS C 404 -16.78 -57.40 -5.04
CA CYS C 404 -17.34 -56.63 -3.98
C CYS C 404 -16.81 -55.20 -3.96
N LEU C 405 -15.51 -55.03 -4.04
CA LEU C 405 -14.91 -53.70 -4.28
C LEU C 405 -15.55 -52.93 -5.47
N ARG C 406 -15.81 -53.64 -6.53
CA ARG C 406 -16.45 -53.03 -7.68
C ARG C 406 -17.87 -52.57 -7.33
N GLU C 407 -18.62 -53.39 -6.60
CA GLU C 407 -19.97 -52.99 -6.23
C GLU C 407 -19.91 -51.76 -5.32
N ILE C 408 -19.01 -51.79 -4.34
CA ILE C 408 -18.82 -50.63 -3.44
C ILE C 408 -18.57 -49.34 -4.21
N ALA C 409 -17.70 -49.41 -5.18
CA ALA C 409 -17.40 -48.28 -6.06
C ALA C 409 -18.61 -47.89 -6.86
N LYS C 410 -19.34 -48.87 -7.34
CA LYS C 410 -20.59 -48.61 -8.04
C LYS C 410 -21.63 -47.87 -7.19
N GLN C 411 -21.74 -48.24 -5.91
CA GLN C 411 -22.64 -47.55 -5.03
C GLN C 411 -22.06 -46.22 -4.51
N ARG C 412 -20.85 -45.90 -4.94
CA ARG C 412 -20.10 -44.75 -4.47
C ARG C 412 -20.14 -44.65 -2.98
N CYS C 413 -19.88 -45.76 -2.28
CA CYS C 413 -19.87 -45.77 -0.82
C CYS C 413 -18.57 -46.32 -0.22
N ALA C 414 -17.43 -46.08 -0.90
CA ALA C 414 -16.14 -46.55 -0.43
C ALA C 414 -15.83 -45.85 0.92
N PRO C 415 -15.36 -46.58 1.88
CA PRO C 415 -14.77 -45.88 3.01
C PRO C 415 -13.47 -45.16 2.69
N ALA C 416 -13.03 -44.33 3.62
CA ALA C 416 -11.82 -43.54 3.51
C ALA C 416 -10.71 -44.35 2.88
N SER C 417 -10.49 -45.57 3.37
CA SER C 417 -9.64 -46.50 2.68
C SER C 417 -10.19 -47.92 2.66
N ILE C 418 -9.91 -48.57 1.54
CA ILE C 418 -10.28 -49.97 1.34
C ILE C 418 -9.25 -50.68 0.46
N ARG C 419 -8.64 -51.69 1.04
CA ARG C 419 -7.65 -52.48 0.34
C ARG C 419 -8.04 -53.94 0.33
N LEU C 420 -7.79 -54.64 -0.76
CA LEU C 420 -8.08 -56.07 -0.83
C LEU C 420 -6.79 -56.82 -1.03
N MET C 421 -6.45 -57.68 -0.10
CA MET C 421 -5.22 -58.47 -0.24
C MET C 421 -5.46 -59.92 -0.71
N ASP C 422 -4.57 -60.45 -1.56
CA ASP C 422 -4.64 -61.86 -1.97
C ASP C 422 -4.23 -62.74 -0.86
N ASN C 423 -4.37 -64.04 -1.05
CA ASN C 423 -4.17 -64.99 0.07
C ASN C 423 -2.78 -64.98 0.66
N GLN C 424 -1.77 -64.93 -0.20
CA GLN C 424 -0.36 -64.82 0.24
C GLN C 424 -0.15 -63.62 1.16
N GLN C 425 -0.78 -62.49 0.84
CA GLN C 425 -0.66 -61.35 1.79
C GLN C 425 -1.41 -61.57 3.10
N PHE C 426 -2.55 -62.23 3.02
CA PHE C 426 -3.26 -62.59 4.25
C PHE C 426 -2.39 -63.42 5.20
N GLN C 427 -1.75 -64.45 4.64
CA GLN C 427 -0.85 -65.33 5.39
C GLN C 427 0.37 -64.62 5.91
N PHE C 428 0.94 -63.75 5.09
CA PHE C 428 2.07 -62.98 5.54
C PHE C 428 1.69 -62.15 6.73
N GLY C 429 0.52 -61.53 6.65
CA GLY C 429 0.04 -60.71 7.72
C GLY C 429 -0.13 -61.51 8.98
N HIS C 430 -0.52 -62.76 8.80
CA HIS C 430 -0.67 -63.70 9.91
C HIS C 430 0.68 -64.00 10.53
N ALA C 431 1.73 -64.17 9.72
CA ALA C 431 3.09 -64.38 10.25
C ALA C 431 3.68 -63.18 11.00
N LEU C 432 3.10 -61.99 10.87
CA LEU C 432 3.56 -60.77 11.58
C LEU C 432 2.80 -60.42 12.83
N LYS C 433 1.78 -61.19 13.21
CA LYS C 433 1.09 -60.94 14.49
C LYS C 433 2.11 -61.16 15.63
N PRO C 434 2.20 -60.21 16.60
CA PRO C 434 3.07 -60.33 17.77
C PRO C 434 3.15 -61.69 18.44
N LYS C 454 -17.64 -69.08 12.92
CA LYS C 454 -17.43 -67.94 12.04
C LYS C 454 -16.79 -68.35 10.70
N PHE C 455 -15.51 -68.70 10.72
CA PHE C 455 -14.70 -68.91 9.50
C PHE C 455 -14.47 -70.35 9.10
N LYS C 456 -15.09 -71.28 9.84
CA LYS C 456 -15.03 -72.71 9.52
C LYS C 456 -15.34 -72.94 8.03
N GLY C 457 -16.42 -72.32 7.56
CA GLY C 457 -16.77 -72.32 6.14
C GLY C 457 -15.63 -72.17 5.14
N PHE C 458 -14.65 -71.29 5.42
CA PHE C 458 -13.67 -70.77 4.40
C PHE C 458 -12.35 -71.54 4.25
N ASP C 459 -11.89 -71.68 3.00
CA ASP C 459 -10.58 -72.31 2.67
C ASP C 459 -9.42 -71.35 2.94
N PRO C 460 -8.58 -71.68 3.94
CA PRO C 460 -7.51 -70.76 4.34
C PRO C 460 -6.39 -70.56 3.32
N ASN C 461 -6.34 -71.35 2.26
CA ASN C 461 -5.42 -71.07 1.13
C ASN C 461 -6.06 -70.40 -0.08
N GLN C 462 -7.34 -70.10 0.02
CA GLN C 462 -8.04 -69.34 -1.03
C GLN C 462 -8.45 -67.93 -0.60
N LEU C 463 -8.92 -67.86 0.62
CA LEU C 463 -9.32 -66.69 1.37
C LEU C 463 -8.56 -65.41 0.96
N SER C 464 -9.32 -64.33 0.74
CA SER C 464 -8.77 -62.98 0.60
C SER C 464 -9.38 -62.08 1.69
N VAL C 465 -8.72 -60.98 2.02
CA VAL C 465 -9.17 -60.10 3.09
C VAL C 465 -9.09 -58.63 2.65
N ALA C 466 -10.14 -57.88 2.95
CA ALA C 466 -10.17 -56.42 2.75
C ALA C 466 -9.98 -55.82 4.08
N THR C 467 -9.16 -54.79 4.15
CA THR C 467 -9.05 -53.98 5.32
C THR C 467 -9.70 -52.67 4.97
N LEU C 468 -10.25 -52.06 5.99
CA LEU C 468 -11.05 -50.87 5.85
C LEU C 468 -10.63 -49.86 6.88
N LEU C 469 -10.74 -48.61 6.50
CA LEU C 469 -10.63 -47.49 7.41
C LEU C 469 -11.75 -46.55 7.07
N PHE C 470 -12.60 -46.25 8.06
CA PHE C 470 -13.67 -45.32 7.94
C PHE C 470 -13.25 -44.01 8.68
N GLU C 471 -13.57 -42.86 8.12
CA GLU C 471 -13.47 -41.65 8.91
C GLU C 471 -14.30 -40.50 8.47
N GLY C 472 -14.56 -39.62 9.41
CA GLY C 472 -15.43 -38.46 9.21
C GLY C 472 -16.42 -38.41 10.37
N ASP C 473 -17.63 -37.94 10.08
CA ASP C 473 -18.64 -37.78 11.14
C ASP C 473 -19.13 -39.09 11.61
N ARG C 474 -19.40 -39.18 12.90
CA ARG C 474 -19.81 -40.44 13.53
C ARG C 474 -20.97 -41.09 12.83
N GLU C 475 -21.99 -40.29 12.57
CA GLU C 475 -23.18 -40.84 11.93
C GLU C 475 -22.87 -41.37 10.56
N LYS C 476 -21.98 -40.71 9.82
CA LYS C 476 -21.70 -41.08 8.46
C LYS C 476 -20.82 -42.32 8.44
N VAL C 477 -19.91 -42.37 9.40
CA VAL C 477 -19.11 -43.56 9.60
C VAL C 477 -20.07 -44.74 9.78
N LEU C 478 -20.98 -44.66 10.75
CA LEU C 478 -21.99 -45.69 10.95
C LEU C 478 -22.80 -46.04 9.72
N GLN C 479 -23.37 -45.05 9.05
CA GLN C 479 -24.05 -45.32 7.76
C GLN C 479 -23.16 -46.02 6.74
N HIS C 480 -21.93 -45.55 6.53
CA HIS C 480 -21.10 -46.21 5.48
C HIS C 480 -20.75 -47.63 5.89
N GLU C 481 -20.47 -47.80 7.17
CA GLU C 481 -20.11 -49.09 7.70
C GLU C 481 -21.25 -50.11 7.43
N LYS C 482 -22.48 -49.73 7.74
CA LYS C 482 -23.68 -50.59 7.40
C LYS C 482 -23.75 -50.97 5.92
N GLN C 483 -23.53 -49.98 5.10
CA GLN C 483 -23.66 -50.25 3.69
C GLN C 483 -22.61 -51.20 3.17
N VAL C 484 -21.40 -50.98 3.64
CA VAL C 484 -20.26 -51.72 3.12
C VAL C 484 -20.37 -53.20 3.50
N TYR C 485 -20.63 -53.46 4.80
CA TYR C 485 -20.84 -54.80 5.30
C TYR C 485 -22.04 -55.51 4.69
N ASP C 486 -23.12 -54.79 4.44
CA ASP C 486 -24.25 -55.39 3.71
C ASP C 486 -23.89 -55.72 2.27
N ILE C 487 -23.20 -54.81 1.55
CA ILE C 487 -22.73 -55.17 0.19
C ILE C 487 -21.79 -56.39 0.23
N ALA C 488 -20.85 -56.38 1.18
CA ALA C 488 -19.88 -57.51 1.32
C ALA C 488 -20.51 -58.90 1.57
N ALA C 489 -21.57 -58.94 2.39
CA ALA C 489 -22.32 -60.19 2.64
C ALA C 489 -22.83 -60.84 1.34
N LYS C 490 -23.31 -60.04 0.41
CA LYS C 490 -23.71 -60.55 -0.89
C LYS C 490 -22.61 -61.23 -1.69
N PHE C 491 -21.33 -60.96 -1.42
CA PHE C 491 -20.29 -61.65 -2.18
C PHE C 491 -19.68 -62.70 -1.27
N GLY C 492 -20.44 -63.13 -0.27
CA GLY C 492 -19.93 -64.06 0.73
C GLY C 492 -18.88 -63.48 1.64
N GLY C 493 -18.85 -62.16 1.79
CA GLY C 493 -17.93 -61.50 2.70
C GLY C 493 -18.42 -61.55 4.14
N LEU C 494 -17.51 -61.84 5.06
CA LEU C 494 -17.82 -61.83 6.48
C LEU C 494 -16.85 -60.98 7.27
N ALA C 495 -17.42 -60.21 8.20
CA ALA C 495 -16.70 -59.28 9.03
C ALA C 495 -15.62 -60.04 9.78
N ALA C 496 -14.42 -59.48 9.87
CA ALA C 496 -13.31 -60.19 10.50
C ALA C 496 -12.65 -59.37 11.59
N GLY C 497 -13.23 -58.25 11.96
CA GLY C 497 -12.77 -57.46 13.09
C GLY C 497 -12.04 -56.17 12.81
N GLU C 498 -12.17 -55.26 13.75
CA GLU C 498 -11.48 -53.97 13.73
C GLU C 498 -9.97 -54.13 13.90
N ASP C 499 -9.54 -55.04 14.79
CA ASP C 499 -8.14 -55.31 15.00
C ASP C 499 -7.32 -55.70 13.78
N ASN C 500 -7.88 -56.53 12.91
CA ASN C 500 -7.21 -56.84 11.63
C ASN C 500 -7.04 -55.62 10.73
N GLY C 501 -8.10 -54.80 10.69
CA GLY C 501 -8.05 -53.54 9.97
C GLY C 501 -6.95 -52.67 10.51
N GLN C 502 -6.91 -52.60 11.84
CA GLN C 502 -5.95 -51.74 12.47
C GLN C 502 -4.52 -52.22 12.17
N ARG C 503 -4.31 -53.53 12.18
CA ARG C 503 -2.99 -54.10 11.97
C ARG C 503 -2.47 -53.83 10.56
N GLY C 504 -3.34 -54.04 9.56
CA GLY C 504 -2.97 -53.81 8.19
C GLY C 504 -2.51 -52.37 8.09
N TYR C 505 -3.36 -51.45 8.54
CA TYR C 505 -3.06 -50.03 8.46
CA TYR C 505 -3.06 -50.03 8.46
C TYR C 505 -1.69 -49.67 9.07
N LEU C 506 -1.38 -50.19 10.26
CA LEU C 506 -0.05 -49.88 10.88
C LEU C 506 1.15 -50.48 10.13
N LEU C 507 1.02 -51.72 9.70
CA LEU C 507 2.05 -52.35 8.88
C LEU C 507 2.54 -51.52 7.67
N THR C 508 1.65 -50.66 7.13
CA THR C 508 1.98 -49.88 5.96
C THR C 508 3.25 -49.06 6.15
N TYR C 509 3.54 -48.49 7.33
CA TYR C 509 4.79 -47.67 7.46
C TYR C 509 6.06 -48.48 7.80
N VAL C 510 5.92 -49.80 7.91
CA VAL C 510 7.08 -50.59 8.28
C VAL C 510 7.50 -51.53 7.19
N ILE C 511 6.61 -51.81 6.23
CA ILE C 511 6.95 -52.71 5.12
C ILE C 511 8.18 -52.20 4.37
N ALA C 512 8.37 -50.89 4.32
CA ALA C 512 9.51 -50.37 3.52
C ALA C 512 10.83 -50.73 4.16
N TYR C 513 10.84 -51.00 5.48
CA TYR C 513 12.05 -51.48 6.16
C TYR C 513 12.41 -52.93 5.93
N MET C 514 11.54 -53.66 5.30
CA MET C 514 11.83 -55.04 4.99
C MET C 514 12.78 -55.23 3.84
N ARG C 515 12.89 -54.24 2.98
CA ARG C 515 13.87 -54.37 1.93
C ARG C 515 15.23 -54.62 2.47
N ASP C 516 15.64 -53.77 3.40
CA ASP C 516 16.98 -53.85 3.96
C ASP C 516 17.21 -55.16 4.70
N LEU C 517 16.21 -55.61 5.41
CA LEU C 517 16.28 -56.94 5.99
C LEU C 517 16.50 -58.03 4.92
N GLY C 518 15.74 -57.94 3.84
CA GLY C 518 15.85 -58.92 2.80
C GLY C 518 17.22 -58.90 2.16
N LEU C 519 17.78 -57.71 2.04
CA LEU C 519 19.09 -57.59 1.44
C LEU C 519 20.19 -58.16 2.30
N GLU C 520 20.01 -58.23 3.61
CA GLU C 520 20.97 -58.92 4.50
C GLU C 520 21.00 -60.40 4.23
N TYR C 521 19.91 -60.97 3.70
CA TYR C 521 19.75 -62.42 3.54
C TYR C 521 19.48 -62.88 2.15
N TYR C 522 20.11 -62.25 1.18
CA TYR C 522 20.00 -62.62 -0.25
C TYR C 522 18.58 -62.59 -0.84
N ILE C 523 17.70 -61.74 -0.29
CA ILE C 523 16.36 -61.58 -0.86
C ILE C 523 16.25 -60.19 -1.46
N ILE C 524 15.86 -60.15 -2.73
CA ILE C 524 15.62 -58.89 -3.41
C ILE C 524 14.22 -58.81 -3.95
N GLY C 525 13.75 -57.60 -4.01
CA GLY C 525 12.46 -57.34 -4.65
C GLY C 525 12.04 -55.90 -4.66
N GLU C 526 10.87 -55.66 -5.22
CA GLU C 526 10.34 -54.35 -5.32
C GLU C 526 8.82 -54.46 -5.46
N SER C 527 8.15 -53.39 -5.07
CA SER C 527 6.76 -53.22 -5.37
C SER C 527 6.62 -52.48 -6.68
N PHE C 528 5.51 -52.68 -7.36
CA PHE C 528 5.17 -51.95 -8.59
C PHE C 528 3.66 -51.93 -8.72
N GLU C 529 3.18 -51.01 -9.51
CA GLU C 529 1.75 -50.70 -9.50
C GLU C 529 1.25 -50.39 -10.91
N THR C 530 -0.06 -50.43 -11.06
CA THR C 530 -0.73 -50.01 -12.25
C THR C 530 -2.14 -49.64 -11.90
N SER C 531 -2.81 -48.98 -12.84
CA SER C 531 -4.24 -48.81 -12.76
C SER C 531 -4.87 -49.47 -13.99
N ALA C 532 -6.05 -50.03 -13.79
CA ALA C 532 -6.74 -50.79 -14.83
C ALA C 532 -8.27 -50.67 -14.76
N PRO C 533 -8.95 -50.80 -15.89
CA PRO C 533 -10.44 -50.87 -15.87
C PRO C 533 -10.92 -52.03 -15.06
N TRP C 534 -12.12 -51.93 -14.46
CA TRP C 534 -12.66 -52.97 -13.59
C TRP C 534 -12.68 -54.32 -14.27
N ASP C 535 -12.98 -54.35 -15.56
CA ASP C 535 -13.09 -55.64 -16.24
C ASP C 535 -11.77 -56.28 -16.63
N ARG C 536 -10.65 -55.65 -16.31
CA ARG C 536 -9.34 -56.23 -16.55
C ARG C 536 -8.63 -56.67 -15.30
N VAL C 537 -9.17 -56.34 -14.15
CA VAL C 537 -8.39 -56.49 -12.89
C VAL C 537 -8.03 -57.95 -12.60
N VAL C 538 -8.99 -58.85 -12.67
CA VAL C 538 -8.72 -60.23 -12.26
C VAL C 538 -7.72 -60.87 -13.20
N ASP C 539 -7.94 -60.72 -14.50
CA ASP C 539 -7.00 -61.25 -15.49
C ASP C 539 -5.62 -60.68 -15.34
N LEU C 540 -5.55 -59.36 -15.15
CA LEU C 540 -4.27 -58.67 -15.05
C LEU C 540 -3.47 -59.21 -13.88
N CYS C 541 -4.10 -59.26 -12.73
CA CYS C 541 -3.47 -59.80 -11.55
C CYS C 541 -2.90 -61.17 -11.81
N ARG C 542 -3.71 -62.04 -12.45
CA ARG C 542 -3.37 -63.45 -12.64
C ARG C 542 -2.24 -63.55 -13.64
N ASN C 543 -2.36 -62.84 -14.75
CA ASN C 543 -1.35 -62.91 -15.78
C ASN C 543 0.00 -62.30 -15.38
N VAL C 544 -0.05 -61.16 -14.69
CA VAL C 544 1.18 -60.53 -14.20
C VAL C 544 1.86 -61.44 -13.19
N LYS C 545 1.11 -62.01 -12.23
CA LYS C 545 1.74 -62.94 -11.24
C LYS C 545 2.33 -64.19 -11.88
N GLU C 546 1.63 -64.72 -12.88
CA GLU C 546 2.13 -65.86 -13.66
C GLU C 546 3.33 -65.46 -14.53
N ARG C 547 3.29 -64.28 -15.14
CA ARG C 547 4.41 -63.83 -15.95
C ARG C 547 5.66 -63.77 -15.09
N ILE C 548 5.51 -63.37 -13.83
CA ILE C 548 6.67 -63.22 -12.99
C ILE C 548 7.38 -64.55 -12.69
N ARG C 549 6.58 -65.56 -12.36
CA ARG C 549 7.14 -66.89 -12.01
C ARG C 549 7.81 -67.50 -13.20
N ARG C 550 7.19 -67.33 -14.35
CA ARG C 550 7.70 -67.85 -15.58
C ARG C 550 9.01 -67.20 -15.94
N GLU C 551 9.11 -65.89 -15.76
CA GLU C 551 10.36 -65.19 -16.08
C GLU C 551 11.49 -65.61 -15.14
N CYS C 552 11.20 -65.72 -13.84
CA CYS C 552 12.24 -66.14 -12.89
C CYS C 552 12.75 -67.54 -13.23
N LYS C 553 11.83 -68.50 -13.45
CA LYS C 553 12.22 -69.88 -13.78
C LYS C 553 13.17 -69.90 -14.95
N GLU C 554 12.74 -69.31 -16.06
CA GLU C 554 13.57 -69.12 -17.25
C GLU C 554 15.00 -68.52 -17.03
N LYS C 555 15.18 -67.71 -16.00
CA LYS C 555 16.46 -67.04 -15.73
C LYS C 555 17.24 -67.72 -14.63
N GLY C 556 16.68 -68.80 -14.10
CA GLY C 556 17.41 -69.69 -13.25
C GLY C 556 17.22 -69.50 -11.77
N VAL C 557 16.19 -68.78 -11.35
CA VAL C 557 15.91 -68.65 -9.89
C VAL C 557 15.45 -70.03 -9.38
N GLN C 558 16.13 -70.54 -8.33
CA GLN C 558 15.89 -71.88 -7.76
C GLN C 558 14.45 -72.03 -7.32
N PHE C 559 14.05 -71.20 -6.37
CA PHE C 559 12.74 -71.32 -5.73
C PHE C 559 11.75 -70.41 -6.53
N PRO C 560 10.44 -70.73 -6.55
CA PRO C 560 9.55 -69.77 -7.24
C PRO C 560 9.40 -68.46 -6.41
N PRO C 561 9.44 -67.29 -7.06
CA PRO C 561 9.39 -66.01 -6.35
C PRO C 561 8.08 -65.84 -5.55
N LEU C 562 8.14 -64.97 -4.56
CA LEU C 562 6.97 -64.31 -4.00
C LEU C 562 6.46 -63.40 -5.11
N SER C 563 5.21 -63.57 -5.45
CA SER C 563 4.51 -62.80 -6.47
C SER C 563 3.07 -62.60 -5.93
N THR C 564 2.75 -61.41 -5.47
CA THR C 564 1.52 -61.15 -4.72
C THR C 564 0.90 -59.79 -5.08
N CYS C 565 -0.38 -59.62 -4.85
CA CYS C 565 -0.98 -58.35 -5.15
C CYS C 565 -2.06 -57.98 -4.21
N ARG C 566 -2.36 -56.68 -4.25
CA ARG C 566 -3.54 -56.16 -3.59
C ARG C 566 -4.09 -55.01 -4.35
N VAL C 567 -5.38 -54.79 -4.21
CA VAL C 567 -6.06 -53.69 -4.81
C VAL C 567 -6.02 -52.60 -3.75
N THR C 568 -5.40 -51.48 -4.06
CA THR C 568 -5.23 -50.38 -3.06
C THR C 568 -6.15 -49.21 -3.22
N GLN C 569 -6.73 -49.00 -4.40
CA GLN C 569 -7.68 -47.88 -4.60
C GLN C 569 -8.74 -48.30 -5.59
N THR C 570 -9.92 -47.74 -5.42
CA THR C 570 -11.04 -47.99 -6.27
C THR C 570 -11.45 -46.65 -6.83
N TYR C 571 -11.95 -46.70 -8.04
CA TYR C 571 -12.51 -45.55 -8.75
C TYR C 571 -13.75 -45.96 -9.47
N ASP C 572 -14.47 -44.98 -9.99
CA ASP C 572 -15.63 -45.25 -10.82
C ASP C 572 -15.24 -46.22 -11.91
N ALA C 573 -14.17 -45.89 -12.62
CA ALA C 573 -13.78 -46.61 -13.83
C ALA C 573 -12.73 -47.69 -13.66
N GLY C 574 -12.33 -48.02 -12.43
CA GLY C 574 -11.36 -49.10 -12.25
C GLY C 574 -10.63 -49.04 -10.93
N ALA C 575 -9.46 -49.64 -10.87
CA ALA C 575 -8.69 -49.80 -9.66
C ALA C 575 -7.17 -49.65 -9.83
N CYS C 576 -6.54 -49.37 -8.69
CA CYS C 576 -5.11 -49.42 -8.58
C CYS C 576 -4.74 -50.75 -8.03
N ILE C 577 -3.85 -51.43 -8.72
CA ILE C 577 -3.34 -52.76 -8.28
C ILE C 577 -1.89 -52.61 -7.97
N TYR C 578 -1.52 -53.10 -6.80
CA TYR C 578 -0.21 -52.97 -6.29
C TYR C 578 0.35 -54.37 -6.11
N PHE C 579 1.51 -54.63 -6.75
CA PHE C 579 2.18 -55.94 -6.69
C PHE C 579 3.46 -55.86 -5.85
N TYR C 580 3.82 -56.97 -5.21
CA TYR C 580 5.17 -57.19 -4.69
C TYR C 580 5.76 -58.43 -5.37
N PHE C 581 7.05 -58.41 -5.59
CA PHE C 581 7.76 -59.48 -6.22
C PHE C 581 9.03 -59.58 -5.40
N ALA C 582 9.45 -60.80 -5.07
CA ALA C 582 10.69 -60.99 -4.36
C ALA C 582 11.19 -62.40 -4.61
N PHE C 583 12.49 -62.54 -4.60
CA PHE C 583 13.12 -63.80 -4.77
C PHE C 583 14.51 -63.92 -4.10
N ASN C 584 14.85 -65.17 -3.81
CA ASN C 584 16.17 -65.55 -3.32
C ASN C 584 17.15 -65.56 -4.47
N TYR C 585 18.16 -64.71 -4.40
CA TYR C 585 19.11 -64.59 -5.47
C TYR C 585 20.41 -65.34 -5.27
N ARG C 586 20.53 -66.12 -4.17
CA ARG C 586 21.75 -66.89 -3.85
C ARG C 586 22.20 -67.67 -5.10
N GLY C 587 23.42 -67.40 -5.56
CA GLY C 587 24.02 -68.10 -6.71
C GLY C 587 23.41 -67.87 -8.08
N ILE C 588 22.89 -66.66 -8.32
CA ILE C 588 22.57 -66.22 -9.67
C ILE C 588 23.77 -65.35 -10.06
N SER C 589 24.21 -65.47 -11.30
CA SER C 589 25.39 -64.75 -11.81
C SER C 589 25.22 -63.23 -11.65
N ASP C 590 24.10 -62.70 -12.16
CA ASP C 590 23.88 -61.25 -12.19
C ASP C 590 22.47 -60.96 -11.60
N PRO C 591 22.34 -60.95 -10.25
CA PRO C 591 20.98 -60.91 -9.69
C PRO C 591 20.21 -59.66 -10.06
N LEU C 592 20.92 -58.57 -10.33
CA LEU C 592 20.25 -57.31 -10.67
C LEU C 592 19.68 -57.28 -12.07
N ALA C 593 20.44 -57.82 -13.03
CA ALA C 593 19.93 -57.92 -14.40
C ALA C 593 18.75 -58.89 -14.43
N VAL C 594 18.76 -59.88 -13.56
CA VAL C 594 17.61 -60.78 -13.46
C VAL C 594 16.39 -60.03 -12.88
N PHE C 595 16.62 -59.22 -11.86
CA PHE C 595 15.58 -58.35 -11.32
C PHE C 595 15.03 -57.37 -12.36
N GLU C 596 15.88 -56.61 -13.02
CA GLU C 596 15.42 -55.58 -13.97
C GLU C 596 14.70 -56.16 -15.21
N GLN C 597 15.16 -57.31 -15.67
CA GLN C 597 14.49 -57.96 -16.76
C GLN C 597 13.09 -58.39 -16.37
N THR C 598 12.97 -58.97 -15.20
CA THR C 598 11.68 -59.47 -14.75
C THR C 598 10.70 -58.32 -14.53
N GLU C 599 11.19 -57.24 -13.94
CA GLU C 599 10.40 -56.05 -13.69
C GLU C 599 9.86 -55.46 -14.99
N ALA C 600 10.72 -55.33 -16.01
CA ALA C 600 10.34 -54.88 -17.35
C ALA C 600 9.32 -55.80 -18.01
N ALA C 601 9.57 -57.09 -17.89
CA ALA C 601 8.67 -58.08 -18.39
C ALA C 601 7.28 -57.96 -17.72
N ALA C 602 7.23 -57.74 -16.41
CA ALA C 602 5.95 -57.53 -15.69
C ALA C 602 5.23 -56.30 -16.20
N ARG C 603 6.00 -55.27 -16.52
CA ARG C 603 5.44 -54.09 -17.08
C ARG C 603 4.88 -54.36 -18.45
N GLU C 604 5.60 -55.09 -19.31
CA GLU C 604 5.00 -55.51 -20.61
C GLU C 604 3.66 -56.23 -20.44
N GLU C 605 3.62 -57.16 -19.52
CA GLU C 605 2.40 -57.90 -19.16
C GLU C 605 1.28 -57.03 -18.63
N ILE C 606 1.61 -56.09 -17.77
CA ILE C 606 0.60 -55.13 -17.28
C ILE C 606 -0.04 -54.42 -18.45
N LEU C 607 0.80 -53.90 -19.32
CA LEU C 607 0.27 -53.12 -20.43
C LEU C 607 -0.56 -53.99 -21.42
N ALA C 608 -0.15 -55.26 -21.61
CA ALA C 608 -0.88 -56.16 -22.51
C ALA C 608 -2.23 -56.58 -21.97
N ASN C 609 -2.41 -56.45 -20.65
CA ASN C 609 -3.62 -56.84 -19.96
C ASN C 609 -4.48 -55.66 -19.56
N GLY C 610 -4.27 -54.52 -20.21
CA GLY C 610 -5.13 -53.33 -20.11
C GLY C 610 -4.76 -52.32 -19.04
N GLY C 611 -3.64 -52.56 -18.35
CA GLY C 611 -3.18 -51.68 -17.29
C GLY C 611 -2.36 -50.50 -17.76
N SER C 612 -2.31 -49.46 -16.93
CA SER C 612 -1.60 -48.28 -17.24
C SER C 612 -0.10 -48.39 -16.88
N LEU C 613 0.68 -47.50 -17.50
CA LEU C 613 2.10 -47.39 -17.30
C LEU C 613 2.49 -47.09 -15.85
N SER C 614 1.71 -46.24 -15.21
CA SER C 614 1.77 -45.98 -13.78
C SER C 614 0.47 -45.39 -13.23
N HIS C 615 0.06 -45.82 -12.03
CA HIS C 615 -1.00 -45.17 -11.29
C HIS C 615 -0.49 -43.94 -10.52
N HIS C 616 0.60 -44.13 -9.79
CA HIS C 616 1.16 -43.08 -8.98
C HIS C 616 2.65 -42.93 -8.91
N HIS C 617 3.44 -43.99 -9.12
CA HIS C 617 4.87 -43.83 -9.04
C HIS C 617 5.46 -42.86 -10.06
N GLY C 618 4.83 -42.75 -11.22
CA GLY C 618 5.36 -41.92 -12.30
C GLY C 618 6.28 -42.66 -13.25
N VAL C 619 6.91 -41.90 -14.13
CA VAL C 619 7.69 -42.40 -15.22
C VAL C 619 9.18 -42.31 -14.96
N GLY C 620 9.62 -41.14 -14.53
CA GLY C 620 11.01 -40.81 -14.27
C GLY C 620 11.86 -41.17 -15.48
N LYS C 621 12.96 -41.88 -15.23
CA LYS C 621 13.74 -42.51 -16.31
C LYS C 621 13.47 -44.01 -16.40
N LEU C 622 12.69 -44.58 -15.49
CA LEU C 622 12.48 -46.01 -15.49
C LEU C 622 11.51 -46.47 -16.55
N ARG C 623 10.46 -45.68 -16.82
CA ARG C 623 9.43 -46.07 -17.76
C ARG C 623 9.37 -45.21 -19.03
N LYS C 624 10.43 -44.48 -19.29
CA LYS C 624 10.51 -43.57 -20.44
C LYS C 624 10.24 -44.24 -21.74
N GLN C 625 10.72 -45.47 -21.88
CA GLN C 625 10.60 -46.13 -23.19
C GLN C 625 9.18 -46.46 -23.65
N TRP C 626 8.21 -46.51 -22.72
CA TRP C 626 6.79 -46.73 -23.03
C TRP C 626 5.97 -45.43 -23.13
N LEU C 627 6.53 -44.28 -22.78
CA LEU C 627 5.70 -43.09 -22.65
C LEU C 627 5.01 -42.70 -23.96
N LYS C 628 5.79 -42.67 -25.03
CA LYS C 628 5.29 -42.22 -26.30
C LYS C 628 4.10 -43.03 -26.74
N GLU C 629 4.17 -44.34 -26.54
CA GLU C 629 3.04 -45.20 -26.83
C GLU C 629 1.84 -44.92 -25.91
N SER C 630 2.10 -44.68 -24.64
CA SER C 630 1.01 -44.40 -23.70
C SER C 630 0.23 -43.13 -24.00
N ILE C 631 0.93 -42.07 -24.44
CA ILE C 631 0.28 -40.75 -24.63
C ILE C 631 0.17 -40.26 -26.08
N SER C 632 0.64 -41.10 -27.00
CA SER C 632 0.71 -40.89 -28.46
C SER C 632 1.90 -40.01 -28.83
N ASP C 633 2.34 -40.10 -30.08
CA ASP C 633 3.43 -39.25 -30.61
C ASP C 633 3.16 -37.77 -30.49
N VAL C 634 1.95 -37.35 -30.87
CA VAL C 634 1.64 -35.92 -30.79
C VAL C 634 1.62 -35.45 -29.34
N GLY C 635 1.02 -36.26 -28.47
CA GLY C 635 1.06 -36.02 -27.03
C GLY C 635 2.44 -35.80 -26.48
N PHE C 636 3.30 -36.76 -26.75
CA PHE C 636 4.72 -36.68 -26.48
C PHE C 636 5.35 -35.40 -26.99
N GLY C 637 5.02 -35.09 -28.26
CA GLY C 637 5.59 -33.87 -28.88
C GLY C 637 5.05 -32.61 -28.27
N MET C 638 3.82 -32.66 -27.71
CA MET C 638 3.30 -31.51 -26.99
C MET C 638 4.10 -31.30 -25.71
N LEU C 639 4.41 -32.37 -25.00
CA LEU C 639 5.23 -32.23 -23.79
C LEU C 639 6.60 -31.64 -24.17
N LYS C 640 7.20 -32.15 -25.21
CA LYS C 640 8.52 -31.62 -25.72
C LYS C 640 8.44 -30.15 -26.08
N SER C 641 7.36 -29.71 -26.70
CA SER C 641 7.22 -28.28 -27.07
CA SER C 641 7.24 -28.29 -27.07
C SER C 641 7.20 -27.41 -25.84
N VAL C 642 6.55 -27.89 -24.78
CA VAL C 642 6.50 -27.16 -23.52
C VAL C 642 7.89 -27.06 -22.88
N LYS C 643 8.59 -28.14 -22.84
CA LYS C 643 9.92 -28.17 -22.29
C LYS C 643 10.87 -27.21 -23.08
N ASP C 644 10.79 -27.25 -24.41
CA ASP C 644 11.71 -26.42 -25.23
C ASP C 644 11.48 -24.95 -25.09
N TYR C 645 10.25 -24.55 -24.80
CA TYR C 645 9.96 -23.13 -24.57
C TYR C 645 10.35 -22.70 -23.15
N VAL C 646 10.00 -23.51 -22.16
CA VAL C 646 10.17 -23.10 -20.80
C VAL C 646 11.64 -23.16 -20.38
N ASP C 647 12.31 -24.16 -20.91
CA ASP C 647 13.68 -24.45 -20.52
C ASP C 647 14.53 -24.74 -21.77
N PRO C 648 14.71 -23.75 -22.62
CA PRO C 648 15.40 -23.99 -23.90
C PRO C 648 16.89 -24.32 -23.78
N THR C 649 17.50 -24.09 -22.62
CA THR C 649 18.92 -24.44 -22.42
C THR C 649 19.05 -25.63 -21.49
N ASN C 650 17.90 -26.26 -21.17
CA ASN C 650 17.83 -27.46 -20.41
C ASN C 650 18.56 -27.38 -19.09
N ILE C 651 18.37 -26.30 -18.34
CA ILE C 651 18.79 -26.28 -16.95
C ILE C 651 18.16 -27.47 -16.13
N PHE C 652 16.90 -27.76 -16.35
CA PHE C 652 16.24 -28.81 -15.63
C PHE C 652 16.46 -30.13 -16.32
N GLY C 653 17.72 -30.60 -16.15
CA GLY C 653 18.25 -31.66 -16.99
C GLY C 653 18.23 -33.04 -16.45
N ASN C 654 17.33 -33.37 -15.51
CA ASN C 654 17.27 -34.73 -15.03
C ASN C 654 16.89 -35.74 -16.13
N ARG C 655 16.34 -35.27 -17.26
CA ARG C 655 15.93 -36.09 -18.39
C ARG C 655 14.83 -37.11 -18.08
N ASN C 656 14.01 -36.88 -17.04
CA ASN C 656 12.79 -37.67 -16.87
C ASN C 656 11.81 -37.44 -18.01
N LEU C 657 10.99 -38.44 -18.27
CA LEU C 657 9.80 -38.37 -19.12
C LEU C 657 10.10 -38.52 -20.57
N LEU C 658 10.92 -37.61 -21.11
CA LEU C 658 11.22 -37.50 -22.52
C LEU C 658 12.61 -37.96 -22.87
N GLY D 81 -33.47 -35.50 -31.44
CA GLY D 81 -32.32 -34.84 -30.71
C GLY D 81 -31.04 -34.55 -31.49
N ILE D 82 -30.90 -35.15 -32.68
CA ILE D 82 -29.81 -34.90 -33.62
C ILE D 82 -30.06 -33.51 -34.22
N ILE D 83 -29.03 -32.66 -34.27
CA ILE D 83 -29.13 -31.34 -34.92
C ILE D 83 -29.20 -31.62 -36.43
N PRO D 84 -30.28 -31.20 -37.15
CA PRO D 84 -30.35 -31.46 -38.62
C PRO D 84 -29.37 -30.59 -39.39
N LYS D 85 -28.99 -30.98 -40.60
CA LYS D 85 -28.01 -30.21 -41.37
C LYS D 85 -28.50 -28.79 -41.68
N LYS D 86 -29.78 -28.65 -42.00
CA LYS D 86 -30.38 -27.34 -42.24
C LYS D 86 -30.98 -26.91 -40.93
N ARG D 87 -30.14 -26.27 -40.13
CA ARG D 87 -30.47 -26.00 -38.75
C ARG D 87 -31.65 -25.08 -38.66
N GLN D 88 -31.71 -24.13 -39.58
CA GLN D 88 -32.81 -23.14 -39.71
C GLN D 88 -34.23 -23.69 -39.91
N GLU D 89 -34.38 -24.94 -40.34
CA GLU D 89 -35.69 -25.60 -40.33
C GLU D 89 -36.22 -25.93 -38.94
N LEU D 90 -35.34 -26.18 -37.99
CA LEU D 90 -35.79 -26.40 -36.63
C LEU D 90 -35.50 -25.22 -35.66
N MET D 91 -34.35 -24.55 -35.83
CA MET D 91 -33.79 -23.63 -34.80
C MET D 91 -33.83 -22.22 -35.32
N LYS D 92 -33.93 -21.22 -34.45
CA LYS D 92 -33.99 -19.83 -34.92
C LYS D 92 -32.63 -19.35 -35.50
N TRP D 93 -32.66 -18.71 -36.65
CA TRP D 93 -31.44 -18.30 -37.32
C TRP D 93 -30.97 -16.98 -36.63
N ASN D 94 -31.83 -16.31 -35.87
CA ASN D 94 -31.48 -15.02 -35.28
C ASN D 94 -31.80 -14.90 -33.79
N GLY D 95 -31.83 -16.02 -33.11
CA GLY D 95 -31.96 -16.01 -31.62
C GLY D 95 -31.83 -17.43 -31.03
N TRP D 96 -32.09 -17.60 -29.76
CA TRP D 96 -32.00 -18.91 -29.11
C TRP D 96 -33.12 -19.88 -29.42
N GLY D 97 -32.71 -21.13 -29.65
CA GLY D 97 -33.58 -22.28 -29.45
C GLY D 97 -34.50 -22.54 -30.64
N TYR D 98 -35.62 -23.17 -30.40
CA TYR D 98 -36.44 -23.77 -31.45
C TYR D 98 -37.38 -22.75 -32.09
N ASN D 99 -37.55 -22.85 -33.41
CA ASN D 99 -38.52 -22.00 -34.14
C ASN D 99 -39.92 -22.03 -33.46
N ASP D 100 -40.34 -23.18 -32.95
CA ASP D 100 -41.66 -23.31 -32.29
C ASP D 100 -41.86 -22.66 -30.93
N SER D 101 -40.80 -22.10 -30.35
CA SER D 101 -40.91 -21.52 -29.00
C SER D 101 -40.49 -20.05 -28.93
N LYS D 102 -41.48 -19.19 -28.67
CA LYS D 102 -41.25 -17.82 -28.49
C LYS D 102 -42.38 -17.19 -27.70
N PHE D 103 -41.99 -16.13 -27.01
CA PHE D 103 -42.90 -15.33 -26.23
C PHE D 103 -43.64 -14.38 -27.12
N PHE D 104 -44.92 -14.17 -26.84
CA PHE D 104 -45.84 -13.31 -27.59
C PHE D 104 -47.03 -12.87 -26.70
N LEU D 105 -47.60 -11.69 -26.98
CA LEU D 105 -48.85 -11.27 -26.33
C LEU D 105 -50.03 -11.99 -26.92
N ASN D 106 -50.85 -12.59 -26.07
CA ASN D 106 -51.99 -13.37 -26.54
C ASN D 106 -53.32 -12.57 -26.68
N LYS D 107 -54.39 -13.24 -27.13
CA LYS D 107 -55.72 -12.61 -27.32
C LYS D 107 -56.13 -11.81 -26.07
N LYS D 108 -55.88 -12.36 -24.88
CA LYS D 108 -56.23 -11.71 -23.60
C LYS D 108 -55.20 -10.66 -23.14
N GLY D 109 -54.30 -10.21 -24.03
CA GLY D 109 -53.22 -9.29 -23.69
C GLY D 109 -52.14 -9.71 -22.67
N GLN D 110 -51.85 -11.01 -22.56
CA GLN D 110 -50.80 -11.48 -21.62
C GLN D 110 -49.67 -12.23 -22.34
N LEU D 111 -48.47 -12.19 -21.76
CA LEU D 111 -47.32 -12.88 -22.32
C LEU D 111 -47.48 -14.39 -22.18
N GLU D 112 -47.10 -15.10 -23.23
CA GLU D 112 -47.22 -16.55 -23.32
C GLU D 112 -46.18 -17.07 -24.30
N LEU D 113 -45.77 -18.31 -24.12
CA LEU D 113 -44.81 -18.98 -24.94
C LEU D 113 -45.53 -19.93 -25.87
N THR D 114 -45.27 -19.85 -27.16
CA THR D 114 -45.87 -20.70 -28.13
C THR D 114 -45.37 -22.10 -27.93
N GLY D 115 -46.02 -23.04 -28.61
CA GLY D 115 -45.59 -24.44 -28.71
C GLY D 115 -45.96 -25.24 -27.49
N LYS D 116 -45.51 -26.50 -27.44
CA LYS D 116 -45.77 -27.38 -26.32
C LYS D 116 -44.47 -27.97 -25.72
N ARG D 117 -43.34 -27.33 -26.00
CA ARG D 117 -42.05 -27.95 -25.76
C ARG D 117 -41.63 -28.00 -24.30
N TYR D 118 -41.97 -26.98 -23.52
CA TYR D 118 -41.52 -26.79 -22.15
C TYR D 118 -42.69 -26.72 -21.17
N PRO D 119 -42.45 -27.02 -19.88
CA PRO D 119 -43.50 -26.93 -18.88
C PRO D 119 -44.33 -25.65 -18.93
N LEU D 120 -43.69 -24.55 -19.29
CA LEU D 120 -44.39 -23.28 -19.37
C LEU D 120 -45.01 -23.03 -20.75
N SER D 121 -44.75 -23.87 -21.74
CA SER D 121 -45.28 -23.65 -23.08
C SER D 121 -46.82 -23.57 -23.10
N GLY D 122 -47.32 -22.48 -23.70
CA GLY D 122 -48.75 -22.22 -23.78
C GLY D 122 -49.44 -21.97 -22.45
N VAL D 123 -48.72 -21.55 -21.43
CA VAL D 123 -49.31 -21.22 -20.14
C VAL D 123 -49.27 -19.71 -20.16
N ALA D 124 -50.38 -19.05 -19.95
CA ALA D 124 -50.32 -17.58 -19.97
C ALA D 124 -49.87 -17.15 -18.58
N LEU D 125 -49.20 -16.01 -18.53
CA LEU D 125 -48.47 -15.51 -17.36
C LEU D 125 -49.04 -14.16 -16.97
N PRO D 126 -50.14 -14.13 -16.20
CA PRO D 126 -50.90 -12.87 -15.95
C PRO D 126 -50.06 -11.71 -15.45
N THR D 127 -49.01 -11.99 -14.69
CA THR D 127 -48.27 -10.95 -14.01
C THR D 127 -46.97 -10.51 -14.68
N PHE D 128 -46.47 -11.28 -15.65
CA PHE D 128 -45.16 -11.05 -16.29
C PHE D 128 -45.07 -9.64 -16.81
N LYS D 129 -46.00 -9.28 -17.68
CA LYS D 129 -46.05 -7.95 -18.25
C LYS D 129 -45.90 -6.78 -17.24
N ASP D 130 -46.60 -6.82 -16.12
CA ASP D 130 -46.49 -5.75 -15.12
C ASP D 130 -45.09 -5.69 -14.56
N TRP D 131 -44.48 -6.87 -14.42
CA TRP D 131 -43.14 -6.97 -13.86
C TRP D 131 -42.17 -6.27 -14.82
N ILE D 132 -42.33 -6.50 -16.11
CA ILE D 132 -41.49 -5.87 -17.11
C ILE D 132 -41.62 -4.35 -17.08
N GLN D 133 -42.84 -3.89 -16.82
CA GLN D 133 -43.14 -2.46 -16.88
C GLN D 133 -42.62 -1.82 -15.63
N ASN D 134 -42.81 -2.45 -14.50
CA ASN D 134 -42.26 -1.92 -13.26
C ASN D 134 -40.76 -2.03 -13.15
N THR D 135 -40.15 -2.87 -13.97
CA THR D 135 -38.69 -3.09 -13.93
C THR D 135 -37.93 -2.25 -14.92
N PHE D 136 -38.40 -2.16 -16.15
CA PHE D 136 -37.73 -1.40 -17.19
C PHE D 136 -38.41 -0.08 -17.56
N GLY D 137 -39.57 0.19 -16.93
CA GLY D 137 -40.41 1.33 -17.28
C GLY D 137 -40.75 1.37 -18.76
N ILE D 138 -41.43 0.36 -19.27
CA ILE D 138 -41.93 0.40 -20.65
C ILE D 138 -43.34 -0.13 -20.67
N ASN D 139 -44.18 0.41 -21.57
CA ASN D 139 -45.58 -0.04 -21.73
C ASN D 139 -45.72 -1.27 -22.67
N LEU D 140 -44.65 -1.64 -23.38
CA LEU D 140 -44.70 -2.57 -24.53
C LEU D 140 -45.41 -2.02 -25.76
N ASP D 141 -45.56 -0.70 -25.86
CA ASP D 141 -46.31 -0.10 -26.97
C ASP D 141 -45.47 -0.08 -28.27
N HIS D 142 -44.14 -0.10 -28.16
CA HIS D 142 -43.21 0.06 -29.30
C HIS D 142 -42.38 -1.19 -29.40
N LYS D 143 -42.61 -1.97 -30.45
CA LYS D 143 -41.76 -3.05 -30.88
C LYS D 143 -40.60 -2.48 -31.70
N THR D 144 -39.48 -3.21 -31.71
CA THR D 144 -38.38 -3.02 -32.65
C THR D 144 -38.71 -3.84 -33.86
N THR D 145 -38.09 -3.54 -34.98
CA THR D 145 -38.23 -4.30 -36.18
C THR D 145 -36.87 -4.86 -36.56
N SER D 146 -36.84 -6.17 -36.70
CA SER D 146 -35.65 -6.88 -37.05
C SER D 146 -35.80 -7.70 -38.32
N LYS D 147 -34.66 -8.14 -38.81
CA LYS D 147 -34.62 -9.04 -39.95
C LYS D 147 -35.34 -10.35 -39.59
N ALA D 148 -36.18 -10.80 -40.51
CA ALA D 148 -36.92 -12.06 -40.32
C ALA D 148 -36.19 -13.19 -41.02
N SER D 149 -35.39 -12.89 -42.02
CA SER D 149 -34.50 -13.84 -42.62
C SER D 149 -33.22 -13.18 -42.91
N LEU D 150 -32.28 -14.02 -43.23
CA LEU D 150 -31.04 -13.63 -43.73
C LEU D 150 -31.28 -13.00 -45.09
N ASN D 151 -30.76 -11.81 -45.32
CA ASN D 151 -30.71 -11.35 -46.69
C ASN D 151 -29.44 -11.76 -47.44
N PRO D 152 -29.57 -12.68 -48.45
CA PRO D 152 -28.36 -13.16 -49.06
C PRO D 152 -27.59 -12.10 -49.81
N SER D 153 -28.19 -10.94 -50.08
CA SER D 153 -27.41 -9.83 -50.66
C SER D 153 -26.42 -9.26 -49.68
N ASP D 154 -26.68 -9.41 -48.38
CA ASP D 154 -25.80 -8.86 -47.33
C ASP D 154 -24.63 -9.78 -47.01
N THR D 155 -24.65 -11.02 -47.50
CA THR D 155 -23.68 -12.01 -47.03
C THR D 155 -22.49 -11.95 -47.97
N PRO D 156 -21.27 -12.07 -47.42
CA PRO D 156 -20.08 -12.16 -48.27
C PRO D 156 -20.15 -13.39 -49.19
N PRO D 157 -19.53 -13.35 -50.39
CA PRO D 157 -19.50 -14.55 -51.29
C PRO D 157 -18.56 -15.65 -50.76
N SER D 158 -18.83 -16.89 -51.14
CA SER D 158 -18.01 -18.05 -50.76
C SER D 158 -16.83 -18.10 -51.72
N ILE D 159 -15.61 -17.82 -51.23
CA ILE D 159 -14.37 -18.05 -52.02
C ILE D 159 -13.73 -19.38 -51.59
N VAL D 160 -13.50 -20.28 -52.57
CA VAL D 160 -13.08 -21.66 -52.36
C VAL D 160 -12.33 -22.20 -53.61
N ASN D 161 -11.12 -22.74 -53.41
CA ASN D 161 -10.24 -23.34 -54.47
C ASN D 161 -10.92 -24.50 -55.17
N GLU D 162 -10.93 -24.47 -56.50
CA GLU D 162 -11.55 -25.54 -57.32
C GLU D 162 -10.85 -26.90 -57.21
N ASP D 163 -9.53 -26.92 -57.04
CA ASP D 163 -8.81 -28.21 -56.89
C ASP D 163 -9.25 -28.90 -55.59
N PHE D 164 -9.27 -28.11 -54.52
CA PHE D 164 -9.82 -28.55 -53.22
C PHE D 164 -11.22 -29.12 -53.35
N LEU D 165 -12.10 -28.35 -53.96
CA LEU D 165 -13.49 -28.74 -54.11
C LEU D 165 -13.66 -30.03 -54.91
N HIS D 166 -12.88 -30.11 -55.99
CA HIS D 166 -12.74 -31.35 -56.74
C HIS D 166 -12.41 -32.52 -55.80
N GLU D 167 -11.38 -32.34 -54.97
CA GLU D 167 -10.98 -33.39 -54.01
C GLU D 167 -12.02 -33.70 -52.95
N LEU D 168 -12.72 -32.66 -52.48
CA LEU D 168 -13.76 -32.87 -51.47
C LEU D 168 -14.89 -33.74 -52.00
N LYS D 169 -15.27 -33.54 -53.26
CA LYS D 169 -16.32 -34.38 -53.92
C LYS D 169 -16.03 -35.86 -53.88
N LYS D 170 -14.78 -36.21 -54.09
CA LYS D 170 -14.38 -37.59 -54.11
C LYS D 170 -14.55 -38.26 -52.73
N THR D 171 -14.63 -37.47 -51.66
CA THR D 171 -14.78 -38.04 -50.32
C THR D 171 -16.23 -38.40 -49.95
N ASN D 172 -17.20 -37.93 -50.71
CA ASN D 172 -18.62 -38.07 -50.33
C ASN D 172 -19.01 -37.37 -49.04
N ILE D 173 -18.18 -36.43 -48.60
CA ILE D 173 -18.43 -35.78 -47.34
C ILE D 173 -19.38 -34.67 -47.70
N SER D 174 -20.51 -34.67 -47.05
CA SER D 174 -21.52 -33.72 -47.37
C SER D 174 -21.02 -32.26 -47.10
N TYR D 175 -21.41 -31.31 -47.95
CA TYR D 175 -20.99 -29.94 -47.78
C TYR D 175 -21.94 -28.92 -48.37
N SER D 176 -21.79 -27.66 -47.96
CA SER D 176 -22.60 -26.56 -48.51
C SER D 176 -21.85 -25.22 -48.59
N GLN D 177 -22.06 -24.53 -49.71
CA GLN D 177 -21.62 -23.16 -49.84
C GLN D 177 -22.78 -22.20 -49.69
N GLU D 178 -23.96 -22.70 -49.30
CA GLU D 178 -25.12 -21.83 -49.20
C GLU D 178 -24.97 -20.83 -48.08
N ALA D 179 -25.42 -19.61 -48.36
CA ALA D 179 -25.35 -18.50 -47.44
C ALA D 179 -26.02 -18.77 -46.10
N ASP D 180 -27.19 -19.36 -46.11
CA ASP D 180 -27.89 -19.60 -44.88
C ASP D 180 -27.17 -20.63 -43.96
N ASP D 181 -26.57 -21.65 -44.55
CA ASP D 181 -25.77 -22.60 -43.78
C ASP D 181 -24.49 -21.96 -43.17
N ARG D 182 -23.84 -21.08 -43.94
CA ARG D 182 -22.63 -20.42 -43.55
C ARG D 182 -22.86 -19.37 -42.47
N VAL D 183 -23.92 -18.60 -42.62
CA VAL D 183 -24.27 -17.61 -41.64
C VAL D 183 -24.67 -18.29 -40.32
N PHE D 184 -25.37 -19.41 -40.40
CA PHE D 184 -25.92 -20.02 -39.18
C PHE D 184 -24.76 -20.40 -38.23
N ARG D 185 -23.64 -20.76 -38.86
CA ARG D 185 -22.45 -21.23 -38.22
C ARG D 185 -21.38 -20.19 -38.03
N ALA D 186 -21.71 -18.92 -38.15
CA ALA D 186 -20.73 -17.85 -38.04
C ALA D 186 -20.71 -17.18 -36.70
N HIS D 187 -21.46 -17.72 -35.75
CA HIS D 187 -21.73 -17.01 -34.50
C HIS D 187 -22.19 -18.00 -33.45
N GLY D 188 -22.05 -17.57 -32.21
CA GLY D 188 -22.74 -18.17 -31.06
C GLY D 188 -23.84 -17.29 -30.49
N HIS D 189 -23.86 -17.17 -29.17
CA HIS D 189 -24.97 -16.50 -28.47
C HIS D 189 -24.60 -15.38 -27.57
N CYS D 190 -23.57 -14.64 -27.95
CA CYS D 190 -23.34 -13.33 -27.34
C CYS D 190 -24.33 -12.30 -27.94
N LEU D 191 -24.60 -11.22 -27.19
CA LEU D 191 -25.57 -10.24 -27.55
C LEU D 191 -25.17 -9.56 -28.85
N HIS D 192 -23.90 -9.22 -28.93
CA HIS D 192 -23.33 -8.59 -30.07
C HIS D 192 -23.70 -9.36 -31.34
N GLU D 193 -23.47 -10.66 -31.30
CA GLU D 193 -23.74 -11.53 -32.39
C GLU D 193 -25.22 -11.54 -32.77
N ILE D 194 -26.08 -11.65 -31.77
CA ILE D 194 -27.53 -11.73 -32.00
C ILE D 194 -28.03 -10.46 -32.60
N PHE D 195 -27.56 -9.35 -32.03
CA PHE D 195 -27.82 -8.04 -32.54
C PHE D 195 -27.41 -7.91 -34.01
N LEU D 196 -26.22 -8.38 -34.38
CA LEU D 196 -25.79 -8.39 -35.79
C LEU D 196 -26.68 -9.23 -36.72
N LEU D 197 -27.15 -10.39 -36.22
CA LEU D 197 -28.09 -11.19 -36.99
C LEU D 197 -29.38 -10.42 -37.26
N ARG D 198 -29.82 -9.63 -36.28
CA ARG D 198 -31.12 -8.97 -36.37
C ARG D 198 -31.09 -7.66 -37.16
N GLU D 199 -29.93 -7.05 -37.27
CA GLU D 199 -29.83 -5.68 -37.69
C GLU D 199 -28.72 -5.41 -38.68
N GLY D 200 -27.94 -6.40 -39.13
CA GLY D 200 -26.67 -6.13 -39.83
C GLY D 200 -26.09 -7.36 -40.44
N MET D 201 -24.75 -7.46 -40.43
CA MET D 201 -24.08 -8.65 -40.92
C MET D 201 -22.68 -8.76 -40.36
N PHE D 202 -22.17 -9.97 -40.37
CA PHE D 202 -20.85 -10.24 -39.88
C PHE D 202 -19.84 -9.81 -40.94
N GLU D 203 -18.66 -9.44 -40.50
CA GLU D 203 -17.58 -9.11 -41.44
C GLU D 203 -17.10 -10.33 -42.14
N ARG D 204 -17.10 -11.45 -41.47
CA ARG D 204 -16.54 -12.69 -42.04
C ARG D 204 -17.39 -13.87 -41.61
N ILE D 205 -17.66 -14.79 -42.54
CA ILE D 205 -18.45 -15.97 -42.27
C ILE D 205 -17.71 -17.09 -42.94
N PRO D 206 -17.94 -18.35 -42.51
CA PRO D 206 -17.31 -19.48 -43.16
C PRO D 206 -17.58 -19.50 -44.66
N ASP D 207 -16.63 -20.01 -45.44
CA ASP D 207 -16.76 -20.09 -46.91
C ASP D 207 -17.49 -21.35 -47.35
N ILE D 208 -17.31 -22.39 -46.56
CA ILE D 208 -17.92 -23.65 -46.81
C ILE D 208 -18.20 -24.40 -45.49
N VAL D 209 -19.27 -25.20 -45.47
CA VAL D 209 -19.67 -25.99 -44.32
C VAL D 209 -19.50 -27.46 -44.72
N LEU D 210 -18.77 -28.23 -43.90
CA LEU D 210 -18.61 -29.67 -44.07
C LEU D 210 -19.28 -30.41 -42.90
N TRP D 211 -19.89 -31.56 -43.21
CA TRP D 211 -20.52 -32.43 -42.22
C TRP D 211 -19.88 -33.82 -42.19
N PRO D 212 -18.66 -33.96 -41.61
CA PRO D 212 -18.15 -35.33 -41.38
C PRO D 212 -19.07 -36.17 -40.48
N THR D 213 -19.07 -37.47 -40.73
CA THR D 213 -19.91 -38.39 -39.99
C THR D 213 -19.09 -39.35 -39.12
N CYS D 214 -17.76 -39.25 -39.14
CA CYS D 214 -16.93 -40.11 -38.32
C CYS D 214 -15.53 -39.57 -38.22
N HIS D 215 -14.74 -40.20 -37.36
CA HIS D 215 -13.37 -39.82 -37.14
C HIS D 215 -12.56 -39.73 -38.44
N ASP D 216 -12.71 -40.73 -39.27
CA ASP D 216 -11.93 -40.81 -40.52
C ASP D 216 -12.23 -39.70 -41.49
N ASP D 217 -13.48 -39.26 -41.49
CA ASP D 217 -13.86 -38.08 -42.29
C ASP D 217 -13.08 -36.88 -41.82
N VAL D 218 -13.01 -36.73 -40.50
CA VAL D 218 -12.31 -35.57 -39.93
C VAL D 218 -10.83 -35.62 -40.27
N VAL D 219 -10.23 -36.83 -40.27
CA VAL D 219 -8.84 -36.97 -40.69
C VAL D 219 -8.67 -36.50 -42.15
N LYS D 220 -9.55 -36.93 -43.02
CA LYS D 220 -9.55 -36.45 -44.43
C LYS D 220 -9.65 -34.97 -44.58
N ILE D 221 -10.57 -34.39 -43.84
CA ILE D 221 -10.72 -32.93 -43.92
C ILE D 221 -9.48 -32.17 -43.48
N VAL D 222 -8.92 -32.58 -42.33
CA VAL D 222 -7.75 -31.88 -41.82
C VAL D 222 -6.55 -32.02 -42.79
N ASN D 223 -6.36 -33.20 -43.37
CA ASN D 223 -5.32 -33.43 -44.38
C ASN D 223 -5.52 -32.53 -45.62
N LEU D 224 -6.75 -32.44 -46.11
CA LEU D 224 -7.06 -31.44 -47.17
C LEU D 224 -6.73 -30.00 -46.78
N ALA D 225 -7.03 -29.65 -45.53
CA ALA D 225 -6.73 -28.29 -45.05
C ALA D 225 -5.23 -27.99 -45.07
N CYS D 226 -4.43 -28.99 -44.69
CA CYS D 226 -2.97 -28.89 -44.77
C CYS D 226 -2.52 -28.73 -46.23
N LYS D 227 -3.09 -29.54 -47.10
CA LYS D 227 -2.75 -29.51 -48.50
C LYS D 227 -3.12 -28.18 -49.20
N TYR D 228 -4.30 -27.65 -48.95
CA TYR D 228 -4.78 -26.44 -49.65
C TYR D 228 -4.75 -25.18 -48.82
N ASN D 229 -4.06 -25.21 -47.68
CA ASN D 229 -3.96 -24.04 -46.83
C ASN D 229 -5.32 -23.41 -46.44
N LEU D 230 -6.18 -24.22 -45.86
CA LEU D 230 -7.52 -23.82 -45.42
C LEU D 230 -7.51 -23.62 -43.92
N CYS D 231 -8.41 -22.78 -43.45
CA CYS D 231 -8.59 -22.54 -42.05
C CYS D 231 -9.81 -23.38 -41.63
N ILE D 232 -9.74 -24.07 -40.49
CA ILE D 232 -10.87 -24.80 -39.90
C ILE D 232 -11.33 -24.19 -38.58
N ILE D 233 -12.64 -23.95 -38.47
CA ILE D 233 -13.31 -23.58 -37.24
C ILE D 233 -14.35 -24.65 -36.94
N PRO D 234 -14.11 -25.46 -35.87
CA PRO D 234 -15.12 -26.45 -35.54
C PRO D 234 -16.32 -25.81 -34.95
N ILE D 235 -17.46 -26.44 -35.16
CA ILE D 235 -18.70 -26.05 -34.47
C ILE D 235 -19.45 -27.31 -34.09
N GLY D 236 -20.00 -27.34 -32.89
CA GLY D 236 -20.96 -28.35 -32.49
C GLY D 236 -22.33 -27.67 -32.41
N GLY D 237 -22.78 -27.42 -31.19
CA GLY D 237 -24.10 -26.85 -30.99
C GLY D 237 -24.24 -25.38 -31.30
N GLY D 238 -23.12 -24.69 -31.55
CA GLY D 238 -23.12 -23.22 -31.77
C GLY D 238 -23.62 -22.39 -30.61
N THR D 239 -23.42 -22.87 -29.38
CA THR D 239 -23.92 -22.22 -28.19
C THR D 239 -22.90 -21.39 -27.46
N SER D 240 -21.70 -21.18 -28.08
CA SER D 240 -20.63 -20.38 -27.46
C SER D 240 -21.13 -19.02 -27.03
N VAL D 241 -20.71 -18.60 -25.84
CA VAL D 241 -20.99 -17.26 -25.37
C VAL D 241 -19.69 -16.54 -25.14
N SER D 242 -18.69 -16.74 -26.00
CA SER D 242 -17.36 -16.10 -25.80
C SER D 242 -16.72 -15.59 -27.09
N TYR D 243 -17.51 -15.47 -28.14
CA TYR D 243 -17.02 -15.21 -29.51
C TYR D 243 -16.11 -16.30 -30.01
N GLY D 244 -16.30 -17.51 -29.50
CA GLY D 244 -15.44 -18.60 -29.90
C GLY D 244 -15.65 -19.08 -31.34
N LEU D 245 -16.75 -18.68 -31.99
CA LEU D 245 -17.02 -19.16 -33.33
C LEU D 245 -16.84 -18.09 -34.37
N MET D 246 -16.73 -16.84 -33.95
CA MET D 246 -16.56 -15.72 -34.82
C MET D 246 -15.31 -15.86 -35.72
N CYS D 247 -15.54 -15.70 -37.00
CA CYS D 247 -14.47 -15.74 -37.98
C CYS D 247 -13.63 -14.44 -37.95
N PRO D 248 -12.32 -14.56 -37.79
CA PRO D 248 -11.54 -13.29 -37.78
C PRO D 248 -11.67 -12.51 -39.11
N ALA D 249 -11.91 -11.22 -39.00
CA ALA D 249 -12.28 -10.43 -40.16
C ALA D 249 -11.18 -10.43 -41.21
N ASP D 250 -9.92 -10.47 -40.79
CA ASP D 250 -8.80 -10.43 -41.76
C ASP D 250 -8.24 -11.81 -42.16
N GLU D 251 -8.92 -12.88 -41.75
CA GLU D 251 -8.55 -14.18 -42.22
C GLU D 251 -8.84 -14.26 -43.72
N THR D 252 -7.78 -14.29 -44.52
CA THR D 252 -7.92 -14.33 -45.97
C THR D 252 -7.98 -15.75 -46.54
N ARG D 253 -7.66 -16.79 -45.78
CA ARG D 253 -7.79 -18.16 -46.31
C ARG D 253 -9.26 -18.53 -46.36
N THR D 254 -9.58 -19.58 -47.13
CA THR D 254 -10.88 -20.21 -47.11
C THR D 254 -11.14 -20.82 -45.70
N ILE D 255 -12.29 -20.51 -45.12
CA ILE D 255 -12.64 -20.98 -43.80
C ILE D 255 -13.66 -22.07 -43.96
N ILE D 256 -13.32 -23.24 -43.43
CA ILE D 256 -14.22 -24.38 -43.28
C ILE D 256 -14.88 -24.35 -41.93
N SER D 257 -16.21 -24.34 -41.91
CA SER D 257 -16.99 -24.67 -40.70
C SER D 257 -17.10 -26.17 -40.67
N LEU D 258 -16.37 -26.78 -39.74
CA LEU D 258 -16.38 -28.21 -39.61
C LEU D 258 -17.41 -28.55 -38.55
N ASP D 259 -18.58 -28.94 -39.03
CA ASP D 259 -19.78 -29.13 -38.22
C ASP D 259 -19.74 -30.57 -37.77
N THR D 260 -19.84 -30.79 -36.46
CA THR D 260 -19.79 -32.12 -35.89
C THR D 260 -21.13 -32.77 -35.65
N SER D 261 -22.22 -32.09 -35.98
CA SER D 261 -23.57 -32.54 -35.61
C SER D 261 -23.97 -33.89 -36.18
N GLN D 262 -23.38 -34.29 -37.32
CA GLN D 262 -23.66 -35.64 -37.90
C GLN D 262 -22.71 -36.74 -37.47
N MET D 263 -21.87 -36.49 -36.46
CA MET D 263 -20.91 -37.46 -35.91
C MET D 263 -21.37 -37.59 -34.46
N ASN D 264 -22.39 -38.39 -34.28
CA ASN D 264 -23.29 -38.24 -33.14
C ASN D 264 -23.75 -39.51 -32.49
N ARG D 265 -23.06 -40.62 -32.72
CA ARG D 265 -23.41 -41.88 -32.13
C ARG D 265 -22.82 -42.13 -30.77
N ILE D 266 -23.61 -42.82 -29.93
CA ILE D 266 -23.05 -43.62 -28.86
C ILE D 266 -22.39 -44.83 -29.55
N LEU D 267 -21.09 -44.93 -29.50
CA LEU D 267 -20.41 -46.05 -30.11
C LEU D 267 -20.59 -47.30 -29.30
N TRP D 268 -20.36 -47.22 -28.01
CA TRP D 268 -20.86 -48.22 -27.07
C TRP D 268 -20.97 -47.76 -25.63
N VAL D 269 -21.75 -48.51 -24.87
CA VAL D 269 -21.84 -48.38 -23.42
C VAL D 269 -21.06 -49.57 -22.84
N ASP D 270 -20.16 -49.28 -21.93
CA ASP D 270 -19.50 -50.27 -21.10
C ASP D 270 -20.12 -50.36 -19.70
N GLU D 271 -21.04 -51.29 -19.56
CA GLU D 271 -21.78 -51.44 -18.32
C GLU D 271 -20.92 -51.91 -17.15
N ASN D 272 -19.80 -52.59 -17.43
CA ASN D 272 -18.87 -53.05 -16.40
C ASN D 272 -18.05 -51.93 -15.81
N ASN D 273 -17.51 -51.08 -16.67
CA ASN D 273 -16.75 -49.91 -16.25
C ASN D 273 -17.54 -48.63 -16.00
N LEU D 274 -18.82 -48.63 -16.35
CA LEU D 274 -19.68 -47.44 -16.27
C LEU D 274 -19.07 -46.25 -17.04
N THR D 275 -18.77 -46.52 -18.29
CA THR D 275 -18.44 -45.48 -19.22
C THR D 275 -19.20 -45.65 -20.52
N ALA D 276 -19.36 -44.54 -21.22
CA ALA D 276 -19.91 -44.52 -22.57
C ALA D 276 -18.88 -43.93 -23.52
N HIS D 277 -18.63 -44.62 -24.63
CA HIS D 277 -17.74 -44.17 -25.70
C HIS D 277 -18.62 -43.50 -26.81
N VAL D 278 -18.44 -42.20 -27.04
CA VAL D 278 -19.32 -41.46 -27.88
C VAL D 278 -18.58 -40.59 -28.88
N GLU D 279 -19.25 -40.27 -29.98
CA GLU D 279 -18.74 -39.32 -30.97
C GLU D 279 -19.04 -37.93 -30.44
N ALA D 280 -18.19 -37.00 -30.78
CA ALA D 280 -18.17 -35.71 -30.12
C ALA D 280 -19.34 -34.79 -30.49
N GLY D 281 -20.05 -35.11 -31.56
CA GLY D 281 -21.14 -34.25 -32.02
C GLY D 281 -22.46 -34.53 -31.40
N ILE D 282 -22.56 -35.53 -30.54
CA ILE D 282 -23.81 -35.82 -29.86
C ILE D 282 -24.20 -34.72 -28.89
N THR D 283 -25.48 -34.37 -28.86
CA THR D 283 -25.94 -33.31 -28.02
C THR D 283 -26.27 -33.91 -26.65
N GLY D 284 -26.31 -33.06 -25.65
CA GLY D 284 -26.67 -33.43 -24.30
C GLY D 284 -28.00 -34.10 -24.20
N GLN D 285 -29.02 -33.57 -24.87
CA GLN D 285 -30.34 -34.18 -24.74
C GLN D 285 -30.41 -35.53 -25.46
N GLU D 286 -29.69 -35.71 -26.56
CA GLU D 286 -29.71 -37.00 -27.22
C GLU D 286 -28.87 -38.03 -26.46
N LEU D 287 -27.77 -37.59 -25.87
CA LEU D 287 -26.94 -38.50 -25.08
C LEU D 287 -27.72 -39.02 -23.89
N GLU D 288 -28.35 -38.13 -23.13
CA GLU D 288 -29.13 -38.56 -21.96
C GLU D 288 -30.34 -39.36 -22.39
N ARG D 289 -31.02 -38.97 -23.45
CA ARG D 289 -32.14 -39.78 -23.96
C ARG D 289 -31.77 -41.23 -24.30
N GLN D 290 -30.73 -41.44 -25.10
CA GLN D 290 -30.32 -42.81 -25.45
C GLN D 290 -29.83 -43.61 -24.25
N LEU D 291 -28.98 -43.02 -23.39
CA LEU D 291 -28.46 -43.72 -22.23
C LEU D 291 -29.57 -44.15 -21.30
N LYS D 292 -30.57 -43.29 -21.15
CA LYS D 292 -31.69 -43.55 -20.30
C LYS D 292 -32.51 -44.77 -20.73
N GLU D 293 -32.55 -45.06 -22.02
CA GLU D 293 -33.15 -46.32 -22.51
C GLU D 293 -32.43 -47.56 -22.01
N SER D 294 -31.12 -47.48 -21.70
CA SER D 294 -30.43 -48.61 -21.05
C SER D 294 -30.42 -48.56 -19.55
N GLY D 295 -31.03 -47.54 -18.93
CA GLY D 295 -30.97 -47.36 -17.46
C GLY D 295 -29.83 -46.47 -16.94
N TYR D 296 -29.20 -45.69 -17.82
CA TYR D 296 -28.02 -44.88 -17.44
C TYR D 296 -28.15 -43.39 -17.75
N CYS D 297 -27.30 -42.61 -17.12
CA CYS D 297 -27.18 -41.18 -17.43
C CYS D 297 -25.75 -40.71 -17.23
N THR D 298 -25.40 -39.56 -17.77
CA THR D 298 -24.13 -38.89 -17.38
C THR D 298 -24.40 -37.95 -16.19
N GLY D 299 -25.57 -37.36 -16.16
CA GLY D 299 -25.86 -36.33 -15.25
C GLY D 299 -25.24 -34.98 -15.51
N HIS D 300 -24.57 -34.79 -16.65
CA HIS D 300 -24.00 -33.52 -17.08
C HIS D 300 -25.10 -32.71 -17.72
N GLU D 301 -25.51 -31.64 -17.07
CA GLU D 301 -26.69 -30.90 -17.53
C GLU D 301 -26.41 -29.44 -17.58
N PRO D 302 -25.67 -28.97 -18.62
CA PRO D 302 -25.55 -27.53 -18.85
C PRO D 302 -26.87 -27.00 -19.31
N ASP D 303 -27.14 -25.75 -19.07
CA ASP D 303 -28.40 -25.16 -19.51
C ASP D 303 -28.58 -25.20 -21.03
N SER D 304 -27.49 -25.33 -21.80
CA SER D 304 -27.52 -25.42 -23.24
C SER D 304 -27.64 -26.85 -23.77
N LEU D 305 -27.99 -27.82 -22.92
CA LEU D 305 -27.90 -29.25 -23.32
C LEU D 305 -28.74 -29.65 -24.53
N GLU D 306 -29.77 -28.87 -24.87
CA GLU D 306 -30.56 -29.19 -26.02
C GLU D 306 -29.72 -29.17 -27.28
N PHE D 307 -28.71 -28.29 -27.33
CA PHE D 307 -27.79 -28.18 -28.51
C PHE D 307 -26.32 -28.43 -28.26
N SER D 308 -25.83 -28.11 -27.06
CA SER D 308 -24.37 -28.25 -26.82
C SER D 308 -23.98 -29.72 -26.86
N THR D 309 -22.75 -29.94 -27.29
CA THR D 309 -22.23 -31.26 -27.64
C THR D 309 -21.05 -31.62 -26.71
N VAL D 310 -20.73 -32.91 -26.69
CA VAL D 310 -19.58 -33.48 -25.99
C VAL D 310 -18.26 -32.78 -26.34
N GLY D 311 -18.04 -32.62 -27.64
CA GLY D 311 -16.83 -31.95 -28.13
C GLY D 311 -16.79 -30.50 -27.70
N GLY D 312 -17.95 -29.83 -27.74
CA GLY D 312 -18.03 -28.47 -27.20
C GLY D 312 -17.72 -28.41 -25.71
N TRP D 313 -18.31 -29.31 -24.93
CA TRP D 313 -18.10 -29.29 -23.49
C TRP D 313 -16.63 -29.42 -23.14
N ILE D 314 -15.97 -30.39 -23.72
CA ILE D 314 -14.53 -30.59 -23.48
C ILE D 314 -13.71 -29.33 -23.94
N SER D 315 -14.07 -28.79 -25.08
CA SER D 315 -13.40 -27.58 -25.62
C SER D 315 -13.49 -26.35 -24.76
N THR D 316 -14.64 -26.16 -24.09
CA THR D 316 -14.88 -24.99 -23.28
C THR D 316 -14.90 -25.21 -21.76
N ARG D 317 -14.62 -26.42 -21.30
CA ARG D 317 -14.62 -26.78 -19.88
C ARG D 317 -15.99 -26.49 -19.25
N ALA D 318 -17.00 -27.13 -19.84
CA ALA D 318 -18.37 -26.89 -19.47
C ALA D 318 -18.67 -27.43 -18.10
N SER D 319 -19.62 -26.79 -17.46
CA SER D 319 -20.06 -27.12 -16.14
C SER D 319 -21.56 -27.33 -16.24
N GLY D 320 -22.09 -28.26 -15.45
CA GLY D 320 -23.49 -28.59 -15.46
C GLY D 320 -24.12 -28.44 -14.09
N MET D 321 -25.44 -28.37 -14.10
CA MET D 321 -26.24 -28.08 -12.93
C MET D 321 -26.06 -29.06 -11.75
N LYS D 322 -25.79 -30.32 -12.06
CA LYS D 322 -25.64 -31.36 -11.05
C LYS D 322 -24.22 -31.81 -10.82
N LYS D 323 -23.28 -30.90 -10.96
CA LYS D 323 -21.86 -31.30 -10.89
C LYS D 323 -21.54 -31.83 -9.52
N ASN D 324 -22.31 -31.41 -8.52
CA ASN D 324 -22.04 -31.85 -7.13
C ASN D 324 -22.04 -33.33 -6.98
N ILE D 325 -22.80 -34.03 -7.82
CA ILE D 325 -22.90 -35.48 -7.84
C ILE D 325 -22.11 -36.08 -8.99
N TYR D 326 -22.12 -35.49 -10.17
CA TYR D 326 -21.56 -36.18 -11.33
C TYR D 326 -20.26 -35.62 -11.75
N GLY D 327 -19.87 -34.43 -11.23
CA GLY D 327 -18.62 -33.80 -11.64
C GLY D 327 -18.85 -32.83 -12.79
N ASN D 328 -17.87 -31.94 -13.02
CA ASN D 328 -17.85 -31.09 -14.22
C ASN D 328 -17.17 -31.91 -15.29
N ILE D 329 -17.03 -31.34 -16.51
CA ILE D 329 -16.53 -32.10 -17.61
C ILE D 329 -15.17 -32.76 -17.35
N GLU D 330 -14.28 -32.08 -16.64
CA GLU D 330 -12.94 -32.62 -16.32
C GLU D 330 -12.94 -33.85 -15.39
N ASP D 331 -13.99 -34.02 -14.63
CA ASP D 331 -14.19 -35.16 -13.78
C ASP D 331 -14.87 -36.29 -14.57
N LEU D 332 -15.63 -35.97 -15.62
CA LEU D 332 -16.39 -36.95 -16.40
C LEU D 332 -15.68 -37.65 -17.54
N VAL D 333 -14.80 -36.94 -18.23
CA VAL D 333 -14.07 -37.48 -19.37
C VAL D 333 -12.89 -38.36 -18.92
N VAL D 334 -12.89 -39.60 -19.37
CA VAL D 334 -11.87 -40.62 -19.07
C VAL D 334 -10.92 -40.77 -20.24
N HIS D 335 -11.32 -40.37 -21.46
CA HIS D 335 -10.56 -40.62 -22.65
C HIS D 335 -11.07 -39.77 -23.80
N MET D 336 -10.19 -39.48 -24.73
CA MET D 336 -10.57 -38.73 -25.92
C MET D 336 -9.63 -38.97 -27.05
N LYS D 337 -10.13 -38.62 -28.24
CA LYS D 337 -9.41 -38.76 -29.47
C LYS D 337 -9.51 -37.45 -30.21
N VAL D 338 -8.35 -36.94 -30.61
CA VAL D 338 -8.24 -35.61 -31.20
C VAL D 338 -7.44 -35.63 -32.47
N VAL D 339 -8.01 -35.03 -33.51
CA VAL D 339 -7.32 -34.90 -34.81
C VAL D 339 -6.72 -33.54 -34.90
N THR D 340 -5.41 -33.49 -35.03
CA THR D 340 -4.69 -32.25 -35.17
C THR D 340 -3.96 -32.34 -36.51
N PRO D 341 -3.43 -31.20 -36.97
CA PRO D 341 -2.58 -31.21 -38.19
C PRO D 341 -1.33 -32.05 -38.05
N ARG D 342 -0.82 -32.22 -36.81
CA ARG D 342 0.34 -33.03 -36.56
C ARG D 342 0.02 -34.53 -36.55
N GLY D 343 -1.25 -34.91 -36.34
CA GLY D 343 -1.69 -36.28 -36.23
C GLY D 343 -2.71 -36.43 -35.09
N VAL D 344 -2.95 -37.67 -34.72
CA VAL D 344 -4.02 -38.01 -33.79
C VAL D 344 -3.52 -38.13 -32.36
N ILE D 345 -4.18 -37.41 -31.45
CA ILE D 345 -3.90 -37.56 -30.02
C ILE D 345 -4.89 -38.51 -29.38
N GLU D 346 -4.34 -39.49 -28.68
CA GLU D 346 -5.13 -40.51 -28.00
C GLU D 346 -4.22 -41.32 -27.07
N LYS D 347 -4.58 -41.45 -25.79
CA LYS D 347 -3.82 -42.30 -24.84
C LYS D 347 -4.10 -43.76 -25.16
N SER D 348 -3.17 -44.64 -24.82
CA SER D 348 -3.25 -46.07 -25.20
C SER D 348 -4.15 -46.90 -24.30
N CYS D 349 -4.47 -46.41 -23.11
CA CYS D 349 -5.34 -47.18 -22.21
C CYS D 349 -6.37 -46.30 -21.45
N GLN D 350 -7.31 -46.99 -20.82
CA GLN D 350 -8.45 -46.41 -20.14
C GLN D 350 -8.43 -46.62 -18.62
N GLY D 351 -7.21 -46.77 -18.08
CA GLY D 351 -6.97 -46.75 -16.61
C GLY D 351 -7.68 -45.57 -15.98
N PRO D 352 -8.30 -45.75 -14.78
CA PRO D 352 -9.05 -44.66 -14.22
C PRO D 352 -8.18 -43.49 -13.76
N ARG D 353 -6.91 -43.72 -13.46
CA ARG D 353 -6.11 -42.59 -12.95
C ARG D 353 -4.69 -42.98 -13.14
N MET D 354 -3.89 -42.07 -13.68
CA MET D 354 -2.50 -42.36 -14.06
C MET D 354 -1.55 -41.35 -13.49
N SER D 355 -0.28 -41.74 -13.42
CA SER D 355 0.83 -40.81 -13.28
C SER D 355 1.80 -41.08 -14.43
N THR D 356 1.54 -40.46 -15.58
CA THR D 356 2.40 -40.61 -16.73
C THR D 356 2.79 -39.27 -17.31
N GLY D 357 3.26 -38.39 -16.43
CA GLY D 357 3.60 -37.08 -16.85
C GLY D 357 2.45 -36.08 -16.78
N PRO D 358 2.68 -34.87 -17.28
CA PRO D 358 1.59 -33.87 -17.35
C PRO D 358 0.40 -34.42 -18.12
N ASP D 359 -0.80 -34.28 -17.56
CA ASP D 359 -1.97 -34.90 -18.17
C ASP D 359 -2.41 -34.16 -19.47
N ILE D 360 -2.17 -34.79 -20.61
CA ILE D 360 -2.42 -34.11 -21.88
C ILE D 360 -3.88 -33.95 -22.24
N HIS D 361 -4.75 -34.66 -21.54
CA HIS D 361 -6.19 -34.38 -21.63
C HIS D 361 -6.47 -32.95 -21.28
N HIS D 362 -5.73 -32.42 -20.31
CA HIS D 362 -5.83 -30.99 -19.92
C HIS D 362 -5.14 -30.02 -20.86
N PHE D 363 -4.38 -30.50 -21.82
CA PHE D 363 -3.90 -29.63 -22.87
C PHE D 363 -5.03 -29.39 -23.89
N ILE D 364 -5.93 -30.36 -24.03
CA ILE D 364 -7.06 -30.25 -24.95
C ILE D 364 -8.31 -29.65 -24.36
N MET D 365 -8.66 -30.01 -23.10
CA MET D 365 -9.75 -29.41 -22.43
C MET D 365 -9.53 -27.97 -22.22
N GLY D 366 -10.48 -27.16 -22.63
CA GLY D 366 -10.38 -25.73 -22.59
C GLY D 366 -9.63 -25.15 -23.83
N SER D 367 -9.29 -25.96 -24.83
CA SER D 367 -8.51 -25.47 -25.99
C SER D 367 -9.34 -24.70 -27.01
N GLU D 368 -10.66 -24.73 -26.85
CA GLU D 368 -11.58 -23.84 -27.59
C GLU D 368 -11.36 -23.83 -29.14
N GLY D 369 -11.26 -25.01 -29.70
CA GLY D 369 -11.16 -25.20 -31.12
C GLY D 369 -9.87 -24.73 -31.75
N THR D 370 -8.81 -24.50 -30.97
CA THR D 370 -7.58 -23.89 -31.48
C THR D 370 -6.50 -24.86 -31.88
N LEU D 371 -6.70 -26.12 -31.56
CA LEU D 371 -5.67 -27.17 -31.67
C LEU D 371 -5.98 -28.30 -32.64
N GLY D 372 -7.25 -28.65 -32.71
CA GLY D 372 -7.71 -29.78 -33.54
C GLY D 372 -9.18 -30.03 -33.30
N VAL D 373 -9.65 -31.17 -33.78
CA VAL D 373 -11.03 -31.59 -33.59
C VAL D 373 -11.07 -32.76 -32.62
N ILE D 374 -11.88 -32.65 -31.58
CA ILE D 374 -12.18 -33.78 -30.71
C ILE D 374 -13.21 -34.58 -31.52
N THR D 375 -12.90 -35.85 -31.82
CA THR D 375 -13.85 -36.70 -32.56
C THR D 375 -14.68 -37.65 -31.68
N GLU D 376 -14.11 -38.11 -30.59
CA GLU D 376 -14.65 -39.14 -29.75
C GLU D 376 -14.17 -38.92 -28.34
N ALA D 377 -15.00 -39.32 -27.38
CA ALA D 377 -14.65 -39.28 -26.01
C ALA D 377 -15.28 -40.41 -25.28
N THR D 378 -14.69 -40.73 -24.13
CA THR D 378 -15.26 -41.70 -23.24
C THR D 378 -15.63 -40.93 -22.01
N ILE D 379 -16.88 -41.13 -21.56
CA ILE D 379 -17.45 -40.34 -20.48
C ILE D 379 -18.02 -41.26 -19.45
N LYS D 380 -17.87 -40.90 -18.19
CA LYS D 380 -18.48 -41.71 -17.13
C LYS D 380 -19.99 -41.65 -17.14
N ILE D 381 -20.61 -42.77 -16.80
CA ILE D 381 -22.03 -42.81 -16.62
C ILE D 381 -22.39 -43.41 -15.28
N ARG D 382 -23.66 -43.26 -14.90
CA ARG D 382 -24.17 -43.75 -13.65
C ARG D 382 -25.56 -44.35 -13.90
N PRO D 383 -26.05 -45.25 -12.99
CA PRO D 383 -27.43 -45.68 -13.02
C PRO D 383 -28.31 -44.47 -12.85
N THR D 384 -29.38 -44.42 -13.59
CA THR D 384 -30.43 -43.45 -13.34
C THR D 384 -30.73 -43.49 -11.85
N PRO D 385 -30.84 -42.32 -11.20
CA PRO D 385 -31.13 -42.33 -9.76
C PRO D 385 -32.54 -42.82 -9.47
N GLU D 386 -32.71 -43.42 -8.31
CA GLU D 386 -34.02 -43.95 -7.89
C GLU D 386 -34.96 -42.85 -7.72
N TYR D 387 -34.50 -41.72 -7.24
CA TYR D 387 -35.47 -40.75 -6.76
C TYR D 387 -34.94 -39.39 -6.84
N GLN D 388 -35.83 -38.40 -7.04
CA GLN D 388 -35.46 -37.00 -6.99
C GLN D 388 -36.48 -36.27 -6.26
N LYS D 389 -36.04 -35.24 -5.57
CA LYS D 389 -36.87 -34.45 -4.69
C LYS D 389 -36.34 -33.03 -4.67
N TYR D 390 -37.27 -32.09 -4.79
CA TYR D 390 -37.00 -30.66 -4.84
C TYR D 390 -37.16 -30.05 -3.49
N GLY D 391 -36.55 -28.88 -3.31
CA GLY D 391 -36.65 -28.20 -2.05
C GLY D 391 -36.48 -26.73 -2.21
N SER D 392 -36.78 -25.96 -1.17
CA SER D 392 -36.45 -24.55 -1.19
C SER D 392 -36.40 -24.00 0.18
N VAL D 393 -35.66 -22.91 0.33
CA VAL D 393 -35.45 -22.26 1.61
C VAL D 393 -35.42 -20.76 1.45
N ALA D 394 -36.12 -20.05 2.32
CA ALA D 394 -36.02 -18.59 2.37
C ALA D 394 -35.11 -18.15 3.45
N PHE D 395 -34.36 -17.10 3.19
CA PHE D 395 -33.46 -16.47 4.13
C PHE D 395 -33.82 -14.99 4.32
N PRO D 396 -33.50 -14.39 5.48
CA PRO D 396 -33.78 -12.96 5.71
C PRO D 396 -33.05 -12.03 4.75
N ASN D 397 -31.82 -12.38 4.37
CA ASN D 397 -31.10 -11.64 3.35
C ASN D 397 -30.16 -12.58 2.53
N PHE D 398 -29.54 -12.02 1.47
CA PHE D 398 -28.65 -12.76 0.61
C PHE D 398 -27.47 -13.32 1.41
N GLU D 399 -26.94 -12.48 2.27
CA GLU D 399 -25.78 -12.77 3.05
C GLU D 399 -25.91 -13.95 3.99
N GLN D 400 -27.04 -14.10 4.66
CA GLN D 400 -27.26 -15.28 5.44
C GLN D 400 -27.35 -16.51 4.53
N GLY D 401 -27.97 -16.36 3.36
CA GLY D 401 -27.99 -17.41 2.41
C GLY D 401 -26.60 -17.86 1.98
N VAL D 402 -25.72 -16.89 1.75
CA VAL D 402 -24.39 -17.24 1.34
C VAL D 402 -23.70 -17.99 2.48
N ALA D 403 -23.80 -17.46 3.70
CA ALA D 403 -23.24 -18.16 4.88
C ALA D 403 -23.70 -19.60 4.97
N CYS D 404 -24.97 -19.83 4.67
CA CYS D 404 -25.51 -21.15 4.74
C CYS D 404 -24.95 -22.08 3.65
N LEU D 405 -24.95 -21.61 2.41
CA LEU D 405 -24.24 -22.29 1.32
C LEU D 405 -22.83 -22.67 1.66
N ARG D 406 -22.12 -21.77 2.30
CA ARG D 406 -20.76 -22.05 2.73
C ARG D 406 -20.71 -23.14 3.79
N GLU D 407 -21.63 -23.13 4.77
CA GLU D 407 -21.64 -24.23 5.76
C GLU D 407 -21.97 -25.58 5.12
N ILE D 408 -22.90 -25.56 4.18
CA ILE D 408 -23.23 -26.75 3.43
C ILE D 408 -22.02 -27.35 2.77
N ALA D 409 -21.24 -26.52 2.10
CA ALA D 409 -20.03 -26.93 1.43
C ALA D 409 -19.00 -27.39 2.45
N LYS D 410 -18.95 -26.71 3.56
CA LYS D 410 -18.04 -27.12 4.60
C LYS D 410 -18.34 -28.52 5.15
N GLN D 411 -19.61 -28.83 5.35
CA GLN D 411 -19.99 -30.17 5.77
C GLN D 411 -20.01 -31.17 4.63
N ARG D 412 -19.60 -30.75 3.43
CA ARG D 412 -19.64 -31.57 2.24
C ARG D 412 -20.94 -32.33 2.08
N CYS D 413 -22.07 -31.63 2.25
CA CYS D 413 -23.38 -32.23 2.08
C CYS D 413 -24.26 -31.43 1.10
N ALA D 414 -23.64 -30.89 0.06
CA ALA D 414 -24.43 -30.18 -0.94
C ALA D 414 -25.32 -31.18 -1.66
N PRO D 415 -26.60 -30.84 -1.84
CA PRO D 415 -27.41 -31.65 -2.76
C PRO D 415 -26.95 -31.56 -4.22
N ALA D 416 -27.58 -32.37 -5.05
CA ALA D 416 -27.31 -32.40 -6.46
C ALA D 416 -27.23 -31.00 -7.07
N SER D 417 -28.17 -30.15 -6.73
CA SER D 417 -28.13 -28.76 -7.17
C SER D 417 -28.63 -27.91 -6.03
N ILE D 418 -27.96 -26.79 -5.81
CA ILE D 418 -28.37 -25.81 -4.81
C ILE D 418 -27.95 -24.44 -5.38
N ARG D 419 -28.94 -23.54 -5.49
CA ARG D 419 -28.79 -22.23 -6.05
C ARG D 419 -29.43 -21.22 -5.13
N LEU D 420 -28.72 -20.12 -4.90
CA LEU D 420 -29.19 -19.08 -4.00
C LEU D 420 -29.41 -17.85 -4.81
N MET D 421 -30.61 -17.35 -4.81
CA MET D 421 -30.93 -16.19 -5.63
C MET D 421 -31.30 -14.97 -4.80
N ASP D 422 -30.90 -13.79 -5.27
CA ASP D 422 -31.24 -12.54 -4.60
C ASP D 422 -32.74 -12.17 -4.74
N ASN D 423 -33.11 -11.08 -4.12
CA ASN D 423 -34.51 -10.75 -4.00
C ASN D 423 -35.13 -10.46 -5.37
N GLN D 424 -34.40 -9.75 -6.21
CA GLN D 424 -34.85 -9.48 -7.59
C GLN D 424 -35.23 -10.72 -8.35
N GLN D 425 -34.38 -11.77 -8.30
CA GLN D 425 -34.77 -13.06 -8.90
C GLN D 425 -35.91 -13.70 -8.20
N PHE D 426 -35.99 -13.59 -6.87
CA PHE D 426 -37.20 -14.09 -6.21
C PHE D 426 -38.48 -13.42 -6.73
N GLN D 427 -38.44 -12.11 -6.87
CA GLN D 427 -39.59 -11.40 -7.38
C GLN D 427 -39.85 -11.69 -8.84
N PHE D 428 -38.81 -11.76 -9.66
CA PHE D 428 -38.99 -12.19 -11.05
C PHE D 428 -39.69 -13.56 -11.13
N GLY D 429 -39.30 -14.46 -10.22
CA GLY D 429 -39.85 -15.82 -10.17
C GLY D 429 -41.33 -15.77 -9.85
N HIS D 430 -41.67 -14.94 -8.87
CA HIS D 430 -43.03 -14.73 -8.48
C HIS D 430 -43.89 -14.22 -9.65
N ALA D 431 -43.37 -13.27 -10.42
CA ALA D 431 -44.12 -12.70 -11.53
C ALA D 431 -44.36 -13.63 -12.72
N LEU D 432 -43.75 -14.81 -12.71
CA LEU D 432 -43.89 -15.78 -13.78
C LEU D 432 -44.78 -16.98 -13.47
N LYS D 433 -45.62 -16.95 -12.41
CA LYS D 433 -46.59 -18.04 -12.13
C LYS D 433 -47.94 -17.72 -12.78
N PRO D 434 -48.59 -18.73 -13.40
CA PRO D 434 -50.00 -18.54 -13.85
C PRO D 434 -50.94 -18.44 -12.64
N GLN D 435 -50.60 -19.20 -11.59
CA GLN D 435 -51.02 -19.00 -10.22
C GLN D 435 -51.32 -17.54 -9.87
N LYS D 448 -50.00 -20.14 0.50
CA LYS D 448 -50.19 -19.23 -0.63
C LYS D 448 -49.54 -17.84 -0.31
N LYS D 449 -50.31 -16.75 -0.34
CA LYS D 449 -49.87 -15.45 0.17
C LYS D 449 -49.65 -15.49 1.69
N PHE D 450 -50.40 -16.36 2.38
CA PHE D 450 -50.28 -16.61 3.83
C PHE D 450 -48.85 -16.99 4.29
N TYR D 451 -48.24 -18.01 3.65
CA TYR D 451 -46.84 -18.44 3.98
C TYR D 451 -45.83 -17.27 3.86
N ILE D 452 -45.75 -16.63 2.68
CA ILE D 452 -44.94 -15.40 2.50
C ILE D 452 -45.31 -14.35 3.57
N THR D 453 -46.62 -14.17 3.81
CA THR D 453 -47.13 -13.23 4.84
C THR D 453 -46.57 -13.49 6.27
N LYS D 454 -46.29 -14.76 6.64
CA LYS D 454 -45.46 -15.07 7.83
C LYS D 454 -43.95 -14.82 7.51
N PHE D 455 -43.56 -13.54 7.53
CA PHE D 455 -42.17 -13.08 7.46
C PHE D 455 -41.95 -12.35 8.78
N LYS D 456 -41.83 -13.13 9.87
CA LYS D 456 -41.33 -12.64 11.18
C LYS D 456 -39.81 -12.34 11.09
N ASP D 459 -35.43 -6.32 6.49
CA ASP D 459 -36.00 -5.80 5.26
C ASP D 459 -36.55 -6.89 4.26
N PRO D 460 -37.87 -6.88 3.95
CA PRO D 460 -38.45 -7.94 3.06
C PRO D 460 -38.26 -7.77 1.52
N ASN D 461 -37.64 -6.68 1.07
CA ASN D 461 -37.06 -6.63 -0.28
C ASN D 461 -35.60 -7.03 -0.28
N GLN D 462 -35.13 -7.53 0.86
CA GLN D 462 -33.84 -8.19 1.00
C GLN D 462 -33.93 -9.74 1.04
N LEU D 463 -35.12 -10.29 1.30
CA LEU D 463 -35.38 -11.73 1.23
C LEU D 463 -34.71 -12.49 0.07
N SER D 464 -33.97 -13.55 0.40
CA SER D 464 -33.31 -14.37 -0.61
C SER D 464 -33.84 -15.82 -0.56
N VAL D 465 -33.78 -16.53 -1.69
CA VAL D 465 -34.28 -17.91 -1.73
C VAL D 465 -33.30 -18.90 -2.34
N ALA D 466 -33.12 -20.04 -1.70
CA ALA D 466 -32.39 -21.14 -2.31
C ALA D 466 -33.31 -22.23 -2.82
N THR D 467 -33.05 -22.72 -4.01
CA THR D 467 -33.82 -23.82 -4.55
C THR D 467 -32.91 -24.99 -4.48
N LEU D 468 -33.51 -26.15 -4.32
CA LEU D 468 -32.75 -27.35 -4.07
C LEU D 468 -33.24 -28.47 -4.92
N LEU D 469 -32.29 -29.30 -5.35
CA LEU D 469 -32.60 -30.57 -6.01
C LEU D 469 -31.75 -31.70 -5.41
N PHE D 470 -32.41 -32.69 -4.84
CA PHE D 470 -31.74 -33.87 -4.25
C PHE D 470 -31.98 -35.03 -5.22
N GLU D 471 -30.99 -35.89 -5.43
CA GLU D 471 -31.25 -37.11 -6.15
C GLU D 471 -30.26 -38.17 -5.87
N GLY D 472 -30.69 -39.41 -6.05
CA GLY D 472 -29.90 -40.58 -5.74
C GLY D 472 -30.87 -41.51 -5.04
N ASP D 473 -30.36 -42.33 -4.10
CA ASP D 473 -31.17 -43.37 -3.49
C ASP D 473 -32.16 -42.71 -2.58
N ARG D 474 -33.34 -43.31 -2.48
CA ARG D 474 -34.41 -42.74 -1.71
C ARG D 474 -34.11 -42.47 -0.24
N GLU D 475 -33.58 -43.47 0.47
CA GLU D 475 -33.30 -43.27 1.90
C GLU D 475 -32.25 -42.17 2.04
N LYS D 476 -31.26 -42.16 1.12
CA LYS D 476 -30.17 -41.21 1.09
C LYS D 476 -30.68 -39.79 0.81
N VAL D 477 -31.57 -39.65 -0.16
CA VAL D 477 -32.23 -38.35 -0.42
C VAL D 477 -32.83 -37.73 0.86
N LEU D 478 -33.56 -38.56 1.60
CA LEU D 478 -34.25 -38.11 2.81
C LEU D 478 -33.28 -37.72 3.89
N GLN D 479 -32.22 -38.52 4.09
CA GLN D 479 -31.19 -38.19 5.10
C GLN D 479 -30.61 -36.84 4.78
N HIS D 480 -30.18 -36.73 3.54
CA HIS D 480 -29.50 -35.55 3.05
C HIS D 480 -30.37 -34.30 3.15
N GLU D 481 -31.65 -34.48 2.87
CA GLU D 481 -32.61 -33.40 3.03
C GLU D 481 -32.70 -32.88 4.48
N LYS D 482 -32.70 -33.76 5.47
CA LYS D 482 -32.82 -33.30 6.87
C LYS D 482 -31.60 -32.50 7.30
N GLN D 483 -30.44 -33.03 6.95
CA GLN D 483 -29.19 -32.30 7.18
C GLN D 483 -29.18 -30.87 6.62
N VAL D 484 -29.48 -30.75 5.33
CA VAL D 484 -29.47 -29.45 4.72
C VAL D 484 -30.41 -28.47 5.40
N TYR D 485 -31.65 -28.91 5.66
CA TYR D 485 -32.67 -28.02 6.32
C TYR D 485 -32.27 -27.72 7.76
N ASP D 486 -31.72 -28.68 8.49
CA ASP D 486 -31.07 -28.38 9.79
C ASP D 486 -29.98 -27.31 9.74
N ILE D 487 -29.04 -27.44 8.82
CA ILE D 487 -28.04 -26.39 8.64
C ILE D 487 -28.71 -25.03 8.35
N ALA D 488 -29.65 -25.04 7.40
CA ALA D 488 -30.24 -23.78 6.97
C ALA D 488 -30.88 -23.02 8.10
N ALA D 489 -31.59 -23.79 8.94
CA ALA D 489 -32.23 -23.27 10.16
C ALA D 489 -31.30 -22.43 11.03
N LYS D 490 -30.04 -22.85 11.15
CA LYS D 490 -29.05 -22.07 11.91
C LYS D 490 -28.75 -20.71 11.32
N PHE D 491 -29.02 -20.50 10.04
CA PHE D 491 -28.82 -19.18 9.39
C PHE D 491 -30.13 -18.39 9.22
N GLY D 492 -31.17 -18.76 9.96
CA GLY D 492 -32.46 -18.08 9.86
C GLY D 492 -33.20 -18.57 8.64
N GLY D 493 -32.80 -19.74 8.11
CA GLY D 493 -33.42 -20.27 6.90
C GLY D 493 -34.66 -21.04 7.19
N LEU D 494 -35.75 -20.75 6.49
CA LEU D 494 -36.99 -21.52 6.67
C LEU D 494 -37.41 -22.24 5.40
N ALA D 495 -37.87 -23.48 5.53
CA ALA D 495 -38.36 -24.25 4.40
C ALA D 495 -39.52 -23.57 3.71
N ALA D 496 -39.48 -23.41 2.39
CA ALA D 496 -40.50 -22.71 1.68
C ALA D 496 -41.27 -23.61 0.68
N GLY D 497 -40.99 -24.88 0.62
CA GLY D 497 -41.82 -25.81 -0.14
C GLY D 497 -41.12 -26.61 -1.23
N GLU D 498 -41.57 -27.85 -1.35
CA GLU D 498 -41.00 -28.83 -2.25
C GLU D 498 -41.37 -28.44 -3.65
N ASP D 499 -42.65 -28.19 -3.85
CA ASP D 499 -43.15 -27.88 -5.19
C ASP D 499 -42.63 -26.51 -5.63
N ASN D 500 -42.51 -25.59 -4.69
CA ASN D 500 -41.88 -24.31 -4.98
C ASN D 500 -40.49 -24.43 -5.57
N GLY D 501 -39.65 -25.30 -4.96
CA GLY D 501 -38.32 -25.61 -5.52
C GLY D 501 -38.35 -26.09 -6.96
N GLN D 502 -39.31 -26.97 -7.24
CA GLN D 502 -39.46 -27.48 -8.57
C GLN D 502 -39.85 -26.40 -9.56
N ARG D 503 -40.72 -25.47 -9.16
CA ARG D 503 -41.08 -24.34 -10.07
C ARG D 503 -39.83 -23.69 -10.68
N GLY D 504 -38.90 -23.29 -9.80
CA GLY D 504 -37.56 -22.76 -10.16
C GLY D 504 -36.83 -23.60 -11.20
N TYR D 505 -36.69 -24.87 -10.96
CA TYR D 505 -35.98 -25.73 -11.90
C TYR D 505 -36.68 -25.86 -13.25
N LEU D 506 -38.00 -25.90 -13.25
CA LEU D 506 -38.74 -25.94 -14.52
C LEU D 506 -38.50 -24.70 -15.43
N LEU D 507 -38.25 -23.50 -14.87
CA LEU D 507 -37.89 -22.30 -15.67
C LEU D 507 -36.50 -22.23 -16.28
N THR D 508 -35.69 -23.24 -15.99
CA THR D 508 -34.30 -23.25 -16.38
C THR D 508 -34.11 -23.09 -17.89
N TYR D 509 -34.92 -23.79 -18.67
CA TYR D 509 -34.71 -23.92 -20.10
C TYR D 509 -35.54 -22.88 -20.88
N VAL D 510 -36.30 -22.03 -20.18
CA VAL D 510 -37.07 -20.99 -20.87
C VAL D 510 -36.43 -19.63 -20.78
N ILE D 511 -35.70 -19.36 -19.70
CA ILE D 511 -35.04 -18.05 -19.52
C ILE D 511 -34.23 -17.56 -20.74
N ALA D 512 -33.64 -18.48 -21.52
CA ALA D 512 -32.82 -18.08 -22.64
C ALA D 512 -33.71 -17.50 -23.77
N TYR D 513 -34.95 -17.92 -23.83
CA TYR D 513 -35.95 -17.36 -24.76
C TYR D 513 -36.40 -15.94 -24.41
N MET D 514 -36.07 -15.46 -23.22
CA MET D 514 -36.42 -14.12 -22.81
C MET D 514 -35.60 -13.00 -23.37
N ARG D 515 -34.40 -13.31 -23.80
CA ARG D 515 -33.59 -12.35 -24.50
C ARG D 515 -34.27 -11.81 -25.71
N ASP D 516 -34.78 -12.68 -26.55
CA ASP D 516 -35.43 -12.25 -27.77
C ASP D 516 -36.71 -11.47 -27.49
N LEU D 517 -37.46 -11.86 -26.45
CA LEU D 517 -38.63 -11.07 -26.02
C LEU D 517 -38.19 -9.68 -25.67
N GLY D 518 -37.13 -9.58 -24.88
CA GLY D 518 -36.53 -8.31 -24.55
C GLY D 518 -36.09 -7.48 -25.76
N LEU D 519 -35.50 -8.12 -26.73
CA LEU D 519 -35.07 -7.36 -27.91
C LEU D 519 -36.25 -6.81 -28.66
N GLU D 520 -37.44 -7.45 -28.65
CA GLU D 520 -38.64 -6.85 -29.31
C GLU D 520 -39.06 -5.53 -28.69
N TYR D 521 -38.67 -5.31 -27.44
CA TYR D 521 -39.12 -4.16 -26.66
C TYR D 521 -38.03 -3.32 -26.14
N TYR D 522 -36.96 -3.16 -26.92
CA TYR D 522 -35.81 -2.28 -26.59
C TYR D 522 -35.09 -2.64 -25.27
N ILE D 523 -35.19 -3.91 -24.85
CA ILE D 523 -34.45 -4.37 -23.64
C ILE D 523 -33.28 -5.25 -24.06
N ILE D 524 -32.09 -4.85 -23.66
CA ILE D 524 -30.92 -5.67 -23.93
C ILE D 524 -30.26 -6.12 -22.65
N GLY D 525 -29.62 -7.27 -22.72
CA GLY D 525 -28.83 -7.73 -21.62
C GLY D 525 -28.16 -9.08 -21.87
N GLU D 526 -27.37 -9.48 -20.89
CA GLU D 526 -26.63 -10.71 -20.97
C GLU D 526 -26.37 -11.16 -19.57
N SER D 527 -26.19 -12.47 -19.44
CA SER D 527 -25.72 -13.07 -18.21
C SER D 527 -24.21 -13.18 -18.31
N PHE D 528 -23.54 -13.19 -17.16
CA PHE D 528 -22.08 -13.40 -17.12
C PHE D 528 -21.77 -13.99 -15.77
N GLU D 529 -20.58 -14.57 -15.65
CA GLU D 529 -20.30 -15.40 -14.51
C GLU D 529 -18.85 -15.31 -14.06
N THR D 530 -18.60 -15.80 -12.86
CA THR D 530 -17.27 -15.84 -12.33
C THR D 530 -17.26 -16.92 -11.21
N SER D 531 -16.06 -17.30 -10.80
CA SER D 531 -15.89 -18.05 -9.57
C SER D 531 -15.03 -17.25 -8.63
N ALA D 532 -15.25 -17.38 -7.34
CA ALA D 532 -14.54 -16.61 -6.34
C ALA D 532 -14.41 -17.35 -5.00
N PRO D 533 -13.34 -17.04 -4.23
CA PRO D 533 -13.18 -17.62 -2.90
C PRO D 533 -14.36 -17.21 -2.04
N TRP D 534 -14.70 -18.06 -1.07
CA TRP D 534 -15.87 -17.86 -0.21
C TRP D 534 -15.84 -16.47 0.45
N ASP D 535 -14.62 -16.05 0.83
CA ASP D 535 -14.53 -14.80 1.56
C ASP D 535 -14.63 -13.57 0.70
N ARG D 536 -14.73 -13.72 -0.63
CA ARG D 536 -14.94 -12.59 -1.52
C ARG D 536 -16.34 -12.49 -2.07
N VAL D 537 -17.18 -13.50 -1.85
CA VAL D 537 -18.46 -13.59 -2.56
C VAL D 537 -19.37 -12.36 -2.32
N VAL D 538 -19.58 -12.02 -1.04
CA VAL D 538 -20.60 -11.02 -0.72
C VAL D 538 -20.13 -9.68 -1.29
N ASP D 539 -18.86 -9.31 -1.06
CA ASP D 539 -18.33 -8.02 -1.61
C ASP D 539 -18.40 -7.94 -3.13
N LEU D 540 -18.09 -9.05 -3.77
CA LEU D 540 -18.05 -9.11 -5.20
C LEU D 540 -19.44 -8.88 -5.77
N CYS D 541 -20.43 -9.58 -5.24
CA CYS D 541 -21.80 -9.44 -5.69
C CYS D 541 -22.29 -8.01 -5.61
N ARG D 542 -22.11 -7.41 -4.44
CA ARG D 542 -22.57 -6.03 -4.14
C ARG D 542 -21.88 -5.03 -5.06
N ASN D 543 -20.56 -5.10 -5.16
CA ASN D 543 -19.78 -4.17 -5.97
C ASN D 543 -19.86 -4.39 -7.45
N VAL D 544 -20.12 -5.61 -7.94
CA VAL D 544 -20.39 -5.77 -9.37
C VAL D 544 -21.77 -5.16 -9.76
N LYS D 545 -22.79 -5.53 -8.98
CA LYS D 545 -24.11 -4.93 -9.09
C LYS D 545 -24.02 -3.44 -9.10
N GLU D 546 -23.31 -2.88 -8.13
CA GLU D 546 -23.18 -1.43 -8.05
C GLU D 546 -22.38 -0.81 -9.21
N ARG D 547 -21.36 -1.52 -9.71
CA ARG D 547 -20.66 -1.04 -10.88
C ARG D 547 -21.56 -0.94 -12.12
N ILE D 548 -22.46 -1.89 -12.29
CA ILE D 548 -23.29 -1.93 -13.48
C ILE D 548 -24.23 -0.71 -13.48
N ARG D 549 -24.78 -0.41 -12.32
CA ARG D 549 -25.68 0.73 -12.11
C ARG D 549 -25.00 2.05 -12.36
N ARG D 550 -23.83 2.19 -11.80
CA ARG D 550 -23.01 3.37 -12.01
C ARG D 550 -22.65 3.65 -13.48
N GLU D 551 -22.28 2.60 -14.24
CA GLU D 551 -21.82 2.76 -15.62
C GLU D 551 -22.98 3.08 -16.54
N CYS D 552 -24.15 2.52 -16.19
CA CYS D 552 -25.38 2.76 -16.96
C CYS D 552 -25.91 4.19 -16.74
N LYS D 553 -25.93 4.68 -15.49
CA LYS D 553 -26.24 6.09 -15.18
C LYS D 553 -25.34 6.99 -15.99
N GLU D 554 -24.05 6.64 -16.04
CA GLU D 554 -23.02 7.45 -16.73
C GLU D 554 -23.07 7.43 -18.22
N LYS D 555 -23.57 6.37 -18.83
CA LYS D 555 -23.74 6.33 -20.30
C LYS D 555 -25.11 6.81 -20.78
N GLY D 556 -25.96 7.24 -19.84
CA GLY D 556 -27.18 7.95 -20.13
C GLY D 556 -28.37 7.04 -20.26
N VAL D 557 -28.51 6.09 -19.35
CA VAL D 557 -29.61 5.15 -19.34
C VAL D 557 -30.63 5.76 -18.41
N GLN D 558 -31.85 5.99 -18.89
CA GLN D 558 -32.88 6.67 -18.08
C GLN D 558 -33.10 5.99 -16.73
N PHE D 559 -33.42 4.71 -16.73
CA PHE D 559 -33.97 4.00 -15.57
C PHE D 559 -32.85 3.05 -15.06
N PRO D 560 -32.67 2.89 -13.73
CA PRO D 560 -31.55 2.04 -13.31
C PRO D 560 -31.72 0.56 -13.77
N PRO D 561 -30.61 -0.10 -14.16
CA PRO D 561 -30.73 -1.41 -14.81
C PRO D 561 -31.17 -2.51 -13.89
N LEU D 562 -31.72 -3.56 -14.48
CA LEU D 562 -31.87 -4.80 -13.73
C LEU D 562 -30.44 -5.28 -13.54
N SER D 563 -30.08 -5.64 -12.32
CA SER D 563 -28.74 -6.07 -12.00
C SER D 563 -28.85 -7.03 -10.81
N THR D 564 -28.82 -8.32 -11.14
CA THR D 564 -29.15 -9.37 -10.19
C THR D 564 -28.12 -10.53 -10.24
N CYS D 565 -28.02 -11.23 -9.14
CA CYS D 565 -27.12 -12.35 -9.11
C CYS D 565 -27.68 -13.54 -8.36
N ARG D 566 -27.08 -14.68 -8.68
CA ARG D 566 -27.27 -15.84 -7.86
C ARG D 566 -26.00 -16.66 -7.77
N VAL D 567 -25.92 -17.45 -6.71
CA VAL D 567 -24.85 -18.41 -6.54
C VAL D 567 -25.36 -19.74 -7.08
N THR D 568 -24.71 -20.24 -8.12
CA THR D 568 -25.14 -21.47 -8.84
C THR D 568 -24.37 -22.73 -8.53
N GLN D 569 -23.19 -22.61 -7.95
CA GLN D 569 -22.41 -23.80 -7.60
C GLN D 569 -21.60 -23.45 -6.37
N THR D 570 -21.33 -24.47 -5.57
CA THR D 570 -20.52 -24.39 -4.37
C THR D 570 -19.37 -25.37 -4.55
N TYR D 571 -18.26 -24.98 -3.95
CA TYR D 571 -17.04 -25.77 -3.90
C TYR D 571 -16.44 -25.68 -2.52
N ASP D 572 -15.50 -26.57 -2.25
CA ASP D 572 -14.72 -26.50 -1.04
C ASP D 572 -14.15 -25.08 -0.89
N ALA D 573 -13.49 -24.58 -1.96
CA ALA D 573 -12.77 -23.32 -1.90
C ALA D 573 -13.53 -22.08 -2.35
N GLY D 574 -14.83 -22.19 -2.70
CA GLY D 574 -15.59 -21.03 -3.10
C GLY D 574 -16.83 -21.33 -3.92
N ALA D 575 -17.24 -20.36 -4.75
CA ALA D 575 -18.48 -20.46 -5.43
C ALA D 575 -18.48 -19.86 -6.84
N CYS D 576 -19.45 -20.31 -7.65
CA CYS D 576 -19.74 -19.71 -8.94
C CYS D 576 -20.89 -18.72 -8.71
N ILE D 577 -20.69 -17.52 -9.19
CA ILE D 577 -21.65 -16.46 -9.10
C ILE D 577 -22.08 -16.10 -10.51
N TYR D 578 -23.38 -16.05 -10.70
CA TYR D 578 -23.95 -15.84 -12.01
C TYR D 578 -24.75 -14.55 -11.95
N PHE D 579 -24.43 -13.61 -12.84
CA PHE D 579 -25.12 -12.31 -12.90
C PHE D 579 -26.01 -12.20 -14.16
N TYR D 580 -27.09 -11.44 -14.05
CA TYR D 580 -27.79 -10.95 -15.24
C TYR D 580 -27.78 -9.45 -15.17
N PHE D 581 -27.60 -8.82 -16.32
CA PHE D 581 -27.98 -7.43 -16.40
C PHE D 581 -28.78 -7.12 -17.66
N ALA D 582 -29.71 -6.18 -17.50
CA ALA D 582 -30.51 -5.68 -18.60
C ALA D 582 -30.91 -4.22 -18.39
N PHE D 583 -31.13 -3.53 -19.50
CA PHE D 583 -31.67 -2.17 -19.45
C PHE D 583 -32.47 -1.84 -20.71
N ASN D 584 -33.52 -1.03 -20.54
CA ASN D 584 -34.20 -0.35 -21.65
C ASN D 584 -33.21 0.57 -22.40
N TYR D 585 -32.98 0.32 -23.66
CA TYR D 585 -32.09 1.25 -24.36
C TYR D 585 -32.72 2.37 -25.22
N ARG D 586 -34.06 2.45 -25.31
CA ARG D 586 -34.74 3.26 -26.37
C ARG D 586 -34.26 4.69 -26.26
N GLY D 587 -33.77 5.25 -27.37
CA GLY D 587 -33.12 6.57 -27.38
C GLY D 587 -31.67 6.74 -26.89
N ILE D 588 -30.87 5.67 -26.89
CA ILE D 588 -29.41 5.76 -26.72
C ILE D 588 -28.78 5.76 -28.10
N SER D 589 -27.74 6.56 -28.31
CA SER D 589 -27.10 6.72 -29.64
C SER D 589 -26.55 5.42 -30.20
N ASP D 590 -25.68 4.78 -29.42
CA ASP D 590 -25.04 3.52 -29.86
C ASP D 590 -25.24 2.44 -28.77
N PRO D 591 -26.44 1.80 -28.77
CA PRO D 591 -26.83 0.97 -27.63
C PRO D 591 -25.94 -0.27 -27.43
N LEU D 592 -25.41 -0.80 -28.53
CA LEU D 592 -24.43 -1.89 -28.51
C LEU D 592 -23.17 -1.50 -27.79
N ALA D 593 -22.70 -0.27 -28.02
CA ALA D 593 -21.48 0.14 -27.39
C ALA D 593 -21.70 0.30 -25.90
N VAL D 594 -22.84 0.85 -25.49
CA VAL D 594 -23.14 0.98 -24.05
C VAL D 594 -23.14 -0.39 -23.33
N PHE D 595 -23.85 -1.34 -23.92
CA PHE D 595 -23.84 -2.73 -23.42
C PHE D 595 -22.43 -3.31 -23.32
N GLU D 596 -21.70 -3.20 -24.41
CA GLU D 596 -20.34 -3.71 -24.50
C GLU D 596 -19.42 -3.12 -23.40
N GLN D 597 -19.46 -1.81 -23.21
CA GLN D 597 -18.57 -1.15 -22.27
C GLN D 597 -18.94 -1.46 -20.84
N THR D 598 -20.22 -1.59 -20.60
CA THR D 598 -20.70 -1.99 -19.32
C THR D 598 -20.29 -3.43 -18.97
N GLU D 599 -20.47 -4.32 -19.93
CA GLU D 599 -20.07 -5.72 -19.82
C GLU D 599 -18.57 -5.82 -19.45
N ALA D 600 -17.70 -5.15 -20.23
CA ALA D 600 -16.28 -5.11 -19.93
C ALA D 600 -15.99 -4.48 -18.57
N ALA D 601 -16.73 -3.44 -18.20
CA ALA D 601 -16.52 -2.82 -16.89
C ALA D 601 -16.92 -3.79 -15.77
N ALA D 602 -18.02 -4.47 -15.95
CA ALA D 602 -18.42 -5.52 -14.97
C ALA D 602 -17.29 -6.59 -14.82
N ARG D 603 -16.60 -6.91 -15.92
CA ARG D 603 -15.51 -7.88 -15.87
C ARG D 603 -14.35 -7.35 -15.02
N GLU D 604 -13.94 -6.13 -15.32
CA GLU D 604 -12.90 -5.44 -14.51
C GLU D 604 -13.25 -5.46 -13.05
N GLU D 605 -14.47 -5.06 -12.75
CA GLU D 605 -14.97 -5.14 -11.40
C GLU D 605 -14.88 -6.54 -10.81
N ILE D 606 -15.31 -7.54 -11.57
CA ILE D 606 -15.14 -8.94 -11.12
C ILE D 606 -13.69 -9.27 -10.72
N LEU D 607 -12.74 -9.00 -11.62
CA LEU D 607 -11.33 -9.32 -11.40
C LEU D 607 -10.75 -8.50 -10.26
N ALA D 608 -11.28 -7.30 -10.08
CA ALA D 608 -10.85 -6.44 -9.01
C ALA D 608 -11.37 -6.90 -7.64
N ASN D 609 -12.46 -7.68 -7.60
CA ASN D 609 -12.96 -8.24 -6.30
C ASN D 609 -12.68 -9.72 -6.03
N GLY D 610 -11.58 -10.21 -6.58
CA GLY D 610 -11.10 -11.55 -6.31
C GLY D 610 -11.71 -12.66 -7.16
N GLY D 611 -12.56 -12.29 -8.13
CA GLY D 611 -13.15 -13.26 -9.02
C GLY D 611 -12.32 -13.65 -10.21
N SER D 612 -12.70 -14.77 -10.82
CA SER D 612 -11.96 -15.31 -11.90
C SER D 612 -12.52 -14.75 -13.23
N LEU D 613 -11.71 -14.92 -14.25
CA LEU D 613 -12.01 -14.46 -15.60
C LEU D 613 -13.23 -15.18 -16.16
N SER D 614 -13.33 -16.46 -15.84
CA SER D 614 -14.50 -17.28 -16.18
C SER D 614 -14.54 -18.59 -15.39
N HIS D 615 -15.73 -18.94 -14.90
CA HIS D 615 -15.98 -20.22 -14.24
C HIS D 615 -16.23 -21.34 -15.25
N HIS D 616 -17.08 -21.04 -16.23
CA HIS D 616 -17.45 -21.98 -17.26
C HIS D 616 -17.64 -21.49 -18.71
N HIS D 617 -18.02 -20.23 -18.96
CA HIS D 617 -18.20 -19.79 -20.34
C HIS D 617 -16.93 -19.84 -21.18
N GLY D 618 -15.76 -19.63 -20.56
CA GLY D 618 -14.50 -19.65 -21.29
C GLY D 618 -14.08 -18.27 -21.73
N VAL D 619 -13.07 -18.23 -22.57
CA VAL D 619 -12.37 -16.99 -22.94
C VAL D 619 -12.70 -16.55 -24.35
N GLY D 620 -12.62 -17.49 -25.26
CA GLY D 620 -12.92 -17.27 -26.67
C GLY D 620 -12.11 -16.09 -27.19
N LYS D 621 -12.77 -15.17 -27.88
CA LYS D 621 -12.18 -13.88 -28.22
C LYS D 621 -12.69 -12.81 -27.32
N LEU D 622 -13.75 -13.03 -26.56
CA LEU D 622 -14.32 -11.99 -25.72
C LEU D 622 -13.43 -11.60 -24.51
N ARG D 623 -12.69 -12.55 -23.94
CA ARG D 623 -11.89 -12.30 -22.72
C ARG D 623 -10.39 -12.49 -22.90
N LYS D 624 -9.94 -12.56 -24.14
CA LYS D 624 -8.50 -12.71 -24.50
C LYS D 624 -7.58 -11.71 -23.84
N GLN D 625 -8.03 -10.44 -23.79
CA GLN D 625 -7.14 -9.40 -23.29
C GLN D 625 -6.74 -9.58 -21.83
N TRP D 626 -7.49 -10.37 -21.04
CA TRP D 626 -7.16 -10.60 -19.62
C TRP D 626 -6.44 -11.93 -19.38
N LEU D 627 -6.29 -12.74 -20.43
CA LEU D 627 -5.80 -14.10 -20.22
C LEU D 627 -4.38 -14.17 -19.68
N LYS D 628 -3.48 -13.41 -20.31
CA LYS D 628 -2.07 -13.40 -19.95
C LYS D 628 -1.88 -13.06 -18.47
N GLU D 629 -2.60 -12.06 -17.98
CA GLU D 629 -2.58 -11.73 -16.57
C GLU D 629 -3.14 -12.86 -15.69
N SER D 630 -4.19 -13.51 -16.13
CA SER D 630 -4.80 -14.59 -15.35
C SER D 630 -3.92 -15.79 -15.17
N ILE D 631 -3.18 -16.15 -16.22
CA ILE D 631 -2.36 -17.37 -16.18
C ILE D 631 -0.85 -17.18 -16.15
N SER D 632 -0.43 -15.91 -16.15
CA SER D 632 0.98 -15.43 -16.17
C SER D 632 1.57 -15.51 -17.57
N ASP D 633 2.61 -14.72 -17.83
CA ASP D 633 3.27 -14.68 -19.14
C ASP D 633 3.78 -16.03 -19.53
N VAL D 634 4.45 -16.70 -18.59
CA VAL D 634 5.08 -17.98 -18.95
C VAL D 634 3.98 -19.00 -19.26
N GLY D 635 2.90 -18.95 -18.46
CA GLY D 635 1.75 -19.80 -18.69
C GLY D 635 1.13 -19.62 -20.07
N PHE D 636 0.90 -18.38 -20.43
CA PHE D 636 0.55 -17.99 -21.81
C PHE D 636 1.53 -18.55 -22.85
N GLY D 637 2.83 -18.38 -22.61
CA GLY D 637 3.86 -18.94 -23.53
C GLY D 637 3.85 -20.45 -23.72
N MET D 638 3.46 -21.16 -22.66
CA MET D 638 3.37 -22.60 -22.73
C MET D 638 2.23 -22.97 -23.64
N LEU D 639 1.10 -22.27 -23.54
CA LEU D 639 -0.04 -22.57 -24.40
C LEU D 639 0.35 -22.31 -25.85
N LYS D 640 1.00 -21.18 -26.06
CA LYS D 640 1.56 -20.85 -27.43
C LYS D 640 2.49 -21.94 -27.98
N SER D 641 3.40 -22.44 -27.16
CA SER D 641 4.28 -23.52 -27.57
C SER D 641 3.50 -24.71 -28.03
N VAL D 642 2.44 -25.06 -27.32
CA VAL D 642 1.68 -26.21 -27.73
C VAL D 642 0.99 -25.97 -29.08
N LYS D 643 0.36 -24.80 -29.23
CA LYS D 643 -0.33 -24.36 -30.48
C LYS D 643 0.63 -24.39 -31.65
N ASP D 644 1.85 -23.91 -31.45
CA ASP D 644 2.85 -23.85 -32.55
C ASP D 644 3.38 -25.23 -32.92
N TYR D 645 3.41 -26.18 -32.00
CA TYR D 645 3.80 -27.53 -32.35
C TYR D 645 2.67 -28.29 -33.08
N VAL D 646 1.49 -28.24 -32.52
CA VAL D 646 0.36 -29.01 -32.97
C VAL D 646 -0.22 -28.39 -34.25
N ASP D 647 -0.25 -27.07 -34.33
CA ASP D 647 -0.88 -26.35 -35.47
C ASP D 647 0.08 -25.22 -35.95
N PRO D 648 1.24 -25.62 -36.45
CA PRO D 648 2.27 -24.65 -36.84
C PRO D 648 1.82 -23.61 -37.87
N THR D 649 0.93 -23.93 -38.79
CA THR D 649 0.46 -22.91 -39.76
C THR D 649 -0.92 -22.31 -39.42
N ASN D 650 -1.41 -22.58 -38.21
CA ASN D 650 -2.64 -21.97 -37.75
C ASN D 650 -3.80 -22.33 -38.62
N ILE D 651 -3.86 -23.57 -39.02
CA ILE D 651 -5.07 -24.09 -39.63
C ILE D 651 -6.36 -23.90 -38.75
N PHE D 652 -6.23 -24.21 -37.46
CA PHE D 652 -7.30 -23.99 -36.47
C PHE D 652 -7.30 -22.54 -36.05
N GLY D 653 -7.77 -21.70 -36.97
CA GLY D 653 -7.48 -20.26 -36.95
C GLY D 653 -8.57 -19.39 -36.41
N ASN D 654 -9.40 -19.91 -35.46
CA ASN D 654 -10.44 -19.08 -34.84
C ASN D 654 -9.87 -17.97 -33.98
N ARG D 655 -8.58 -18.08 -33.62
CA ARG D 655 -7.84 -17.09 -32.83
C ARG D 655 -8.36 -16.93 -31.41
N ASN D 656 -9.05 -17.94 -30.91
CA ASN D 656 -9.51 -17.84 -29.47
C ASN D 656 -8.31 -17.90 -28.53
N LEU D 657 -8.43 -17.32 -27.34
CA LEU D 657 -7.36 -17.52 -26.27
C LEU D 657 -6.08 -16.74 -26.48
N LEU D 658 -5.38 -17.02 -27.56
CA LEU D 658 -4.01 -16.50 -27.75
C LEU D 658 -3.95 -15.43 -28.83
#